data_6QUZ
#
_entry.id   6QUZ
#
_cell.length_a   165.340
_cell.length_b   77.110
_cell.length_c   207.010
_cell.angle_alpha   90.000
_cell.angle_beta   112.490
_cell.angle_gamma   90.000
#
_symmetry.space_group_name_H-M   'P 1 21 1'
#
loop_
_entity.id
_entity.type
_entity.pdbx_description
1 polymer 'ABC transporter, ATP-binding protein'
2 polymer 'Uncharacterized ABC transporter ATP-binding protein TM_0288'
3 polymer Sb_TM35
4 non-polymer 'PHOSPHOTHIOPHOSPHORIC ACID-ADENYLATE ESTER'
5 non-polymer 'MAGNESIUM ION'
#
loop_
_entity_poly.entity_id
_entity_poly.type
_entity_poly.pdbx_seq_one_letter_code
_entity_poly.pdbx_strand_id
1 'polypeptide(L)'
;GPSGSGGGGGSKTLARYLKPYWIFAVLAPLFMVVEVICDLSQPTLLARIVDEGIARGDFSLVLKTGILMLIVALIGAVGG
IGCTVFASYASQNFGADLRRDLFRKVLSFSISNVNRFHTSSLITRLTNDVTQLQNLVMMLLRIVVRAPLLFVGGIVMAVS
INVKLSSVLIFLIPPIVLLFVWLTKKGNPLFRKIQESTDEVNRVVRENLLGVRVVRAFRREEYENENFRKANESLRRSII
SAFSLIVFALPLFIFIVNMGMIAVLWFGGVLVRNNQMEIGSIMAYTNYLMQIMFSLMMIGNILNFIVRASASAKRVLEVL
NEKPAIEEADNALALPNVEGSVSFENVEFRYFENTDPVLSGVNFSVKPGSLVAVLGETGSGKSTLMNLIPRLIDPERGRV
EVDELDVRTVKLKDLRGHISAVPQETVLFSGTIKENLKWGREDATDDEIVEAAKIAQIHDFIISLPEGYDSRVERGGRNF
SGGQKQRLSIARALVKKPKVLILDDCTSSVDPITEKRILDGLKRYTKGCTTFIITQKIPTALLADKILVLHEGKVAGFGT
HKELLEHCKPYREIYESQFGNGVMNDA
;
A,C
2 'polypeptide(L)'
;MPEIRRRPHGPILEKPALKNPTATLRRLLGYLRPHTFTLIMVFVFVTVSSILGVLSPYLIGKTIDVVFVPRRFDLLPRYM
LILGTIYALTSLLFWLQGKIMLTLSQDVVFRLRKELFEKLQRVPVGFFDRTPHGDIISRVINDVDNINNVLGNSIIQFFS
GIVTLAGAVIMMFRVNVILSLVTLSIVPLTVLITQIVSSQTRKYFYENQRVLGQLNGIIEEDISGLTVIKLFTREEKEME
KFDRVNESLRKVGTKAQIFSGVLPPLMNMVNNLGFALISGFGGWLALKDIITVGTIATFIGYSRQFTRPLNELSNQFNMI
QMALASAERIFEILDLEEEKDDPDAVELREVRGEIEFKNVWFSYDKKKPVLKDITFHIKPGQKVALVGPTGSGKTTIVNL
LMRFYDVDRGQILVDGIDIRKIKRSSLRSSIGIVLQDTILFSTTVKENLKYGNPGATDEEIKEAAKLTHSDHFIKHLPEG
YETVLTDNGEDLSQGQRQLLAITRAFLANPKILILDAATSNVDTKTEKSIQAAMWKLMEGKTSIIIAHRLNTIKNADLII
VLRDGEIVEMGKHDELIQKRGFYYELFTSQYGLVVEKEA
;
B,D
3 'polypeptide(L)'
;GPSQVQLVESGGGSVQAGGSLRLSCAASGNIHHISYLGWFRQAPGKEREGVAALWTKDGNTYYADSVKGRFTVSLDNAKN
TGYLQMNSLKPEDTALYYCAAADTGSDTPLWDWVYWYWGQGTQVTVSA
;
E,F
#
# COMPACT_ATOMS: atom_id res chain seq x y z
N LYS A 12 -13.00 14.26 -3.86
CA LYS A 12 -11.76 14.98 -4.16
C LYS A 12 -11.69 15.47 -5.62
N THR A 13 -12.16 14.63 -6.57
CA THR A 13 -12.19 14.95 -8.01
C THR A 13 -13.22 16.05 -8.30
N LEU A 14 -14.35 16.05 -7.54
CA LEU A 14 -15.43 17.02 -7.65
C LEU A 14 -15.07 18.41 -7.08
N ALA A 15 -14.01 18.47 -6.26
CA ALA A 15 -13.54 19.72 -5.64
C ALA A 15 -12.84 20.62 -6.67
N ARG A 16 -12.26 20.00 -7.72
CA ARG A 16 -11.55 20.64 -8.83
C ARG A 16 -12.48 21.57 -9.64
N TYR A 17 -13.79 21.28 -9.65
CA TYR A 17 -14.83 22.03 -10.35
C TYR A 17 -15.05 23.44 -9.77
N LEU A 18 -14.61 23.67 -8.51
CA LEU A 18 -14.71 24.95 -7.81
C LEU A 18 -13.42 25.78 -7.95
N LYS A 19 -12.28 25.12 -8.26
CA LYS A 19 -10.95 25.72 -8.44
C LYS A 19 -10.93 26.94 -9.40
N PRO A 20 -11.58 26.95 -10.60
CA PRO A 20 -11.51 28.17 -11.43
C PRO A 20 -12.29 29.37 -10.90
N TYR A 21 -13.15 29.15 -9.88
CA TYR A 21 -13.98 30.18 -9.24
C TYR A 21 -13.56 30.34 -7.77
N TRP A 22 -12.25 30.22 -7.48
CA TRP A 22 -11.68 30.29 -6.14
C TRP A 22 -11.73 31.69 -5.51
N ILE A 23 -11.70 32.77 -6.33
CA ILE A 23 -11.76 34.16 -5.86
C ILE A 23 -13.12 34.42 -5.18
N PHE A 24 -14.23 34.03 -5.85
CA PHE A 24 -15.58 34.14 -5.31
C PHE A 24 -15.79 33.14 -4.16
N ALA A 25 -15.05 32.01 -4.20
CA ALA A 25 -15.11 30.96 -3.17
C ALA A 25 -14.46 31.39 -1.85
N VAL A 26 -13.48 32.32 -1.89
CA VAL A 26 -12.82 32.82 -0.68
C VAL A 26 -13.46 34.12 -0.20
N LEU A 27 -14.06 34.90 -1.12
CA LEU A 27 -14.74 36.17 -0.79
C LEU A 27 -16.07 35.96 -0.07
N ALA A 28 -16.87 34.94 -0.51
CA ALA A 28 -18.17 34.62 0.08
C ALA A 28 -18.10 34.37 1.61
N PRO A 29 -17.20 33.49 2.16
CA PRO A 29 -17.15 33.33 3.62
C PRO A 29 -16.52 34.53 4.35
N LEU A 30 -15.68 35.30 3.63
CA LEU A 30 -15.01 36.51 4.12
C LEU A 30 -16.04 37.61 4.32
N PHE A 31 -17.03 37.71 3.41
CA PHE A 31 -18.13 38.68 3.49
C PHE A 31 -19.11 38.32 4.60
N MET A 32 -19.17 37.01 4.98
CA MET A 32 -20.00 36.52 6.07
C MET A 32 -19.43 37.02 7.41
N VAL A 33 -18.08 37.03 7.52
CA VAL A 33 -17.32 37.52 8.68
C VAL A 33 -17.65 39.02 8.90
N VAL A 34 -17.65 39.80 7.79
CA VAL A 34 -17.96 41.23 7.76
C VAL A 34 -19.38 41.47 8.29
N GLU A 35 -20.36 40.62 7.88
CA GLU A 35 -21.75 40.69 8.34
C GLU A 35 -21.82 40.36 9.84
N VAL A 36 -21.20 39.22 10.25
CA VAL A 36 -21.18 38.71 11.63
C VAL A 36 -20.56 39.71 12.64
N ILE A 37 -19.38 40.31 12.32
CA ILE A 37 -18.75 41.30 13.21
C ILE A 37 -19.67 42.52 13.41
N CYS A 38 -20.48 42.87 12.38
CA CYS A 38 -21.44 43.96 12.42
C CYS A 38 -22.69 43.60 13.21
N ASP A 39 -23.16 42.33 13.10
CA ASP A 39 -24.33 41.83 13.82
C ASP A 39 -24.05 41.67 15.32
N LEU A 40 -22.80 41.31 15.67
CA LEU A 40 -22.38 41.14 17.07
C LEU A 40 -22.15 42.48 17.76
N SER A 41 -21.90 43.55 16.97
CA SER A 41 -21.70 44.92 17.45
C SER A 41 -23.05 45.66 17.67
N GLN A 42 -24.16 45.10 17.15
CA GLN A 42 -25.52 45.64 17.25
C GLN A 42 -25.96 45.92 18.72
N PRO A 43 -25.87 44.98 19.69
CA PRO A 43 -26.32 45.32 21.06
C PRO A 43 -25.43 46.34 21.79
N THR A 44 -24.11 46.32 21.53
CA THR A 44 -23.12 47.22 22.14
C THR A 44 -23.29 48.66 21.64
N LEU A 45 -23.61 48.83 20.34
CA LEU A 45 -23.83 50.15 19.75
C LEU A 45 -25.19 50.73 20.12
N LEU A 46 -26.22 49.87 20.31
CA LEU A 46 -27.55 50.28 20.73
C LEU A 46 -27.54 50.65 22.24
N ALA A 47 -26.57 50.10 22.99
CA ALA A 47 -26.39 50.39 24.41
C ALA A 47 -25.76 51.78 24.58
N ARG A 48 -24.79 52.12 23.71
CA ARG A 48 -24.08 53.41 23.71
C ARG A 48 -24.99 54.59 23.32
N ILE A 49 -26.06 54.34 22.54
CA ILE A 49 -26.99 55.40 22.12
C ILE A 49 -28.03 55.71 23.21
N VAL A 50 -28.42 54.70 24.03
CA VAL A 50 -29.42 54.86 25.08
C VAL A 50 -28.77 55.13 26.45
N ASP A 51 -27.88 54.23 26.91
CA ASP A 51 -27.20 54.32 28.21
C ASP A 51 -26.14 55.43 28.30
N GLU A 52 -25.65 55.94 27.16
CA GLU A 52 -24.65 57.00 27.12
C GLU A 52 -25.11 58.27 26.39
N GLY A 53 -25.95 58.11 25.37
CA GLY A 53 -26.47 59.22 24.58
C GLY A 53 -27.72 59.84 25.16
N ILE A 54 -28.79 59.02 25.28
CA ILE A 54 -30.10 59.43 25.82
C ILE A 54 -30.00 59.68 27.33
N ALA A 55 -29.40 58.74 28.09
CA ALA A 55 -29.24 58.80 29.55
C ALA A 55 -28.51 60.05 30.05
N ARG A 56 -27.42 60.46 29.35
CA ARG A 56 -26.64 61.65 29.69
C ARG A 56 -27.31 62.94 29.18
N GLY A 57 -28.20 62.79 28.21
CA GLY A 57 -28.95 63.89 27.60
C GLY A 57 -28.25 64.64 26.48
N ASP A 58 -26.94 64.37 26.25
CA ASP A 58 -26.17 65.05 25.21
C ASP A 58 -26.56 64.57 23.80
N PHE A 59 -27.24 65.45 23.06
CA PHE A 59 -27.73 65.24 21.69
C PHE A 59 -26.57 65.07 20.69
N SER A 60 -25.36 65.59 21.04
CA SER A 60 -24.16 65.48 20.23
C SER A 60 -23.65 64.04 20.16
N LEU A 61 -23.91 63.23 21.21
CA LEU A 61 -23.53 61.82 21.28
C LEU A 61 -24.63 60.91 20.71
N VAL A 62 -25.89 61.38 20.75
CA VAL A 62 -27.05 60.65 20.20
C VAL A 62 -26.85 60.44 18.69
N LEU A 63 -26.47 61.51 17.96
CA LEU A 63 -26.21 61.45 16.52
C LEU A 63 -24.88 60.81 16.18
N LYS A 64 -23.86 60.99 17.04
CA LYS A 64 -22.51 60.42 16.91
C LYS A 64 -22.58 58.88 16.89
N THR A 65 -23.41 58.31 17.78
CA THR A 65 -23.64 56.86 17.87
C THR A 65 -24.69 56.44 16.82
N GLY A 66 -25.67 57.33 16.59
CA GLY A 66 -26.74 57.15 15.62
C GLY A 66 -26.27 56.93 14.20
N ILE A 67 -25.30 57.76 13.75
CA ILE A 67 -24.71 57.65 12.43
C ILE A 67 -23.82 56.41 12.33
N LEU A 68 -23.10 56.09 13.43
CA LEU A 68 -22.19 54.93 13.53
C LEU A 68 -22.96 53.62 13.47
N MET A 69 -24.12 53.53 14.14
CA MET A 69 -24.97 52.35 14.14
C MET A 69 -25.56 52.07 12.76
N LEU A 70 -25.94 53.13 12.03
CA LEU A 70 -26.49 53.01 10.68
C LEU A 70 -25.43 52.65 9.65
N ILE A 71 -24.16 53.10 9.87
CA ILE A 71 -23.01 52.81 9.01
C ILE A 71 -22.56 51.35 9.20
N VAL A 72 -22.50 50.86 10.47
CA VAL A 72 -22.13 49.46 10.74
C VAL A 72 -23.21 48.51 10.21
N ALA A 73 -24.49 48.93 10.26
CA ALA A 73 -25.62 48.16 9.72
C ALA A 73 -25.56 48.11 8.19
N LEU A 74 -25.08 49.22 7.57
CA LEU A 74 -24.91 49.36 6.12
C LEU A 74 -23.80 48.44 5.65
N ILE A 75 -22.66 48.41 6.38
CA ILE A 75 -21.50 47.54 6.11
C ILE A 75 -21.92 46.07 6.28
N GLY A 76 -22.76 45.81 7.29
CA GLY A 76 -23.32 44.49 7.57
C GLY A 76 -24.24 44.03 6.46
N ALA A 77 -25.04 44.98 5.89
CA ALA A 77 -25.96 44.72 4.79
C ALA A 77 -25.19 44.43 3.49
N VAL A 78 -24.13 45.24 3.20
CA VAL A 78 -23.24 45.11 2.04
C VAL A 78 -22.49 43.76 2.12
N GLY A 79 -22.05 43.41 3.32
CA GLY A 79 -21.37 42.16 3.62
C GLY A 79 -22.28 40.95 3.51
N GLY A 80 -23.54 41.14 3.93
CA GLY A 80 -24.58 40.12 3.88
C GLY A 80 -25.02 39.78 2.47
N ILE A 81 -25.28 40.84 1.65
CA ILE A 81 -25.68 40.69 0.24
C ILE A 81 -24.51 40.17 -0.60
N GLY A 82 -23.29 40.61 -0.25
CA GLY A 82 -22.04 40.21 -0.89
C GLY A 82 -21.78 38.73 -0.75
N CYS A 83 -21.92 38.22 0.49
CA CYS A 83 -21.80 36.79 0.82
C CYS A 83 -22.78 35.98 -0.02
N THR A 84 -24.05 36.45 -0.12
CA THR A 84 -25.12 35.82 -0.89
C THR A 84 -24.80 35.82 -2.39
N VAL A 85 -24.27 36.94 -2.91
CA VAL A 85 -23.89 37.11 -4.33
C VAL A 85 -22.70 36.20 -4.71
N PHE A 86 -21.59 36.29 -3.95
CA PHE A 86 -20.38 35.50 -4.21
C PHE A 86 -20.57 33.99 -4.04
N ALA A 87 -21.42 33.56 -3.07
CA ALA A 87 -21.71 32.14 -2.84
C ALA A 87 -22.57 31.58 -3.97
N SER A 88 -23.54 32.39 -4.46
CA SER A 88 -24.43 32.02 -5.57
C SER A 88 -23.68 31.82 -6.87
N TYR A 89 -22.64 32.66 -7.14
CA TYR A 89 -21.81 32.57 -8.34
C TYR A 89 -21.07 31.22 -8.36
N ALA A 90 -20.08 31.06 -7.46
CA ALA A 90 -19.20 29.90 -7.33
C ALA A 90 -19.92 28.55 -7.23
N SER A 91 -21.08 28.49 -6.53
CA SER A 91 -21.86 27.25 -6.39
C SER A 91 -22.56 26.86 -7.70
N GLN A 92 -23.20 27.83 -8.37
CA GLN A 92 -23.91 27.63 -9.63
C GLN A 92 -22.93 27.33 -10.77
N ASN A 93 -21.75 27.96 -10.72
CA ASN A 93 -20.67 27.77 -11.69
C ASN A 93 -19.98 26.42 -11.53
N PHE A 94 -19.97 25.88 -10.29
CA PHE A 94 -19.46 24.56 -9.96
C PHE A 94 -20.34 23.52 -10.68
N GLY A 95 -21.65 23.65 -10.47
CA GLY A 95 -22.69 22.79 -11.01
C GLY A 95 -22.76 22.80 -12.52
N ALA A 96 -22.78 24.00 -13.13
CA ALA A 96 -22.83 24.20 -14.59
C ALA A 96 -21.64 23.52 -15.30
N ASP A 97 -20.44 23.61 -14.69
CA ASP A 97 -19.20 23.00 -15.19
C ASP A 97 -19.22 21.48 -15.04
N LEU A 98 -19.81 20.98 -13.94
CA LEU A 98 -19.94 19.55 -13.68
C LEU A 98 -21.01 18.91 -14.60
N ARG A 99 -22.16 19.61 -14.80
CA ARG A 99 -23.25 19.17 -15.68
C ARG A 99 -22.78 19.01 -17.12
N ARG A 100 -21.90 19.93 -17.59
CA ARG A 100 -21.39 19.86 -18.95
C ARG A 100 -20.33 18.76 -19.08
N ASP A 101 -19.47 18.57 -18.06
CA ASP A 101 -18.45 17.52 -18.11
C ASP A 101 -19.05 16.12 -18.01
N LEU A 102 -20.23 16.01 -17.37
CA LEU A 102 -20.97 14.75 -17.26
C LEU A 102 -21.63 14.41 -18.60
N PHE A 103 -22.25 15.42 -19.25
CA PHE A 103 -22.90 15.28 -20.56
C PHE A 103 -21.87 14.98 -21.64
N ARG A 104 -20.64 15.52 -21.50
CA ARG A 104 -19.53 15.28 -22.42
C ARG A 104 -19.14 13.81 -22.33
N LYS A 105 -19.09 13.26 -21.09
CA LYS A 105 -18.80 11.85 -20.82
C LYS A 105 -19.94 10.97 -21.34
N VAL A 106 -21.19 11.41 -21.14
CA VAL A 106 -22.40 10.72 -21.62
C VAL A 106 -22.41 10.62 -23.14
N LEU A 107 -21.93 11.67 -23.84
CA LEU A 107 -21.84 11.68 -25.30
C LEU A 107 -20.76 10.73 -25.81
N SER A 108 -19.70 10.49 -25.01
CA SER A 108 -18.61 9.60 -25.37
C SER A 108 -18.98 8.11 -25.20
N PHE A 109 -20.03 7.82 -24.39
CA PHE A 109 -20.52 6.47 -24.11
C PHE A 109 -21.02 5.72 -25.33
N SER A 110 -20.96 4.38 -25.26
CA SER A 110 -21.52 3.44 -26.23
C SER A 110 -22.85 2.99 -25.63
N ILE A 111 -23.65 2.18 -26.36
CA ILE A 111 -24.96 1.75 -25.84
C ILE A 111 -24.81 0.84 -24.60
N SER A 112 -23.73 0.02 -24.53
CA SER A 112 -23.44 -0.88 -23.41
C SER A 112 -23.16 -0.11 -22.12
N ASN A 113 -22.60 1.12 -22.24
CA ASN A 113 -22.31 2.01 -21.12
C ASN A 113 -23.61 2.64 -20.64
N VAL A 114 -24.50 3.00 -21.59
CA VAL A 114 -25.82 3.59 -21.33
C VAL A 114 -26.78 2.51 -20.78
N ASN A 115 -26.51 1.23 -21.07
CA ASN A 115 -27.32 0.13 -20.55
C ASN A 115 -27.02 -0.19 -19.08
N ARG A 116 -25.76 0.08 -18.63
CA ARG A 116 -25.35 -0.12 -17.23
C ARG A 116 -26.04 0.94 -16.38
N PHE A 117 -25.78 2.23 -16.64
CA PHE A 117 -26.47 3.33 -15.96
C PHE A 117 -27.68 3.60 -16.81
N HIS A 118 -28.83 3.00 -16.47
CA HIS A 118 -30.10 3.14 -17.18
C HIS A 118 -30.35 4.58 -17.64
N THR A 119 -30.86 4.75 -18.87
CA THR A 119 -31.12 6.08 -19.46
C THR A 119 -31.83 7.03 -18.48
N SER A 120 -32.85 6.51 -17.75
CA SER A 120 -33.63 7.23 -16.73
C SER A 120 -32.76 7.66 -15.54
N SER A 121 -31.77 6.83 -15.14
CA SER A 121 -30.85 7.10 -14.04
C SER A 121 -29.85 8.20 -14.42
N LEU A 122 -29.36 8.19 -15.68
CA LEU A 122 -28.43 9.19 -16.22
C LEU A 122 -29.02 10.60 -16.23
N ILE A 123 -30.36 10.71 -16.39
CA ILE A 123 -31.09 11.97 -16.36
C ILE A 123 -30.95 12.56 -14.94
N THR A 124 -31.23 11.73 -13.91
CA THR A 124 -31.13 12.09 -12.48
C THR A 124 -29.68 12.47 -12.14
N ARG A 125 -28.71 11.64 -12.57
CA ARG A 125 -27.27 11.84 -12.32
C ARG A 125 -26.73 13.16 -12.87
N LEU A 126 -27.25 13.58 -14.04
CA LEU A 126 -26.84 14.81 -14.73
C LEU A 126 -27.57 16.08 -14.25
N THR A 127 -28.67 15.92 -13.49
CA THR A 127 -29.44 17.07 -12.99
C THR A 127 -29.56 17.08 -11.46
N ASN A 128 -30.43 16.21 -10.90
CA ASN A 128 -30.73 16.08 -9.48
C ASN A 128 -29.53 15.78 -8.59
N ASP A 129 -28.60 14.94 -9.06
CA ASP A 129 -27.39 14.58 -8.31
C ASP A 129 -26.39 15.73 -8.27
N VAL A 130 -26.30 16.51 -9.35
CA VAL A 130 -25.41 17.68 -9.45
C VAL A 130 -25.98 18.77 -8.54
N THR A 131 -27.33 18.93 -8.53
CA THR A 131 -28.07 19.88 -7.71
C THR A 131 -27.75 19.70 -6.22
N GLN A 132 -27.66 18.44 -5.75
CA GLN A 132 -27.34 18.10 -4.36
C GLN A 132 -25.92 18.53 -3.99
N LEU A 133 -24.97 18.36 -4.92
CA LEU A 133 -23.57 18.72 -4.72
C LEU A 133 -23.38 20.24 -4.79
N GLN A 134 -24.14 20.89 -5.69
CA GLN A 134 -24.18 22.34 -5.92
C GLN A 134 -24.72 23.06 -4.68
N ASN A 135 -25.74 22.47 -4.01
CA ASN A 135 -26.37 22.99 -2.80
C ASN A 135 -25.43 22.86 -1.61
N LEU A 136 -24.63 21.77 -1.58
CA LEU A 136 -23.65 21.49 -0.54
C LEU A 136 -22.56 22.57 -0.58
N VAL A 137 -22.06 22.91 -1.79
CA VAL A 137 -21.04 23.94 -2.01
C VAL A 137 -21.62 25.32 -1.58
N MET A 138 -22.90 25.59 -1.88
CA MET A 138 -23.61 26.82 -1.52
C MET A 138 -23.67 26.98 0.00
N MET A 139 -24.11 25.92 0.72
CA MET A 139 -24.20 25.91 2.18
C MET A 139 -22.84 26.03 2.84
N LEU A 140 -21.82 25.38 2.25
CA LEU A 140 -20.44 25.43 2.73
C LEU A 140 -19.93 26.86 2.67
N LEU A 141 -19.79 27.44 1.45
CA LEU A 141 -19.30 28.80 1.18
C LEU A 141 -19.83 29.88 2.14
N ARG A 142 -21.06 29.74 2.65
CA ARG A 142 -21.67 30.68 3.59
C ARG A 142 -21.16 30.50 5.03
N ILE A 143 -21.32 29.28 5.59
CA ILE A 143 -20.96 28.98 6.99
C ILE A 143 -19.72 28.05 7.14
N VAL A 144 -18.75 28.13 6.19
CA VAL A 144 -17.53 27.32 6.24
C VAL A 144 -16.55 27.89 7.29
N VAL A 145 -16.62 29.22 7.52
CA VAL A 145 -15.79 29.92 8.49
C VAL A 145 -16.65 30.50 9.64
N ARG A 146 -17.95 30.78 9.38
CA ARG A 146 -18.88 31.32 10.39
C ARG A 146 -19.14 30.33 11.52
N ALA A 147 -19.42 29.07 11.19
CA ALA A 147 -19.67 28.00 12.17
C ALA A 147 -18.44 27.69 13.06
N PRO A 148 -17.19 27.45 12.54
CA PRO A 148 -16.07 27.17 13.45
C PRO A 148 -15.58 28.39 14.25
N LEU A 149 -15.57 29.61 13.66
CA LEU A 149 -15.12 30.84 14.34
C LEU A 149 -16.03 31.25 15.49
N LEU A 150 -17.35 31.07 15.35
CA LEU A 150 -18.31 31.37 16.42
C LEU A 150 -18.21 30.32 17.53
N PHE A 151 -17.81 29.09 17.16
CA PHE A 151 -17.63 27.96 18.06
C PHE A 151 -16.33 28.12 18.86
N VAL A 152 -15.24 28.54 18.19
CA VAL A 152 -13.93 28.78 18.81
C VAL A 152 -14.00 30.08 19.64
N GLY A 153 -14.59 31.13 19.06
CA GLY A 153 -14.78 32.43 19.72
C GLY A 153 -15.69 32.34 20.93
N GLY A 154 -16.66 31.44 20.86
CA GLY A 154 -17.61 31.17 21.94
C GLY A 154 -16.96 30.49 23.12
N ILE A 155 -16.18 29.41 22.86
CA ILE A 155 -15.48 28.65 23.92
C ILE A 155 -14.37 29.50 24.56
N VAL A 156 -13.75 30.42 23.77
CA VAL A 156 -12.71 31.35 24.24
C VAL A 156 -13.34 32.31 25.29
N MET A 157 -14.58 32.78 25.03
CA MET A 157 -15.33 33.64 25.94
C MET A 157 -15.81 32.88 27.18
N ALA A 158 -16.05 31.56 27.04
CA ALA A 158 -16.48 30.70 28.15
C ALA A 158 -15.29 30.40 29.08
N VAL A 159 -14.09 30.19 28.51
CA VAL A 159 -12.85 29.94 29.24
C VAL A 159 -12.42 31.20 30.01
N SER A 160 -12.55 32.39 29.37
CA SER A 160 -12.20 33.69 29.96
C SER A 160 -12.98 33.99 31.24
N ILE A 161 -14.28 33.58 31.29
CA ILE A 161 -15.15 33.74 32.45
C ILE A 161 -14.74 32.72 33.53
N ASN A 162 -14.80 31.41 33.20
CA ASN A 162 -14.43 30.33 34.12
C ASN A 162 -13.90 29.10 33.36
N VAL A 163 -12.66 28.69 33.70
CA VAL A 163 -11.97 27.54 33.11
C VAL A 163 -12.53 26.22 33.67
N LYS A 164 -12.77 26.17 35.00
CA LYS A 164 -13.30 25.01 35.72
C LYS A 164 -14.72 24.64 35.26
N LEU A 165 -15.55 25.66 34.95
CA LEU A 165 -16.92 25.45 34.46
C LEU A 165 -16.93 25.06 32.98
N SER A 166 -15.83 25.36 32.25
CA SER A 166 -15.67 25.02 30.84
C SER A 166 -15.35 23.52 30.64
N SER A 167 -15.16 22.77 31.76
CA SER A 167 -14.84 21.34 31.76
C SER A 167 -16.04 20.45 31.38
N VAL A 168 -17.27 20.83 31.82
CA VAL A 168 -18.53 20.10 31.54
C VAL A 168 -18.92 20.18 30.05
N LEU A 169 -18.41 21.22 29.34
CA LEU A 169 -18.62 21.47 27.91
C LEU A 169 -17.93 20.38 27.09
N ILE A 170 -16.80 19.86 27.62
CA ILE A 170 -16.00 18.79 27.02
C ILE A 170 -16.69 17.44 27.34
N PHE A 171 -17.32 17.32 28.52
CA PHE A 171 -18.04 16.13 28.98
C PHE A 171 -19.31 15.79 28.17
N LEU A 172 -19.90 16.80 27.48
CA LEU A 172 -21.11 16.60 26.68
C LEU A 172 -20.81 16.32 25.19
N ILE A 173 -19.53 16.30 24.77
CA ILE A 173 -19.11 16.02 23.40
C ILE A 173 -19.34 14.50 23.04
N PRO A 174 -19.04 13.50 23.91
CA PRO A 174 -19.28 12.09 23.53
C PRO A 174 -20.71 11.77 23.00
N PRO A 175 -21.86 12.17 23.63
CA PRO A 175 -23.16 11.85 23.00
C PRO A 175 -23.40 12.61 21.69
N ILE A 176 -22.81 13.82 21.55
CA ILE A 176 -22.91 14.65 20.34
C ILE A 176 -22.18 13.97 19.18
N VAL A 177 -20.90 13.59 19.39
CA VAL A 177 -20.08 12.93 18.37
C VAL A 177 -20.69 11.57 17.94
N LEU A 178 -21.24 10.80 18.89
CA LEU A 178 -21.89 9.51 18.64
C LEU A 178 -23.17 9.68 17.82
N LEU A 179 -23.88 10.82 18.00
CA LEU A 179 -25.12 11.11 17.29
C LEU A 179 -24.91 11.47 15.81
N PHE A 180 -23.92 12.34 15.48
CA PHE A 180 -23.70 12.67 14.06
C PHE A 180 -22.95 11.56 13.31
N VAL A 181 -22.31 10.62 14.03
CA VAL A 181 -21.64 9.45 13.45
C VAL A 181 -22.74 8.46 13.01
N TRP A 182 -23.78 8.31 13.87
CA TRP A 182 -24.98 7.50 13.64
C TRP A 182 -25.76 8.03 12.43
N LEU A 183 -25.80 9.37 12.26
CA LEU A 183 -26.46 10.04 11.14
C LEU A 183 -25.64 9.83 9.84
N THR A 184 -24.33 9.57 9.96
CA THR A 184 -23.43 9.34 8.82
C THR A 184 -23.56 7.91 8.30
N LYS A 185 -23.44 6.92 9.20
CA LYS A 185 -23.52 5.48 8.88
C LYS A 185 -24.89 5.06 8.36
N LYS A 186 -25.97 5.42 9.08
CA LYS A 186 -27.34 5.08 8.70
C LYS A 186 -27.89 5.95 7.57
N GLY A 187 -27.55 7.23 7.59
CA GLY A 187 -28.00 8.24 6.62
C GLY A 187 -27.67 7.99 5.16
N ASN A 188 -26.37 8.04 4.82
CA ASN A 188 -25.82 7.88 3.46
C ASN A 188 -26.54 6.81 2.57
N PRO A 189 -26.73 5.52 2.97
CA PRO A 189 -27.42 4.58 2.05
C PRO A 189 -28.90 4.89 1.82
N LEU A 190 -29.56 5.54 2.80
CA LEU A 190 -30.98 5.91 2.72
C LEU A 190 -31.23 7.07 1.74
N PHE A 191 -30.27 8.00 1.59
CA PHE A 191 -30.37 9.12 0.65
C PHE A 191 -30.10 8.62 -0.77
N ARG A 192 -29.27 7.57 -0.90
CA ARG A 192 -28.93 6.91 -2.16
C ARG A 192 -30.19 6.24 -2.71
N LYS A 193 -31.00 5.63 -1.81
CA LYS A 193 -32.26 4.96 -2.16
C LYS A 193 -33.34 5.94 -2.65
N ILE A 194 -33.24 7.24 -2.28
CA ILE A 194 -34.16 8.28 -2.75
C ILE A 194 -33.78 8.55 -4.22
N GLN A 195 -32.46 8.75 -4.47
CA GLN A 195 -31.91 8.99 -5.80
C GLN A 195 -32.12 7.78 -6.70
N GLU A 196 -32.18 6.57 -6.12
CA GLU A 196 -32.44 5.34 -6.86
C GLU A 196 -33.92 5.20 -7.17
N SER A 197 -34.80 5.72 -6.28
CA SER A 197 -36.26 5.70 -6.45
C SER A 197 -36.72 6.74 -7.47
N THR A 198 -35.95 7.84 -7.64
CA THR A 198 -36.23 8.88 -8.63
C THR A 198 -35.91 8.35 -10.03
N ASP A 199 -34.94 7.43 -10.12
CA ASP A 199 -34.54 6.77 -11.37
C ASP A 199 -35.68 5.89 -11.85
N GLU A 200 -36.43 5.28 -10.92
CA GLU A 200 -37.56 4.41 -11.22
C GLU A 200 -38.79 5.19 -11.65
N VAL A 201 -39.06 6.36 -11.01
CA VAL A 201 -40.21 7.20 -11.40
C VAL A 201 -39.94 7.83 -12.78
N ASN A 202 -38.65 8.06 -13.10
CA ASN A 202 -38.19 8.55 -14.40
C ASN A 202 -38.46 7.47 -15.44
N ARG A 203 -38.10 6.21 -15.12
CA ARG A 203 -38.26 5.02 -15.96
C ARG A 203 -39.73 4.77 -16.34
N VAL A 204 -40.65 4.94 -15.37
CA VAL A 204 -42.09 4.73 -15.59
C VAL A 204 -42.66 5.83 -16.50
N VAL A 205 -42.40 7.11 -16.18
CA VAL A 205 -42.90 8.23 -16.98
C VAL A 205 -42.27 8.24 -18.38
N ARG A 206 -40.96 7.88 -18.51
CA ARG A 206 -40.22 7.83 -19.78
C ARG A 206 -40.80 6.80 -20.76
N GLU A 207 -41.00 5.54 -20.29
CA GLU A 207 -41.56 4.45 -21.09
C GLU A 207 -42.99 4.75 -21.51
N ASN A 208 -43.75 5.45 -20.63
CA ASN A 208 -45.12 5.88 -20.89
C ASN A 208 -45.18 6.97 -21.97
N LEU A 209 -44.28 7.97 -21.89
CA LEU A 209 -44.17 9.07 -22.86
C LEU A 209 -43.74 8.48 -24.22
N LEU A 210 -42.64 7.71 -24.24
CA LEU A 210 -42.10 7.06 -25.42
C LEU A 210 -42.81 5.73 -25.65
N GLY A 211 -44.04 5.82 -26.13
CA GLY A 211 -44.90 4.67 -26.41
C GLY A 211 -46.25 4.77 -25.74
N VAL A 212 -46.89 5.94 -25.84
CA VAL A 212 -48.21 6.20 -25.27
C VAL A 212 -49.29 5.52 -26.13
N ARG A 213 -49.07 5.45 -27.45
CA ARG A 213 -49.97 4.84 -28.44
C ARG A 213 -50.24 3.37 -28.16
N VAL A 214 -49.20 2.63 -27.71
CA VAL A 214 -49.27 1.20 -27.36
C VAL A 214 -50.12 1.02 -26.08
N VAL A 215 -49.93 1.90 -25.08
CA VAL A 215 -50.67 1.90 -23.81
C VAL A 215 -52.17 2.08 -24.10
N ARG A 216 -52.53 3.10 -24.90
CA ARG A 216 -53.90 3.44 -25.30
C ARG A 216 -54.54 2.32 -26.13
N ALA A 217 -53.79 1.79 -27.13
CA ALA A 217 -54.23 0.73 -28.05
C ALA A 217 -54.64 -0.57 -27.36
N PHE A 218 -53.88 -0.96 -26.33
CA PHE A 218 -54.13 -2.19 -25.57
C PHE A 218 -54.89 -1.94 -24.27
N ARG A 219 -55.31 -0.66 -24.05
CA ARG A 219 -56.08 -0.16 -22.91
C ARG A 219 -55.42 -0.45 -21.55
N ARG A 220 -54.08 -0.55 -21.52
CA ARG A 220 -53.33 -0.81 -20.27
C ARG A 220 -53.01 0.49 -19.51
N GLU A 221 -53.91 1.49 -19.62
CA GLU A 221 -53.82 2.80 -18.96
C GLU A 221 -53.88 2.65 -17.45
N GLU A 222 -54.84 1.86 -16.95
CA GLU A 222 -55.03 1.59 -15.51
C GLU A 222 -53.81 0.83 -14.96
N TYR A 223 -53.21 -0.05 -15.79
CA TYR A 223 -52.04 -0.85 -15.46
C TYR A 223 -50.82 0.04 -15.28
N GLU A 224 -50.64 1.02 -16.19
CA GLU A 224 -49.54 1.98 -16.13
C GLU A 224 -49.69 2.94 -14.95
N ASN A 225 -50.95 3.29 -14.58
CA ASN A 225 -51.28 4.14 -13.43
C ASN A 225 -50.87 3.42 -12.14
N GLU A 226 -51.04 2.07 -12.12
CA GLU A 226 -50.66 1.20 -11.01
C GLU A 226 -49.14 1.02 -11.01
N ASN A 227 -48.54 0.94 -12.23
CA ASN A 227 -47.09 0.83 -12.43
C ASN A 227 -46.39 2.06 -11.85
N PHE A 228 -47.00 3.25 -12.03
CA PHE A 228 -46.46 4.51 -11.51
C PHE A 228 -46.69 4.63 -10.02
N ARG A 229 -47.91 4.31 -9.53
CA ARG A 229 -48.30 4.38 -8.12
C ARG A 229 -47.33 3.58 -7.25
N LYS A 230 -46.88 2.41 -7.75
CA LYS A 230 -45.92 1.51 -7.08
C LYS A 230 -44.54 2.18 -6.98
N ALA A 231 -44.15 2.95 -8.01
CA ALA A 231 -42.88 3.68 -8.06
C ALA A 231 -42.94 4.95 -7.22
N ASN A 232 -44.12 5.61 -7.21
CA ASN A 232 -44.42 6.84 -6.47
C ASN A 232 -44.48 6.55 -4.97
N GLU A 233 -45.11 5.42 -4.57
CA GLU A 233 -45.20 5.00 -3.17
C GLU A 233 -43.84 4.59 -2.66
N SER A 234 -43.02 3.93 -3.51
CA SER A 234 -41.66 3.50 -3.15
C SER A 234 -40.74 4.70 -2.99
N LEU A 235 -41.01 5.79 -3.75
CA LEU A 235 -40.24 7.03 -3.68
C LEU A 235 -40.49 7.78 -2.38
N ARG A 236 -41.78 7.99 -1.99
CA ARG A 236 -42.11 8.67 -0.73
C ARG A 236 -41.66 7.87 0.50
N ARG A 237 -41.68 6.52 0.39
CA ARG A 237 -41.22 5.62 1.45
C ARG A 237 -39.71 5.72 1.65
N SER A 238 -38.96 6.03 0.57
CA SER A 238 -37.51 6.24 0.60
C SER A 238 -37.19 7.59 1.24
N ILE A 239 -38.07 8.60 1.02
CA ILE A 239 -37.95 9.96 1.56
C ILE A 239 -38.25 9.98 3.06
N ILE A 240 -39.42 9.44 3.47
CA ILE A 240 -39.84 9.39 4.87
C ILE A 240 -38.87 8.58 5.73
N SER A 241 -38.23 7.53 5.17
CA SER A 241 -37.28 6.67 5.88
C SER A 241 -35.93 7.36 6.13
N ALA A 242 -35.48 8.20 5.19
CA ALA A 242 -34.21 8.91 5.31
C ALA A 242 -34.33 10.22 6.07
N PHE A 243 -35.52 10.85 6.03
CA PHE A 243 -35.73 12.13 6.71
C PHE A 243 -36.27 11.96 8.13
N SER A 244 -36.76 10.75 8.48
CA SER A 244 -37.22 10.42 9.84
C SER A 244 -36.00 10.33 10.76
N LEU A 245 -34.83 10.03 10.15
CA LEU A 245 -33.52 9.91 10.78
C LEU A 245 -33.05 11.26 11.34
N ILE A 246 -33.47 12.38 10.72
CA ILE A 246 -33.12 13.74 11.14
C ILE A 246 -34.17 14.31 12.11
N VAL A 247 -35.48 14.03 11.88
CA VAL A 247 -36.59 14.48 12.75
C VAL A 247 -36.53 13.82 14.15
N PHE A 248 -35.62 12.85 14.33
CA PHE A 248 -35.38 12.15 15.59
C PHE A 248 -34.05 12.61 16.19
N ALA A 249 -33.00 12.72 15.35
CA ALA A 249 -31.65 13.13 15.78
C ALA A 249 -31.58 14.59 16.20
N LEU A 250 -32.16 15.52 15.41
CA LEU A 250 -32.16 16.96 15.73
C LEU A 250 -32.82 17.27 17.09
N PRO A 251 -34.05 16.79 17.41
CA PRO A 251 -34.63 17.08 18.74
C PRO A 251 -33.87 16.41 19.89
N LEU A 252 -33.23 15.26 19.61
CA LEU A 252 -32.43 14.53 20.60
C LEU A 252 -31.14 15.32 20.86
N PHE A 253 -30.58 15.96 19.81
CA PHE A 253 -29.39 16.81 19.89
C PHE A 253 -29.71 18.06 20.71
N ILE A 254 -30.87 18.71 20.40
CA ILE A 254 -31.40 19.90 21.07
C ILE A 254 -31.54 19.63 22.58
N PHE A 255 -31.97 18.41 22.93
CA PHE A 255 -32.16 17.95 24.31
C PHE A 255 -30.81 17.90 25.03
N ILE A 256 -29.78 17.25 24.42
CA ILE A 256 -28.43 17.15 24.99
C ILE A 256 -27.86 18.57 25.15
N VAL A 257 -28.10 19.44 24.15
CA VAL A 257 -27.70 20.84 24.12
C VAL A 257 -28.29 21.59 25.34
N ASN A 258 -29.60 21.39 25.61
CA ASN A 258 -30.30 22.00 26.73
C ASN A 258 -29.95 21.34 28.07
N MET A 259 -29.47 20.08 28.05
CA MET A 259 -29.02 19.36 29.25
C MET A 259 -27.67 19.90 29.70
N GLY A 260 -26.96 20.54 28.79
CA GLY A 260 -25.68 21.20 29.03
C GLY A 260 -25.84 22.42 29.90
N MET A 261 -26.99 23.12 29.74
CA MET A 261 -27.38 24.31 30.51
C MET A 261 -27.59 23.93 31.99
N ILE A 262 -28.30 22.80 32.23
CA ILE A 262 -28.57 22.24 33.56
C ILE A 262 -27.25 21.81 34.23
N ALA A 263 -26.34 21.20 33.44
CA ALA A 263 -25.01 20.77 33.88
C ALA A 263 -24.16 21.98 34.29
N VAL A 264 -24.36 23.12 33.61
CA VAL A 264 -23.67 24.39 33.89
C VAL A 264 -24.23 25.00 35.19
N LEU A 265 -25.56 24.96 35.37
CA LEU A 265 -26.22 25.48 36.57
C LEU A 265 -25.91 24.62 37.79
N TRP A 266 -25.83 23.28 37.62
CA TRP A 266 -25.52 22.35 38.71
C TRP A 266 -24.06 22.49 39.17
N PHE A 267 -23.11 22.45 38.22
CA PHE A 267 -21.68 22.59 38.54
C PHE A 267 -21.32 24.02 38.96
N GLY A 268 -22.02 25.00 38.38
CA GLY A 268 -21.88 26.42 38.72
C GLY A 268 -22.36 26.70 40.13
N GLY A 269 -23.38 25.96 40.55
CA GLY A 269 -23.95 26.00 41.89
C GLY A 269 -22.94 25.50 42.91
N VAL A 270 -22.15 24.48 42.53
CA VAL A 270 -21.08 23.88 43.34
C VAL A 270 -19.91 24.90 43.44
N LEU A 271 -19.61 25.57 42.31
CA LEU A 271 -18.56 26.59 42.18
C LEU A 271 -18.82 27.81 43.07
N VAL A 272 -20.05 28.37 43.03
CA VAL A 272 -20.48 29.52 43.84
C VAL A 272 -20.50 29.15 45.34
N ARG A 273 -20.86 27.88 45.65
CA ARG A 273 -20.86 27.32 47.01
C ARG A 273 -19.43 27.20 47.56
N ASN A 274 -18.42 27.15 46.67
CA ASN A 274 -17.00 27.03 47.01
C ASN A 274 -16.18 28.29 46.62
N ASN A 275 -16.89 29.39 46.25
CA ASN A 275 -16.37 30.70 45.85
C ASN A 275 -15.36 30.64 44.68
N GLN A 276 -15.51 29.62 43.82
CA GLN A 276 -14.66 29.43 42.64
C GLN A 276 -15.20 30.23 41.45
N MET A 277 -16.47 30.70 41.55
CA MET A 277 -17.12 31.50 40.51
C MET A 277 -17.98 32.62 41.12
N GLU A 278 -18.07 33.75 40.39
CA GLU A 278 -18.84 34.94 40.79
C GLU A 278 -20.30 34.82 40.37
N ILE A 279 -21.21 35.45 41.14
CA ILE A 279 -22.65 35.47 40.89
C ILE A 279 -23.01 36.34 39.65
N GLY A 280 -22.19 37.34 39.38
CA GLY A 280 -22.35 38.22 38.23
C GLY A 280 -21.84 37.58 36.95
N SER A 281 -20.85 36.67 37.09
CA SER A 281 -20.22 35.94 35.99
C SER A 281 -21.15 34.93 35.33
N ILE A 282 -22.08 34.32 36.10
CA ILE A 282 -23.04 33.34 35.59
C ILE A 282 -24.06 33.98 34.62
N MET A 283 -24.39 35.27 34.83
CA MET A 283 -25.33 36.05 34.01
C MET A 283 -24.85 36.18 32.57
N ALA A 284 -23.53 36.34 32.36
CA ALA A 284 -22.90 36.47 31.04
C ALA A 284 -22.56 35.11 30.42
N TYR A 285 -22.14 34.12 31.25
CA TYR A 285 -21.80 32.76 30.84
C TYR A 285 -22.97 32.05 30.16
N THR A 286 -24.20 32.28 30.64
CA THR A 286 -25.45 31.72 30.11
C THR A 286 -25.67 32.10 28.63
N ASN A 287 -25.29 33.33 28.26
CA ASN A 287 -25.42 33.86 26.90
C ASN A 287 -24.39 33.24 25.93
N TYR A 288 -23.09 33.25 26.30
CA TYR A 288 -22.03 32.69 25.44
C TYR A 288 -22.05 31.16 25.36
N LEU A 289 -22.73 30.47 26.31
CA LEU A 289 -22.84 29.01 26.27
C LEU A 289 -23.80 28.57 25.16
N MET A 290 -24.91 29.32 24.98
CA MET A 290 -25.92 29.08 23.94
C MET A 290 -25.33 29.31 22.54
N GLN A 291 -24.33 30.22 22.43
CA GLN A 291 -23.60 30.55 21.20
C GLN A 291 -22.75 29.35 20.75
N ILE A 292 -22.14 28.63 21.71
CA ILE A 292 -21.33 27.43 21.47
C ILE A 292 -22.24 26.31 20.94
N MET A 293 -23.42 26.15 21.57
CA MET A 293 -24.43 25.16 21.23
C MET A 293 -25.06 25.42 19.85
N PHE A 294 -25.33 26.71 19.53
CA PHE A 294 -25.89 27.14 18.25
C PHE A 294 -24.91 26.86 17.11
N SER A 295 -23.60 27.15 17.34
CA SER A 295 -22.52 26.93 16.39
C SER A 295 -22.28 25.43 16.15
N LEU A 296 -22.47 24.60 17.20
CA LEU A 296 -22.33 23.14 17.17
C LEU A 296 -23.39 22.51 16.26
N MET A 297 -24.60 23.11 16.21
CA MET A 297 -25.72 22.69 15.37
C MET A 297 -25.40 22.94 13.88
N MET A 298 -24.62 23.99 13.59
CA MET A 298 -24.19 24.38 12.25
C MET A 298 -23.14 23.41 11.70
N ILE A 299 -22.28 22.87 12.59
CA ILE A 299 -21.25 21.87 12.23
C ILE A 299 -21.95 20.50 12.03
N GLY A 300 -23.11 20.33 12.67
CA GLY A 300 -23.95 19.15 12.55
C GLY A 300 -24.79 19.19 11.29
N ASN A 301 -25.26 20.42 10.91
CA ASN A 301 -26.07 20.67 9.73
C ASN A 301 -25.28 20.44 8.43
N ILE A 302 -23.97 20.79 8.42
CA ILE A 302 -23.10 20.56 7.25
C ILE A 302 -22.91 19.06 7.02
N LEU A 303 -22.87 18.25 8.10
CA LEU A 303 -22.76 16.79 8.08
C LEU A 303 -24.06 16.16 7.53
N ASN A 304 -25.22 16.80 7.80
CA ASN A 304 -26.55 16.39 7.31
C ASN A 304 -26.63 16.62 5.79
N PHE A 305 -25.91 17.65 5.31
CA PHE A 305 -25.81 18.00 3.90
C PHE A 305 -24.73 17.14 3.25
N ILE A 306 -23.69 16.75 4.01
CA ILE A 306 -22.59 15.91 3.55
C ILE A 306 -23.09 14.50 3.26
N VAL A 307 -23.97 13.94 4.13
CA VAL A 307 -24.53 12.59 3.96
C VAL A 307 -25.49 12.50 2.77
N ARG A 308 -26.20 13.60 2.45
CA ARG A 308 -27.12 13.68 1.32
C ARG A 308 -26.30 13.81 0.02
N ALA A 309 -25.21 14.59 0.07
CA ALA A 309 -24.30 14.85 -1.06
C ALA A 309 -23.34 13.70 -1.33
N SER A 310 -22.96 12.91 -0.31
CA SER A 310 -22.04 11.77 -0.44
C SER A 310 -22.62 10.66 -1.31
N ALA A 311 -23.97 10.50 -1.26
CA ALA A 311 -24.70 9.53 -2.06
C ALA A 311 -24.70 9.99 -3.53
N SER A 312 -24.92 11.31 -3.74
CA SER A 312 -24.93 11.96 -5.05
C SER A 312 -23.54 12.02 -5.67
N ALA A 313 -22.49 12.18 -4.84
CA ALA A 313 -21.09 12.24 -5.26
C ALA A 313 -20.66 10.91 -5.86
N LYS A 314 -21.06 9.78 -5.22
CA LYS A 314 -20.76 8.42 -5.67
C LYS A 314 -21.38 8.16 -7.04
N ARG A 315 -22.65 8.56 -7.22
CA ARG A 315 -23.42 8.42 -8.46
C ARG A 315 -22.84 9.26 -9.59
N VAL A 316 -22.37 10.48 -9.29
CA VAL A 316 -21.77 11.40 -10.26
C VAL A 316 -20.37 10.88 -10.67
N LEU A 317 -19.53 10.54 -9.68
CA LEU A 317 -18.17 10.05 -9.89
C LEU A 317 -18.09 8.74 -10.67
N GLU A 318 -19.04 7.79 -10.47
CA GLU A 318 -19.02 6.51 -11.18
C GLU A 318 -19.35 6.68 -12.69
N VAL A 319 -20.09 7.74 -13.03
CA VAL A 319 -20.43 8.08 -14.42
C VAL A 319 -19.17 8.67 -15.07
N LEU A 320 -18.49 9.60 -14.36
CA LEU A 320 -17.26 10.25 -14.81
C LEU A 320 -16.11 9.27 -14.95
N ASN A 321 -16.03 8.27 -14.04
CA ASN A 321 -14.97 7.26 -14.03
C ASN A 321 -15.25 6.06 -14.97
N GLU A 322 -16.46 6.02 -15.58
CA GLU A 322 -16.83 4.95 -16.51
C GLU A 322 -16.14 5.19 -17.85
N LYS A 323 -15.39 4.17 -18.33
CA LYS A 323 -14.69 4.23 -19.62
C LYS A 323 -15.59 3.68 -20.74
N PRO A 324 -15.69 4.38 -21.90
CA PRO A 324 -16.56 3.88 -22.98
C PRO A 324 -16.05 2.60 -23.62
N ALA A 325 -16.99 1.78 -24.17
CA ALA A 325 -16.69 0.50 -24.83
C ALA A 325 -15.76 0.64 -26.01
N ILE A 326 -15.84 1.78 -26.74
CA ILE A 326 -14.99 2.09 -27.88
C ILE A 326 -14.16 3.33 -27.54
N GLU A 327 -12.83 3.15 -27.47
CA GLU A 327 -11.86 4.21 -27.14
C GLU A 327 -10.75 4.31 -28.18
N GLU A 328 -10.40 5.55 -28.55
CA GLU A 328 -9.35 5.85 -29.53
C GLU A 328 -7.98 5.58 -28.91
N ALA A 329 -7.05 5.02 -29.72
CA ALA A 329 -5.70 4.71 -29.26
C ALA A 329 -4.83 5.96 -29.09
N ASP A 330 -3.77 5.87 -28.27
CA ASP A 330 -2.80 6.97 -28.02
C ASP A 330 -1.96 7.22 -29.26
N ASN A 331 -1.71 6.16 -30.06
CA ASN A 331 -0.94 6.19 -31.30
C ASN A 331 -1.87 6.03 -32.52
N ALA A 332 -3.13 6.52 -32.41
CA ALA A 332 -4.13 6.41 -33.49
C ALA A 332 -3.74 7.27 -34.69
N LEU A 333 -3.64 6.64 -35.87
CA LEU A 333 -3.28 7.29 -37.12
C LEU A 333 -4.41 8.21 -37.61
N ALA A 334 -4.05 9.44 -38.05
CA ALA A 334 -5.01 10.40 -38.57
C ALA A 334 -5.39 9.99 -39.99
N LEU A 335 -6.71 9.92 -40.27
CA LEU A 335 -7.23 9.50 -41.58
C LEU A 335 -7.94 10.66 -42.31
N PRO A 336 -7.19 11.58 -42.97
CA PRO A 336 -7.86 12.69 -43.66
C PRO A 336 -8.43 12.31 -45.03
N ASN A 337 -7.82 11.29 -45.68
CA ASN A 337 -8.22 10.81 -47.00
C ASN A 337 -8.41 9.30 -46.98
N VAL A 338 -9.57 8.83 -47.49
CA VAL A 338 -9.94 7.41 -47.55
C VAL A 338 -10.27 7.02 -49.00
N GLU A 339 -10.08 5.73 -49.35
CA GLU A 339 -10.37 5.16 -50.66
C GLU A 339 -11.69 4.36 -50.59
N GLY A 340 -11.79 3.50 -49.58
CA GLY A 340 -12.95 2.65 -49.33
C GLY A 340 -12.64 1.17 -49.45
N SER A 341 -11.51 0.74 -48.87
CA SER A 341 -11.08 -0.66 -48.90
C SER A 341 -11.53 -1.37 -47.61
N VAL A 342 -12.82 -1.71 -47.54
CA VAL A 342 -13.43 -2.38 -46.40
C VAL A 342 -13.08 -3.87 -46.45
N SER A 343 -12.52 -4.39 -45.33
CA SER A 343 -12.09 -5.79 -45.21
C SER A 343 -12.41 -6.36 -43.82
N PHE A 344 -12.75 -7.66 -43.79
CA PHE A 344 -13.07 -8.42 -42.57
C PHE A 344 -12.13 -9.62 -42.52
N GLU A 345 -11.27 -9.69 -41.49
CA GLU A 345 -10.26 -10.74 -41.33
C GLU A 345 -10.58 -11.72 -40.19
N ASN A 346 -11.34 -12.80 -40.50
CA ASN A 346 -11.78 -13.86 -39.57
C ASN A 346 -12.48 -13.29 -38.32
N VAL A 347 -13.42 -12.35 -38.57
CA VAL A 347 -14.21 -11.61 -37.58
C VAL A 347 -15.22 -12.52 -36.85
N GLU A 348 -15.18 -12.49 -35.51
CA GLU A 348 -16.04 -13.24 -34.60
C GLU A 348 -16.59 -12.25 -33.54
N PHE A 349 -17.89 -11.96 -33.61
CA PHE A 349 -18.53 -11.03 -32.68
C PHE A 349 -19.62 -11.68 -31.83
N ARG A 350 -19.73 -11.22 -30.58
CA ARG A 350 -20.71 -11.66 -29.59
C ARG A 350 -21.22 -10.44 -28.82
N TYR A 351 -22.55 -10.32 -28.64
CA TYR A 351 -23.15 -9.21 -27.91
C TYR A 351 -23.00 -9.35 -26.39
N PHE A 352 -22.88 -10.60 -25.91
CA PHE A 352 -22.66 -10.98 -24.52
C PHE A 352 -21.78 -12.23 -24.47
N GLU A 353 -21.01 -12.40 -23.38
CA GLU A 353 -20.11 -13.55 -23.23
C GLU A 353 -20.88 -14.88 -23.22
N ASN A 354 -22.01 -14.92 -22.49
CA ASN A 354 -22.90 -16.08 -22.34
C ASN A 354 -23.54 -16.56 -23.65
N THR A 355 -23.89 -15.61 -24.56
CA THR A 355 -24.53 -15.89 -25.85
C THR A 355 -23.63 -16.64 -26.83
N ASP A 356 -24.23 -17.19 -27.90
CA ASP A 356 -23.53 -17.89 -28.98
C ASP A 356 -22.93 -16.81 -29.90
N PRO A 357 -21.88 -17.10 -30.72
CA PRO A 357 -21.34 -16.04 -31.61
C PRO A 357 -22.35 -15.48 -32.59
N VAL A 358 -22.64 -14.15 -32.46
CA VAL A 358 -23.57 -13.38 -33.30
C VAL A 358 -23.05 -13.37 -34.75
N LEU A 359 -21.73 -13.30 -34.90
CA LEU A 359 -20.99 -13.37 -36.15
C LEU A 359 -19.80 -14.28 -35.89
N SER A 360 -19.49 -15.16 -36.85
CA SER A 360 -18.38 -16.11 -36.74
C SER A 360 -17.88 -16.50 -38.13
N GLY A 361 -16.56 -16.58 -38.27
CA GLY A 361 -15.88 -16.94 -39.51
C GLY A 361 -16.19 -15.99 -40.65
N VAL A 362 -16.04 -14.68 -40.39
CA VAL A 362 -16.32 -13.64 -41.39
C VAL A 362 -15.01 -13.17 -42.04
N ASN A 363 -14.77 -13.67 -43.27
CA ASN A 363 -13.56 -13.32 -44.01
C ASN A 363 -13.87 -12.98 -45.47
N PHE A 364 -13.78 -11.67 -45.82
CA PHE A 364 -14.01 -11.11 -47.15
C PHE A 364 -13.43 -9.70 -47.27
N SER A 365 -13.21 -9.25 -48.52
CA SER A 365 -12.69 -7.93 -48.87
C SER A 365 -13.58 -7.26 -49.90
N VAL A 366 -13.63 -5.91 -49.86
CA VAL A 366 -14.43 -5.08 -50.76
C VAL A 366 -13.54 -4.02 -51.44
N LYS A 367 -13.44 -4.06 -52.79
CA LYS A 367 -12.65 -3.13 -53.61
C LYS A 367 -13.21 -1.69 -53.51
N PRO A 368 -12.37 -0.64 -53.58
CA PRO A 368 -12.91 0.73 -53.45
C PRO A 368 -13.89 1.15 -54.56
N GLY A 369 -14.95 1.85 -54.16
CA GLY A 369 -15.99 2.36 -55.05
C GLY A 369 -17.08 1.37 -55.42
N SER A 370 -16.84 0.06 -55.18
CA SER A 370 -17.79 -0.99 -55.52
C SER A 370 -19.04 -0.98 -54.65
N LEU A 371 -20.16 -1.43 -55.23
CA LEU A 371 -21.47 -1.53 -54.61
C LEU A 371 -21.75 -2.99 -54.25
N VAL A 372 -21.89 -3.27 -52.94
CA VAL A 372 -22.14 -4.62 -52.42
C VAL A 372 -23.54 -4.71 -51.80
N ALA A 373 -24.36 -5.65 -52.28
CA ALA A 373 -25.71 -5.88 -51.76
C ALA A 373 -25.64 -6.88 -50.63
N VAL A 374 -26.05 -6.46 -49.42
CA VAL A 374 -26.03 -7.33 -48.25
C VAL A 374 -27.42 -7.95 -48.06
N LEU A 375 -27.50 -9.29 -48.08
CA LEU A 375 -28.76 -10.01 -47.96
C LEU A 375 -28.70 -11.11 -46.90
N GLY A 376 -29.87 -11.63 -46.55
CA GLY A 376 -30.00 -12.69 -45.56
C GLY A 376 -31.27 -12.60 -44.75
N GLU A 377 -31.65 -13.73 -44.11
CA GLU A 377 -32.83 -13.86 -43.26
C GLU A 377 -32.75 -12.96 -42.01
N THR A 378 -33.91 -12.72 -41.35
CA THR A 378 -33.99 -11.88 -40.15
C THR A 378 -33.09 -12.45 -39.04
N GLY A 379 -32.24 -11.60 -38.49
CA GLY A 379 -31.30 -11.94 -37.43
C GLY A 379 -30.03 -12.62 -37.88
N SER A 380 -29.70 -12.54 -39.20
CA SER A 380 -28.48 -13.13 -39.76
C SER A 380 -27.23 -12.49 -39.17
N GLY A 381 -27.26 -11.16 -39.04
CA GLY A 381 -26.17 -10.36 -38.52
C GLY A 381 -25.77 -9.24 -39.45
N LYS A 382 -26.67 -8.86 -40.38
CA LYS A 382 -26.45 -7.82 -41.40
C LYS A 382 -26.17 -6.46 -40.76
N SER A 383 -27.11 -5.99 -39.91
CA SER A 383 -27.00 -4.71 -39.20
C SER A 383 -25.78 -4.71 -38.28
N THR A 384 -25.52 -5.84 -37.60
CA THR A 384 -24.38 -6.07 -36.71
C THR A 384 -23.06 -5.96 -37.48
N LEU A 385 -22.96 -6.64 -38.64
CA LEU A 385 -21.78 -6.64 -39.51
C LEU A 385 -21.42 -5.22 -39.94
N MET A 386 -22.44 -4.44 -40.32
CA MET A 386 -22.28 -3.05 -40.75
C MET A 386 -21.78 -2.15 -39.64
N ASN A 387 -22.29 -2.35 -38.40
CA ASN A 387 -21.92 -1.57 -37.22
C ASN A 387 -20.42 -1.66 -36.86
N LEU A 388 -19.71 -2.65 -37.40
CA LEU A 388 -18.28 -2.84 -37.17
C LEU A 388 -17.44 -1.82 -37.94
N ILE A 389 -17.91 -1.43 -39.15
CA ILE A 389 -17.25 -0.48 -40.07
C ILE A 389 -17.09 0.94 -39.42
N PRO A 390 -18.15 1.61 -38.86
CA PRO A 390 -17.91 2.91 -38.22
C PRO A 390 -17.45 2.78 -36.75
N ARG A 391 -17.00 1.57 -36.35
CA ARG A 391 -16.52 1.19 -35.02
C ARG A 391 -17.53 1.45 -33.90
N LEU A 392 -18.80 1.08 -34.14
CA LEU A 392 -19.86 1.19 -33.12
C LEU A 392 -19.68 0.03 -32.15
N ILE A 393 -19.08 -1.08 -32.66
CA ILE A 393 -18.77 -2.33 -31.96
C ILE A 393 -17.42 -2.89 -32.44
N ASP A 394 -16.72 -3.65 -31.57
CA ASP A 394 -15.43 -4.28 -31.88
C ASP A 394 -15.51 -5.82 -31.76
N PRO A 395 -14.90 -6.60 -32.68
CA PRO A 395 -15.01 -8.07 -32.60
C PRO A 395 -14.25 -8.72 -31.45
N GLU A 396 -14.77 -9.86 -30.96
CA GLU A 396 -14.17 -10.67 -29.90
C GLU A 396 -12.85 -11.26 -30.43
N ARG A 397 -12.90 -11.76 -31.68
CA ARG A 397 -11.78 -12.33 -32.42
C ARG A 397 -11.82 -11.80 -33.84
N GLY A 398 -10.65 -11.68 -34.47
CA GLY A 398 -10.52 -11.15 -35.81
C GLY A 398 -10.42 -9.64 -35.86
N ARG A 399 -10.23 -9.07 -37.06
CA ARG A 399 -10.13 -7.62 -37.22
C ARG A 399 -10.84 -7.07 -38.45
N VAL A 400 -11.37 -5.85 -38.31
CA VAL A 400 -12.06 -5.09 -39.35
C VAL A 400 -11.08 -3.99 -39.84
N GLU A 401 -10.92 -3.86 -41.16
CA GLU A 401 -9.98 -2.91 -41.76
C GLU A 401 -10.59 -2.02 -42.83
N VAL A 402 -10.26 -0.72 -42.79
CA VAL A 402 -10.68 0.27 -43.78
C VAL A 402 -9.39 0.87 -44.34
N ASP A 403 -9.18 0.73 -45.66
CA ASP A 403 -7.98 1.16 -46.40
C ASP A 403 -6.75 0.38 -45.95
N GLU A 404 -6.91 -0.97 -45.78
CA GLU A 404 -5.89 -1.93 -45.34
C GLU A 404 -5.31 -1.60 -43.95
N LEU A 405 -6.13 -0.89 -43.13
CA LEU A 405 -5.76 -0.41 -41.81
C LEU A 405 -6.82 -0.77 -40.76
N ASP A 406 -6.38 -1.36 -39.64
CA ASP A 406 -7.25 -1.77 -38.53
C ASP A 406 -8.00 -0.55 -37.97
N VAL A 407 -9.32 -0.61 -38.04
CA VAL A 407 -10.27 0.42 -37.62
C VAL A 407 -9.98 0.93 -36.18
N ARG A 408 -9.45 0.06 -35.29
CA ARG A 408 -9.08 0.40 -33.90
C ARG A 408 -7.84 1.32 -33.83
N THR A 409 -6.91 1.16 -34.80
CA THR A 409 -5.64 1.90 -34.89
C THR A 409 -5.75 3.30 -35.52
N VAL A 410 -6.97 3.70 -35.91
CA VAL A 410 -7.25 4.98 -36.56
C VAL A 410 -8.07 5.90 -35.65
N LYS A 411 -7.93 7.24 -35.83
CA LYS A 411 -8.65 8.27 -35.09
C LYS A 411 -10.16 8.16 -35.39
N LEU A 412 -10.99 8.04 -34.33
CA LEU A 412 -12.44 7.85 -34.41
C LEU A 412 -13.20 8.92 -35.20
N LYS A 413 -12.92 10.22 -34.98
CA LYS A 413 -13.61 11.31 -35.71
C LYS A 413 -13.20 11.29 -37.19
N ASP A 414 -11.92 10.96 -37.48
CA ASP A 414 -11.36 10.87 -38.83
C ASP A 414 -12.04 9.75 -39.60
N LEU A 415 -12.18 8.56 -38.97
CA LEU A 415 -12.80 7.38 -39.55
C LEU A 415 -14.30 7.59 -39.81
N ARG A 416 -15.06 7.95 -38.75
CA ARG A 416 -16.50 8.19 -38.81
C ARG A 416 -16.88 9.35 -39.72
N GLY A 417 -15.95 10.28 -39.91
CA GLY A 417 -16.13 11.44 -40.78
C GLY A 417 -16.24 11.07 -42.25
N HIS A 418 -15.64 9.92 -42.64
CA HIS A 418 -15.63 9.42 -44.02
C HIS A 418 -16.68 8.34 -44.29
N ILE A 419 -17.35 7.83 -43.23
CA ILE A 419 -18.39 6.80 -43.34
C ILE A 419 -19.75 7.41 -42.98
N SER A 420 -20.75 7.21 -43.86
CA SER A 420 -22.13 7.66 -43.62
C SER A 420 -23.07 6.48 -43.58
N ALA A 421 -24.05 6.52 -42.65
CA ALA A 421 -25.01 5.44 -42.50
C ALA A 421 -26.46 5.91 -42.49
N VAL A 422 -27.35 5.02 -42.96
CA VAL A 422 -28.80 5.19 -42.97
C VAL A 422 -29.32 4.04 -42.10
N PRO A 423 -29.54 4.26 -40.77
CA PRO A 423 -29.95 3.17 -39.89
C PRO A 423 -31.30 2.54 -40.23
N GLN A 424 -31.47 1.25 -39.87
CA GLN A 424 -32.70 0.47 -40.12
C GLN A 424 -33.92 1.14 -39.46
N GLU A 425 -33.71 1.69 -38.25
CA GLU A 425 -34.72 2.44 -37.50
C GLU A 425 -34.27 3.90 -37.54
N THR A 426 -34.88 4.68 -38.46
CA THR A 426 -34.54 6.09 -38.69
C THR A 426 -35.00 6.98 -37.56
N VAL A 427 -34.05 7.75 -36.98
CA VAL A 427 -34.29 8.68 -35.89
C VAL A 427 -33.86 10.08 -36.32
N LEU A 428 -34.81 11.03 -36.24
CA LEU A 428 -34.58 12.44 -36.54
C LEU A 428 -34.51 13.24 -35.23
N PHE A 429 -33.98 14.46 -35.27
CA PHE A 429 -33.82 15.25 -34.07
C PHE A 429 -34.61 16.55 -34.12
N SER A 430 -35.00 17.08 -32.94
CA SER A 430 -35.78 18.31 -32.82
C SER A 430 -35.01 19.52 -33.36
N GLY A 431 -35.72 20.32 -34.16
CA GLY A 431 -35.18 21.53 -34.81
C GLY A 431 -35.83 21.77 -36.15
N THR A 432 -35.00 21.99 -37.19
CA THR A 432 -35.47 22.24 -38.56
C THR A 432 -34.98 21.12 -39.50
N ILE A 433 -35.58 21.02 -40.71
CA ILE A 433 -35.19 20.04 -41.73
C ILE A 433 -33.75 20.36 -42.16
N LYS A 434 -33.46 21.65 -42.40
CA LYS A 434 -32.16 22.18 -42.81
C LYS A 434 -31.06 21.76 -41.81
N GLU A 435 -31.32 21.93 -40.48
CA GLU A 435 -30.43 21.58 -39.37
C GLU A 435 -30.13 20.09 -39.37
N ASN A 436 -31.17 19.27 -39.57
CA ASN A 436 -31.08 17.81 -39.59
C ASN A 436 -30.33 17.28 -40.80
N LEU A 437 -30.39 17.98 -41.93
CA LEU A 437 -29.66 17.54 -43.13
C LEU A 437 -28.20 17.96 -42.99
N LYS A 438 -27.93 19.07 -42.27
CA LYS A 438 -26.60 19.59 -41.99
C LYS A 438 -25.87 18.76 -40.92
N TRP A 439 -26.52 17.71 -40.38
CA TRP A 439 -25.96 16.80 -39.37
C TRP A 439 -24.72 16.07 -39.92
N GLY A 440 -24.76 15.77 -41.22
CA GLY A 440 -23.65 15.14 -41.93
C GLY A 440 -22.49 16.10 -42.08
N ARG A 441 -22.73 17.23 -42.76
CA ARG A 441 -21.73 18.29 -42.97
C ARG A 441 -22.31 19.65 -42.55
N GLU A 442 -21.67 20.33 -41.59
CA GLU A 442 -22.10 21.64 -41.10
C GLU A 442 -21.70 22.75 -42.07
N ASP A 443 -20.57 22.57 -42.76
CA ASP A 443 -20.02 23.49 -43.75
C ASP A 443 -20.76 23.42 -45.11
N ALA A 444 -21.77 22.51 -45.22
CA ALA A 444 -22.55 22.28 -46.44
C ALA A 444 -23.32 23.48 -46.96
N THR A 445 -23.32 23.64 -48.30
CA THR A 445 -23.99 24.71 -49.03
C THR A 445 -25.47 24.37 -49.19
N ASP A 446 -26.32 25.40 -49.40
CA ASP A 446 -27.76 25.25 -49.61
C ASP A 446 -28.02 24.48 -50.90
N ASP A 447 -27.13 24.65 -51.90
CA ASP A 447 -27.17 23.94 -53.18
C ASP A 447 -26.81 22.47 -52.98
N GLU A 448 -25.92 22.18 -52.01
CA GLU A 448 -25.47 20.83 -51.69
C GLU A 448 -26.56 20.02 -51.00
N ILE A 449 -27.25 20.63 -50.01
CA ILE A 449 -28.32 19.99 -49.24
C ILE A 449 -29.54 19.74 -50.12
N VAL A 450 -29.84 20.68 -51.04
CA VAL A 450 -30.95 20.57 -51.99
C VAL A 450 -30.71 19.41 -52.95
N GLU A 451 -29.46 19.29 -53.47
CA GLU A 451 -29.02 18.21 -54.37
C GLU A 451 -29.17 16.84 -53.70
N ALA A 452 -28.85 16.76 -52.38
CA ALA A 452 -28.95 15.53 -51.58
C ALA A 452 -30.41 15.12 -51.40
N ALA A 453 -31.29 16.09 -51.09
CA ALA A 453 -32.72 15.87 -50.90
C ALA A 453 -33.42 15.56 -52.23
N LYS A 454 -32.84 16.05 -53.35
CA LYS A 454 -33.33 15.80 -54.71
C LYS A 454 -33.06 14.35 -55.09
N ILE A 455 -31.89 13.80 -54.67
CA ILE A 455 -31.49 12.40 -54.90
C ILE A 455 -32.37 11.48 -54.04
N ALA A 456 -32.70 11.93 -52.82
CA ALA A 456 -33.53 11.21 -51.87
C ALA A 456 -35.05 11.33 -52.16
N GLN A 457 -35.42 12.10 -53.21
CA GLN A 457 -36.80 12.38 -53.68
C GLN A 457 -37.68 13.06 -52.61
N ILE A 458 -37.07 13.51 -51.51
CA ILE A 458 -37.75 14.18 -50.41
C ILE A 458 -37.87 15.69 -50.67
N HIS A 459 -37.00 16.26 -51.53
CA HIS A 459 -36.98 17.68 -51.89
C HIS A 459 -38.37 18.24 -52.21
N ASP A 460 -39.14 17.52 -53.04
CA ASP A 460 -40.51 17.86 -53.46
C ASP A 460 -41.46 18.10 -52.28
N PHE A 461 -41.33 17.29 -51.21
CA PHE A 461 -42.15 17.43 -50.02
C PHE A 461 -41.71 18.63 -49.18
N ILE A 462 -40.39 18.79 -48.96
CA ILE A 462 -39.81 19.88 -48.16
C ILE A 462 -40.24 21.26 -48.68
N ILE A 463 -40.16 21.46 -50.01
CA ILE A 463 -40.54 22.72 -50.66
C ILE A 463 -42.06 22.97 -50.57
N SER A 464 -42.88 21.89 -50.58
CA SER A 464 -44.35 21.96 -50.49
C SER A 464 -44.85 22.49 -49.15
N LEU A 465 -44.04 22.34 -48.08
CA LEU A 465 -44.32 22.81 -46.73
C LEU A 465 -44.30 24.36 -46.66
N PRO A 466 -45.10 25.00 -45.78
CA PRO A 466 -45.13 26.47 -45.74
C PRO A 466 -43.83 27.14 -45.30
N GLU A 467 -43.07 26.48 -44.41
CA GLU A 467 -41.80 27.01 -43.91
C GLU A 467 -40.59 26.57 -44.75
N GLY A 468 -40.82 25.61 -45.67
CA GLY A 468 -39.80 25.08 -46.57
C GLY A 468 -38.78 24.22 -45.86
N TYR A 469 -37.48 24.53 -46.07
CA TYR A 469 -36.38 23.79 -45.44
C TYR A 469 -36.20 24.10 -43.96
N ASP A 470 -36.77 25.23 -43.51
CA ASP A 470 -36.70 25.68 -42.13
C ASP A 470 -37.93 25.20 -41.32
N SER A 471 -38.70 24.24 -41.90
CA SER A 471 -39.89 23.65 -41.27
C SER A 471 -39.52 22.84 -40.02
N ARG A 472 -40.33 22.98 -38.96
CA ARG A 472 -40.14 22.32 -37.67
C ARG A 472 -40.16 20.79 -37.76
N VAL A 473 -39.19 20.16 -37.06
CA VAL A 473 -39.03 18.70 -36.94
C VAL A 473 -39.20 18.38 -35.45
N GLU A 474 -40.13 17.47 -35.12
CA GLU A 474 -40.37 17.06 -33.74
C GLU A 474 -39.39 15.96 -33.32
N ARG A 475 -39.45 15.53 -32.04
CA ARG A 475 -38.61 14.49 -31.46
C ARG A 475 -38.76 13.18 -32.23
N GLY A 476 -37.67 12.72 -32.85
CA GLY A 476 -37.65 11.49 -33.64
C GLY A 476 -38.21 11.62 -35.04
N GLY A 477 -38.77 12.79 -35.36
CA GLY A 477 -39.39 13.08 -36.64
C GLY A 477 -40.78 12.50 -36.72
N ARG A 478 -41.52 12.54 -35.60
CA ARG A 478 -42.88 12.00 -35.45
C ARG A 478 -43.93 12.74 -36.30
N ASN A 479 -43.65 14.01 -36.68
CA ASN A 479 -44.53 14.86 -37.49
C ASN A 479 -44.44 14.56 -39.01
N PHE A 480 -43.67 13.53 -39.39
CA PHE A 480 -43.51 13.08 -40.78
C PHE A 480 -43.92 11.61 -40.89
N SER A 481 -44.24 11.17 -42.12
CA SER A 481 -44.62 9.78 -42.40
C SER A 481 -43.36 8.87 -42.33
N GLY A 482 -43.58 7.55 -42.22
CA GLY A 482 -42.52 6.54 -42.12
C GLY A 482 -41.43 6.68 -43.17
N GLY A 483 -41.83 6.67 -44.43
CA GLY A 483 -40.92 6.81 -45.55
C GLY A 483 -40.40 8.22 -45.77
N GLN A 484 -41.11 9.24 -45.23
CA GLN A 484 -40.69 10.64 -45.35
C GLN A 484 -39.43 10.88 -44.51
N LYS A 485 -39.45 10.45 -43.23
CA LYS A 485 -38.29 10.57 -42.34
C LYS A 485 -37.15 9.64 -42.80
N GLN A 486 -37.51 8.55 -43.50
CA GLN A 486 -36.57 7.59 -44.08
C GLN A 486 -35.82 8.27 -45.23
N ARG A 487 -36.56 8.97 -46.12
CA ARG A 487 -36.01 9.72 -47.25
C ARG A 487 -35.16 10.90 -46.76
N LEU A 488 -35.46 11.41 -45.55
CA LEU A 488 -34.72 12.49 -44.90
C LEU A 488 -33.39 11.96 -44.35
N SER A 489 -33.40 10.69 -43.86
CA SER A 489 -32.23 10.00 -43.33
C SER A 489 -31.24 9.70 -44.45
N ILE A 490 -31.75 9.36 -45.66
CA ILE A 490 -30.92 9.09 -46.85
C ILE A 490 -30.21 10.39 -47.21
N ALA A 491 -30.98 11.50 -47.35
CA ALA A 491 -30.50 12.84 -47.69
C ALA A 491 -29.47 13.35 -46.69
N ARG A 492 -29.67 13.07 -45.38
CA ARG A 492 -28.74 13.45 -44.30
C ARG A 492 -27.36 12.81 -44.52
N ALA A 493 -27.32 11.48 -44.82
CA ALA A 493 -26.11 10.72 -45.06
C ALA A 493 -25.36 11.19 -46.31
N LEU A 494 -26.11 11.53 -47.38
CA LEU A 494 -25.58 12.01 -48.67
C LEU A 494 -24.80 13.33 -48.53
N VAL A 495 -25.33 14.28 -47.73
CA VAL A 495 -24.75 15.60 -47.45
C VAL A 495 -23.27 15.47 -47.04
N LYS A 496 -22.98 14.52 -46.13
CA LYS A 496 -21.65 14.22 -45.57
C LYS A 496 -20.58 13.89 -46.64
N LYS A 497 -21.02 13.51 -47.87
CA LYS A 497 -20.16 13.12 -49.02
C LYS A 497 -19.18 12.01 -48.57
N PRO A 498 -19.69 10.78 -48.30
CA PRO A 498 -18.80 9.74 -47.77
C PRO A 498 -17.94 9.02 -48.80
N LYS A 499 -16.93 8.28 -48.30
CA LYS A 499 -16.08 7.42 -49.11
C LYS A 499 -16.56 5.96 -48.94
N VAL A 500 -17.33 5.71 -47.85
CA VAL A 500 -17.96 4.44 -47.50
C VAL A 500 -19.42 4.74 -47.09
N LEU A 501 -20.40 4.11 -47.75
CA LEU A 501 -21.81 4.31 -47.44
C LEU A 501 -22.48 3.00 -46.99
N ILE A 502 -23.30 3.08 -45.93
CA ILE A 502 -24.02 1.94 -45.35
C ILE A 502 -25.53 2.23 -45.41
N LEU A 503 -26.30 1.34 -46.07
CA LEU A 503 -27.75 1.53 -46.21
C LEU A 503 -28.56 0.34 -45.66
N ASP A 504 -28.94 0.39 -44.36
CA ASP A 504 -29.71 -0.65 -43.67
C ASP A 504 -31.19 -0.59 -44.09
N ASP A 505 -31.58 -1.47 -45.06
CA ASP A 505 -32.93 -1.56 -45.67
C ASP A 505 -33.46 -0.17 -46.01
N CYS A 506 -32.61 0.57 -46.75
CA CYS A 506 -32.73 1.94 -47.21
C CYS A 506 -34.16 2.42 -47.54
N THR A 507 -34.97 1.57 -48.20
CA THR A 507 -36.32 1.92 -48.62
C THR A 507 -37.38 0.88 -48.15
N SER A 508 -37.37 0.59 -46.84
CA SER A 508 -38.31 -0.33 -46.21
C SER A 508 -39.71 0.27 -46.13
N SER A 509 -39.80 1.59 -45.89
CA SER A 509 -41.07 2.33 -45.78
C SER A 509 -41.34 3.20 -47.02
N VAL A 510 -40.71 2.86 -48.16
CA VAL A 510 -40.83 3.58 -49.42
C VAL A 510 -41.50 2.69 -50.50
N ASP A 511 -42.51 3.25 -51.22
CA ASP A 511 -43.26 2.59 -52.29
C ASP A 511 -42.37 2.20 -53.49
N PRO A 512 -42.74 1.16 -54.29
CA PRO A 512 -41.87 0.75 -55.43
C PRO A 512 -41.50 1.84 -56.44
N ILE A 513 -42.41 2.79 -56.72
CA ILE A 513 -42.20 3.89 -57.68
C ILE A 513 -41.09 4.84 -57.18
N THR A 514 -41.21 5.33 -55.93
CA THR A 514 -40.23 6.22 -55.30
C THR A 514 -38.93 5.45 -55.02
N GLU A 515 -39.03 4.14 -54.68
CA GLU A 515 -37.91 3.24 -54.41
C GLU A 515 -36.98 3.17 -55.64
N LYS A 516 -37.57 3.06 -56.85
CA LYS A 516 -36.85 3.02 -58.12
C LYS A 516 -36.08 4.32 -58.33
N ARG A 517 -36.75 5.47 -58.15
CA ARG A 517 -36.21 6.83 -58.31
C ARG A 517 -35.00 7.07 -57.39
N ILE A 518 -35.04 6.53 -56.16
CA ILE A 518 -33.95 6.66 -55.20
C ILE A 518 -32.76 5.80 -55.62
N LEU A 519 -32.98 4.47 -55.80
CA LEU A 519 -31.95 3.50 -56.18
C LEU A 519 -31.19 3.86 -57.45
N ASP A 520 -31.91 4.30 -58.49
CA ASP A 520 -31.30 4.71 -59.76
C ASP A 520 -30.60 6.05 -59.62
N GLY A 521 -31.11 6.88 -58.71
CA GLY A 521 -30.54 8.19 -58.39
C GLY A 521 -29.22 8.05 -57.66
N LEU A 522 -29.14 7.07 -56.74
CA LEU A 522 -27.93 6.78 -55.98
C LEU A 522 -26.83 6.26 -56.90
N LYS A 523 -27.16 5.31 -57.80
CA LYS A 523 -26.22 4.72 -58.78
C LYS A 523 -25.56 5.77 -59.67
N ARG A 524 -26.28 6.87 -59.96
CA ARG A 524 -25.85 7.98 -60.80
C ARG A 524 -24.93 8.99 -60.10
N TYR A 525 -25.13 9.24 -58.79
CA TYR A 525 -24.34 10.26 -58.09
C TYR A 525 -23.44 9.74 -56.96
N THR A 526 -23.55 8.46 -56.57
CA THR A 526 -22.69 7.87 -55.54
C THR A 526 -21.61 6.97 -56.19
N LYS A 527 -21.02 7.46 -57.29
CA LYS A 527 -19.95 6.77 -58.04
C LYS A 527 -18.62 7.04 -57.29
N GLY A 528 -17.80 6.02 -57.08
CA GLY A 528 -16.54 6.19 -56.34
C GLY A 528 -16.67 5.92 -54.85
N CYS A 529 -17.90 6.05 -54.32
CA CYS A 529 -18.22 5.74 -52.92
C CYS A 529 -18.49 4.24 -52.80
N THR A 530 -17.82 3.58 -51.82
CA THR A 530 -17.97 2.15 -51.53
C THR A 530 -19.30 2.00 -50.79
N THR A 531 -20.36 1.62 -51.52
CA THR A 531 -21.69 1.50 -50.94
C THR A 531 -22.07 0.07 -50.59
N PHE A 532 -22.54 -0.12 -49.35
CA PHE A 532 -23.05 -1.36 -48.78
C PHE A 532 -24.56 -1.15 -48.67
N ILE A 533 -25.33 -1.99 -49.36
CA ILE A 533 -26.78 -1.84 -49.34
C ILE A 533 -27.48 -3.10 -48.81
N ILE A 534 -27.99 -3.02 -47.57
CA ILE A 534 -28.76 -4.12 -46.97
C ILE A 534 -30.13 -4.07 -47.63
N THR A 535 -30.58 -5.21 -48.18
CA THR A 535 -31.89 -5.28 -48.83
C THR A 535 -32.61 -6.60 -48.56
N GLN A 536 -33.94 -6.60 -48.81
CA GLN A 536 -34.83 -7.76 -48.67
C GLN A 536 -35.37 -8.15 -50.06
N LYS A 537 -35.03 -7.35 -51.10
CA LYS A 537 -35.47 -7.53 -52.48
C LYS A 537 -34.33 -7.88 -53.43
N ILE A 538 -34.54 -8.93 -54.26
CA ILE A 538 -33.58 -9.40 -55.27
C ILE A 538 -33.42 -8.34 -56.40
N PRO A 539 -34.51 -7.72 -56.96
CA PRO A 539 -34.31 -6.73 -58.03
C PRO A 539 -33.38 -5.56 -57.67
N THR A 540 -33.46 -5.07 -56.41
CA THR A 540 -32.60 -3.98 -55.91
C THR A 540 -31.17 -4.48 -55.70
N ALA A 541 -31.04 -5.77 -55.32
CA ALA A 541 -29.77 -6.45 -55.08
C ALA A 541 -28.97 -6.67 -56.38
N LEU A 542 -29.68 -6.86 -57.50
CA LEU A 542 -29.08 -7.09 -58.82
C LEU A 542 -28.29 -5.88 -59.34
N LEU A 543 -28.63 -4.67 -58.85
CA LEU A 543 -27.98 -3.39 -59.17
C LEU A 543 -26.50 -3.38 -58.73
N ALA A 544 -26.17 -4.14 -57.66
CA ALA A 544 -24.84 -4.23 -57.07
C ALA A 544 -23.86 -5.03 -57.91
N ASP A 545 -22.56 -4.68 -57.79
CA ASP A 545 -21.43 -5.32 -58.46
C ASP A 545 -21.18 -6.73 -57.91
N LYS A 546 -21.41 -6.93 -56.61
CA LYS A 546 -21.23 -8.19 -55.89
C LYS A 546 -22.32 -8.31 -54.81
N ILE A 547 -22.69 -9.55 -54.43
CA ILE A 547 -23.70 -9.80 -53.40
C ILE A 547 -23.07 -10.56 -52.22
N LEU A 548 -23.32 -10.07 -51.00
CA LEU A 548 -22.87 -10.66 -49.74
C LEU A 548 -24.11 -11.24 -49.06
N VAL A 549 -24.16 -12.58 -48.93
CA VAL A 549 -25.30 -13.29 -48.31
C VAL A 549 -24.90 -13.85 -46.95
N LEU A 550 -25.74 -13.61 -45.93
CA LEU A 550 -25.50 -14.10 -44.57
C LEU A 550 -26.61 -15.06 -44.14
N HIS A 551 -26.21 -16.12 -43.44
CA HIS A 551 -27.16 -17.11 -42.91
C HIS A 551 -26.66 -17.66 -41.58
N GLU A 552 -27.41 -17.38 -40.50
CA GLU A 552 -27.16 -17.80 -39.12
C GLU A 552 -25.77 -17.40 -38.59
N GLY A 553 -25.46 -16.10 -38.69
CA GLY A 553 -24.21 -15.54 -38.20
C GLY A 553 -22.99 -15.63 -39.10
N LYS A 554 -22.92 -16.69 -39.92
CA LYS A 554 -21.79 -16.94 -40.82
C LYS A 554 -22.07 -16.44 -42.23
N VAL A 555 -21.00 -16.13 -43.00
CA VAL A 555 -21.13 -15.67 -44.38
C VAL A 555 -21.49 -16.87 -45.29
N ALA A 556 -22.74 -16.87 -45.77
CA ALA A 556 -23.31 -17.92 -46.62
C ALA A 556 -22.73 -17.94 -48.03
N GLY A 557 -22.40 -16.77 -48.55
CA GLY A 557 -21.83 -16.59 -49.88
C GLY A 557 -21.43 -15.16 -50.19
N PHE A 558 -20.58 -15.00 -51.23
CA PHE A 558 -20.09 -13.71 -51.70
C PHE A 558 -19.68 -13.86 -53.16
N GLY A 559 -20.41 -13.17 -54.03
CA GLY A 559 -20.19 -13.21 -55.47
C GLY A 559 -21.37 -12.72 -56.26
N THR A 560 -21.36 -12.97 -57.58
CA THR A 560 -22.43 -12.58 -58.49
C THR A 560 -23.71 -13.40 -58.28
N HIS A 561 -24.85 -12.87 -58.76
CA HIS A 561 -26.19 -13.48 -58.71
C HIS A 561 -26.19 -14.91 -59.26
N LYS A 562 -25.52 -15.14 -60.40
CA LYS A 562 -25.40 -16.44 -61.07
C LYS A 562 -24.67 -17.45 -60.19
N GLU A 563 -23.53 -17.04 -59.59
CA GLU A 563 -22.73 -17.88 -58.68
C GLU A 563 -23.60 -18.33 -57.51
N LEU A 564 -24.32 -17.38 -56.88
CA LEU A 564 -25.17 -17.62 -55.72
C LEU A 564 -26.42 -18.45 -56.04
N LEU A 565 -26.97 -18.36 -57.27
CA LEU A 565 -28.14 -19.16 -57.66
C LEU A 565 -27.78 -20.65 -57.83
N GLU A 566 -26.50 -20.96 -58.10
CA GLU A 566 -26.03 -22.32 -58.33
C GLU A 566 -25.25 -22.91 -57.15
N HIS A 567 -24.83 -22.08 -56.18
CA HIS A 567 -24.05 -22.54 -55.02
C HIS A 567 -24.63 -22.15 -53.65
N CYS A 568 -25.09 -20.90 -53.50
CA CYS A 568 -25.64 -20.39 -52.23
C CYS A 568 -27.11 -20.76 -52.01
N LYS A 569 -27.35 -21.77 -51.13
CA LYS A 569 -28.67 -22.28 -50.77
C LYS A 569 -29.58 -21.17 -50.17
N PRO A 570 -29.16 -20.37 -49.15
CA PRO A 570 -30.07 -19.33 -48.63
C PRO A 570 -30.37 -18.19 -49.62
N TYR A 571 -29.46 -17.90 -50.59
CA TYR A 571 -29.72 -16.88 -51.61
C TYR A 571 -30.82 -17.39 -52.53
N ARG A 572 -30.76 -18.68 -52.92
CA ARG A 572 -31.79 -19.28 -53.77
C ARG A 572 -33.10 -19.31 -53.00
N GLU A 573 -33.06 -19.62 -51.67
CA GLU A 573 -34.22 -19.63 -50.79
C GLU A 573 -34.92 -18.28 -50.76
N ILE A 574 -34.13 -17.18 -50.72
CA ILE A 574 -34.62 -15.80 -50.75
C ILE A 574 -35.14 -15.47 -52.16
N TYR A 575 -34.44 -15.94 -53.20
CA TYR A 575 -34.82 -15.75 -54.60
C TYR A 575 -36.19 -16.37 -54.90
N GLU A 576 -36.42 -17.64 -54.48
CA GLU A 576 -37.67 -18.37 -54.68
C GLU A 576 -38.86 -17.66 -54.05
N SER A 577 -38.67 -17.10 -52.82
CA SER A 577 -39.72 -16.39 -52.06
C SER A 577 -40.22 -15.11 -52.75
N GLN A 578 -39.56 -14.70 -53.85
CA GLN A 578 -39.90 -13.53 -54.66
C GLN A 578 -40.19 -13.93 -56.11
N PHE A 579 -39.41 -14.88 -56.66
CA PHE A 579 -39.52 -15.38 -58.03
C PHE A 579 -39.51 -16.89 -58.06
N THR B 22 -51.25 34.93 -6.05
CA THR B 22 -52.12 34.53 -4.95
C THR B 22 -53.15 33.47 -5.40
N ALA B 23 -53.49 33.46 -6.71
CA ALA B 23 -54.44 32.51 -7.32
C ALA B 23 -53.87 31.08 -7.28
N THR B 24 -52.57 30.94 -7.59
CA THR B 24 -51.85 29.66 -7.55
C THR B 24 -51.65 29.20 -6.12
N LEU B 25 -51.45 30.14 -5.18
CA LEU B 25 -51.28 29.88 -3.76
C LEU B 25 -52.54 29.24 -3.17
N ARG B 26 -53.74 29.79 -3.52
CA ARG B 26 -55.05 29.31 -3.09
C ARG B 26 -55.28 27.87 -3.51
N ARG B 27 -54.91 27.53 -4.76
CA ARG B 27 -55.01 26.21 -5.36
C ARG B 27 -54.04 25.23 -4.70
N LEU B 28 -52.78 25.68 -4.47
CA LEU B 28 -51.71 24.90 -3.84
C LEU B 28 -52.06 24.58 -2.39
N LEU B 29 -52.64 25.57 -1.66
CA LEU B 29 -53.06 25.42 -0.27
C LEU B 29 -54.30 24.51 -0.12
N GLY B 30 -55.00 24.29 -1.23
CA GLY B 30 -56.16 23.40 -1.29
C GLY B 30 -55.79 21.95 -1.08
N TYR B 31 -54.51 21.60 -1.38
CA TYR B 31 -53.96 20.25 -1.22
C TYR B 31 -53.74 19.92 0.26
N LEU B 32 -53.84 20.94 1.14
CA LEU B 32 -53.70 20.83 2.58
C LEU B 32 -55.04 20.58 3.27
N ARG B 33 -56.16 20.86 2.55
CA ARG B 33 -57.53 20.67 3.03
C ARG B 33 -57.83 19.25 3.53
N PRO B 34 -57.35 18.13 2.90
CA PRO B 34 -57.61 16.80 3.48
C PRO B 34 -56.82 16.53 4.77
N HIS B 35 -55.87 17.43 5.12
CA HIS B 35 -55.02 17.33 6.31
C HIS B 35 -55.33 18.42 7.37
N THR B 36 -56.49 19.10 7.25
CA THR B 36 -56.95 20.19 8.13
C THR B 36 -56.84 19.85 9.63
N PHE B 37 -57.46 18.73 10.09
CA PHE B 37 -57.43 18.30 11.48
C PHE B 37 -56.00 18.06 11.97
N THR B 38 -55.17 17.39 11.15
CA THR B 38 -53.78 17.08 11.49
C THR B 38 -52.94 18.37 11.56
N LEU B 39 -53.25 19.36 10.69
CA LEU B 39 -52.56 20.65 10.67
C LEU B 39 -52.92 21.50 11.90
N ILE B 40 -54.14 21.30 12.47
CA ILE B 40 -54.62 21.96 13.68
C ILE B 40 -53.78 21.47 14.87
N MET B 41 -53.48 20.15 14.91
CA MET B 41 -52.65 19.51 15.93
C MET B 41 -51.25 20.11 15.89
N VAL B 42 -50.67 20.23 14.66
CA VAL B 42 -49.35 20.82 14.38
C VAL B 42 -49.30 22.23 14.97
N PHE B 43 -50.38 23.02 14.75
CA PHE B 43 -50.51 24.37 15.28
C PHE B 43 -50.60 24.33 16.81
N VAL B 44 -51.36 23.37 17.37
CA VAL B 44 -51.53 23.21 18.83
C VAL B 44 -50.19 22.86 19.49
N PHE B 45 -49.40 21.97 18.87
CA PHE B 45 -48.09 21.57 19.38
C PHE B 45 -47.04 22.67 19.28
N VAL B 46 -47.02 23.40 18.14
CA VAL B 46 -46.04 24.47 17.90
C VAL B 46 -46.29 25.68 18.83
N THR B 47 -47.56 25.92 19.24
CA THR B 47 -47.90 27.03 20.16
C THR B 47 -47.36 26.71 21.56
N VAL B 48 -47.45 25.42 21.97
CA VAL B 48 -46.93 24.92 23.25
C VAL B 48 -45.39 24.99 23.20
N SER B 49 -44.79 24.62 22.05
CA SER B 49 -43.35 24.69 21.81
C SER B 49 -42.84 26.14 21.86
N SER B 50 -43.68 27.10 21.42
CA SER B 50 -43.37 28.52 21.43
C SER B 50 -43.48 29.14 22.82
N ILE B 51 -44.50 28.74 23.60
CA ILE B 51 -44.68 29.25 24.98
C ILE B 51 -43.63 28.65 25.94
N LEU B 52 -43.09 27.46 25.58
CA LEU B 52 -42.02 26.80 26.35
C LEU B 52 -40.67 27.38 25.96
N GLY B 53 -40.56 27.82 24.71
CA GLY B 53 -39.35 28.43 24.15
C GLY B 53 -39.03 29.79 24.74
N VAL B 54 -40.04 30.43 25.36
CA VAL B 54 -39.92 31.74 26.02
C VAL B 54 -39.88 31.56 27.55
N LEU B 55 -40.44 30.45 28.06
CA LEU B 55 -40.48 30.07 29.48
C LEU B 55 -39.09 29.57 29.93
N SER B 56 -38.32 28.98 28.99
CA SER B 56 -36.96 28.46 29.23
C SER B 56 -35.95 29.57 29.61
N PRO B 57 -35.73 30.67 28.82
CA PRO B 57 -34.79 31.72 29.27
C PRO B 57 -35.30 32.48 30.49
N TYR B 58 -36.64 32.53 30.67
CA TYR B 58 -37.31 33.16 31.81
C TYR B 58 -36.97 32.38 33.09
N LEU B 59 -36.98 31.03 33.01
CA LEU B 59 -36.66 30.17 34.13
C LEU B 59 -35.16 30.20 34.44
N ILE B 60 -34.32 30.37 33.40
CA ILE B 60 -32.86 30.50 33.55
C ILE B 60 -32.59 31.80 34.33
N GLY B 61 -33.28 32.87 33.92
CA GLY B 61 -33.21 34.18 34.56
C GLY B 61 -33.75 34.17 35.98
N LYS B 62 -34.80 33.35 36.22
CA LYS B 62 -35.44 33.19 37.53
C LYS B 62 -34.52 32.46 38.51
N THR B 63 -33.91 31.33 38.08
CA THR B 63 -32.99 30.52 38.90
C THR B 63 -31.80 31.33 39.43
N ILE B 64 -31.23 32.22 38.60
CA ILE B 64 -30.12 33.09 39.01
C ILE B 64 -30.59 34.04 40.14
N ASP B 65 -31.82 34.58 40.02
CA ASP B 65 -32.40 35.51 40.99
C ASP B 65 -33.02 34.85 42.24
N VAL B 66 -33.34 33.54 42.19
CA VAL B 66 -33.98 32.82 43.29
C VAL B 66 -33.01 31.87 44.03
N VAL B 67 -32.07 31.18 43.34
CA VAL B 67 -31.16 30.27 44.04
C VAL B 67 -29.71 30.80 44.11
N PHE B 68 -29.25 31.55 43.09
CA PHE B 68 -27.87 32.06 43.05
C PHE B 68 -27.67 33.39 43.79
N VAL B 69 -28.55 34.39 43.54
CA VAL B 69 -28.50 35.70 44.19
C VAL B 69 -28.70 35.56 45.73
N PRO B 70 -29.79 34.93 46.25
CA PRO B 70 -29.91 34.77 47.71
C PRO B 70 -28.99 33.68 48.30
N ARG B 71 -28.28 32.95 47.42
CA ARG B 71 -27.33 31.86 47.73
C ARG B 71 -27.98 30.71 48.53
N ARG B 72 -29.27 30.40 48.24
CA ARG B 72 -29.94 29.28 48.89
C ARG B 72 -30.20 28.17 47.85
N PHE B 73 -29.18 27.30 47.73
CA PHE B 73 -29.07 26.19 46.78
C PHE B 73 -29.88 24.95 47.19
N ASP B 74 -30.69 25.06 48.26
CA ASP B 74 -31.57 23.97 48.71
C ASP B 74 -32.75 23.82 47.73
N LEU B 75 -33.12 24.93 47.06
CA LEU B 75 -34.21 24.99 46.07
C LEU B 75 -33.73 24.62 44.65
N LEU B 76 -32.39 24.63 44.42
CA LEU B 76 -31.76 24.36 43.12
C LEU B 76 -32.21 23.03 42.47
N PRO B 77 -32.23 21.86 43.17
CA PRO B 77 -32.68 20.62 42.51
C PRO B 77 -34.13 20.65 42.02
N ARG B 78 -35.02 21.37 42.75
CA ARG B 78 -36.44 21.52 42.42
C ARG B 78 -36.61 22.30 41.12
N TYR B 79 -35.95 23.47 40.99
CA TYR B 79 -35.97 24.34 39.81
C TYR B 79 -35.33 23.68 38.59
N MET B 80 -34.27 22.88 38.82
CA MET B 80 -33.54 22.14 37.79
C MET B 80 -34.44 21.05 37.20
N LEU B 81 -35.23 20.38 38.06
CA LEU B 81 -36.17 19.32 37.69
C LEU B 81 -37.31 19.88 36.84
N ILE B 82 -37.78 21.10 37.17
CA ILE B 82 -38.85 21.79 36.43
C ILE B 82 -38.31 22.18 35.06
N LEU B 83 -37.09 22.77 35.02
CA LEU B 83 -36.40 23.18 33.79
C LEU B 83 -36.08 21.98 32.89
N GLY B 84 -35.75 20.85 33.51
CA GLY B 84 -35.45 19.59 32.82
C GLY B 84 -36.67 19.00 32.13
N THR B 85 -37.84 19.04 32.82
CA THR B 85 -39.13 18.56 32.32
C THR B 85 -39.58 19.43 31.14
N ILE B 86 -39.31 20.76 31.23
CA ILE B 86 -39.62 21.74 30.18
C ILE B 86 -38.85 21.36 28.91
N TYR B 87 -37.52 21.13 29.02
CA TYR B 87 -36.65 20.74 27.91
C TYR B 87 -37.04 19.39 27.31
N ALA B 88 -37.42 18.42 28.18
CA ALA B 88 -37.85 17.09 27.77
C ALA B 88 -39.15 17.19 26.99
N LEU B 89 -40.08 18.07 27.42
CA LEU B 89 -41.35 18.31 26.75
C LEU B 89 -41.14 19.04 25.43
N THR B 90 -40.23 20.05 25.41
CA THR B 90 -39.90 20.85 24.21
C THR B 90 -39.29 19.98 23.09
N SER B 91 -38.34 19.10 23.46
CA SER B 91 -37.66 18.19 22.52
C SER B 91 -38.63 17.13 21.99
N LEU B 92 -39.51 16.59 22.86
CA LEU B 92 -40.51 15.59 22.49
C LEU B 92 -41.54 16.19 21.53
N LEU B 93 -41.93 17.47 21.76
CA LEU B 93 -42.87 18.19 20.92
C LEU B 93 -42.28 18.47 19.54
N PHE B 94 -40.97 18.81 19.47
CA PHE B 94 -40.25 19.07 18.21
C PHE B 94 -40.26 17.80 17.35
N TRP B 95 -39.97 16.64 17.99
CA TRP B 95 -39.96 15.33 17.34
C TRP B 95 -41.35 14.99 16.83
N LEU B 96 -42.38 15.19 17.69
CA LEU B 96 -43.79 14.93 17.37
C LEU B 96 -44.26 15.80 16.21
N GLN B 97 -43.81 17.07 16.17
CA GLN B 97 -44.13 18.04 15.12
C GLN B 97 -43.55 17.59 13.78
N GLY B 98 -42.24 17.30 13.78
CA GLY B 98 -41.49 16.86 12.60
C GLY B 98 -41.98 15.56 12.01
N LYS B 99 -42.21 14.53 12.87
CA LYS B 99 -42.67 13.19 12.48
C LYS B 99 -44.02 13.22 11.75
N ILE B 100 -45.05 13.88 12.35
CA ILE B 100 -46.39 13.97 11.75
C ILE B 100 -46.39 14.87 10.51
N MET B 101 -45.52 15.90 10.48
CA MET B 101 -45.43 16.81 9.35
C MET B 101 -44.76 16.20 8.14
N LEU B 102 -43.71 15.38 8.35
CA LEU B 102 -42.96 14.70 7.28
C LEU B 102 -43.89 13.79 6.46
N THR B 103 -44.75 13.02 7.14
CA THR B 103 -45.72 12.12 6.51
C THR B 103 -46.84 12.93 5.86
N LEU B 104 -47.27 14.05 6.51
CA LEU B 104 -48.31 14.95 6.01
C LEU B 104 -47.88 15.59 4.68
N SER B 105 -46.63 16.12 4.64
CA SER B 105 -46.05 16.79 3.47
C SER B 105 -45.85 15.85 2.29
N GLN B 106 -45.39 14.61 2.55
CA GLN B 106 -45.14 13.62 1.51
C GLN B 106 -46.42 13.06 0.89
N ASP B 107 -47.55 13.09 1.63
CA ASP B 107 -48.86 12.66 1.16
C ASP B 107 -49.37 13.65 0.10
N VAL B 108 -49.01 14.95 0.27
CA VAL B 108 -49.36 16.05 -0.64
C VAL B 108 -48.54 15.90 -1.93
N VAL B 109 -47.19 15.75 -1.79
CA VAL B 109 -46.22 15.57 -2.88
C VAL B 109 -46.59 14.34 -3.74
N PHE B 110 -46.99 13.22 -3.07
CA PHE B 110 -47.43 11.99 -3.72
C PHE B 110 -48.68 12.23 -4.55
N ARG B 111 -49.69 12.95 -3.98
CA ARG B 111 -50.95 13.29 -4.63
C ARG B 111 -50.70 14.13 -5.89
N LEU B 112 -49.80 15.14 -5.80
CA LEU B 112 -49.43 16.02 -6.92
C LEU B 112 -48.77 15.24 -8.07
N ARG B 113 -47.89 14.27 -7.74
CA ARG B 113 -47.21 13.41 -8.71
C ARG B 113 -48.22 12.46 -9.38
N LYS B 114 -49.12 11.87 -8.57
CA LYS B 114 -50.20 10.97 -9.01
C LYS B 114 -51.09 11.72 -10.01
N GLU B 115 -51.55 12.93 -9.62
CA GLU B 115 -52.39 13.82 -10.44
C GLU B 115 -51.76 14.15 -11.78
N LEU B 116 -50.41 14.29 -11.83
CA LEU B 116 -49.68 14.57 -13.05
C LEU B 116 -49.71 13.39 -14.03
N PHE B 117 -49.29 12.20 -13.56
CA PHE B 117 -49.25 10.98 -14.36
C PHE B 117 -50.63 10.58 -14.87
N GLU B 118 -51.65 10.60 -13.97
CA GLU B 118 -53.05 10.28 -14.30
C GLU B 118 -53.60 11.20 -15.39
N LYS B 119 -53.20 12.50 -15.36
CA LYS B 119 -53.60 13.52 -16.34
C LYS B 119 -53.07 13.21 -17.74
N LEU B 120 -51.79 12.81 -17.83
CA LEU B 120 -51.12 12.47 -19.10
C LEU B 120 -51.80 11.29 -19.80
N GLN B 121 -52.33 10.33 -19.03
CA GLN B 121 -53.05 9.16 -19.54
C GLN B 121 -54.41 9.55 -20.15
N ARG B 122 -54.93 10.75 -19.79
CA ARG B 122 -56.19 11.30 -20.28
C ARG B 122 -55.97 12.28 -21.44
N VAL B 123 -54.82 12.99 -21.43
CA VAL B 123 -54.37 14.00 -22.41
C VAL B 123 -54.18 13.39 -23.82
N PRO B 124 -54.55 14.12 -24.91
CA PRO B 124 -54.37 13.56 -26.28
C PRO B 124 -52.92 13.33 -26.70
N VAL B 125 -52.73 12.40 -27.67
CA VAL B 125 -51.45 11.98 -28.25
C VAL B 125 -50.65 13.15 -28.83
N GLY B 126 -51.34 14.08 -29.47
CA GLY B 126 -50.78 15.28 -30.09
C GLY B 126 -49.83 16.08 -29.22
N PHE B 127 -50.09 16.11 -27.89
CA PHE B 127 -49.29 16.80 -26.88
C PHE B 127 -47.88 16.22 -26.75
N PHE B 128 -47.78 14.89 -26.59
CA PHE B 128 -46.54 14.14 -26.43
C PHE B 128 -45.58 14.30 -27.61
N ASP B 129 -46.13 14.40 -28.82
CA ASP B 129 -45.37 14.58 -30.06
C ASP B 129 -44.74 15.98 -30.15
N ARG B 130 -45.51 17.03 -29.79
CA ARG B 130 -45.06 18.42 -29.86
C ARG B 130 -44.23 18.90 -28.66
N THR B 131 -44.51 18.39 -27.43
CA THR B 131 -43.77 18.80 -26.23
C THR B 131 -42.60 17.85 -25.90
N PRO B 132 -41.41 18.38 -25.51
CA PRO B 132 -40.27 17.48 -25.18
C PRO B 132 -40.54 16.62 -23.96
N HIS B 133 -40.20 15.31 -24.05
CA HIS B 133 -40.42 14.35 -22.97
C HIS B 133 -39.64 14.66 -21.70
N GLY B 134 -38.41 15.15 -21.85
CA GLY B 134 -37.53 15.53 -20.74
C GLY B 134 -38.10 16.64 -19.87
N ASP B 135 -38.81 17.58 -20.50
CA ASP B 135 -39.48 18.71 -19.83
C ASP B 135 -40.61 18.17 -18.94
N ILE B 136 -41.37 17.17 -19.44
CA ILE B 136 -42.47 16.52 -18.71
C ILE B 136 -41.89 15.78 -17.50
N ILE B 137 -40.75 15.07 -17.68
CA ILE B 137 -40.02 14.33 -16.63
C ILE B 137 -39.54 15.30 -15.53
N SER B 138 -39.09 16.52 -15.93
CA SER B 138 -38.66 17.59 -15.01
C SER B 138 -39.84 18.06 -14.16
N ARG B 139 -41.01 18.28 -14.80
CA ARG B 139 -42.26 18.72 -14.15
C ARG B 139 -42.76 17.72 -13.11
N VAL B 140 -42.56 16.41 -13.36
CA VAL B 140 -42.99 15.34 -12.46
C VAL B 140 -42.07 15.22 -11.23
N ILE B 141 -40.75 15.37 -11.42
CA ILE B 141 -39.79 15.20 -10.32
C ILE B 141 -39.26 16.55 -9.79
N ASN B 142 -38.46 17.28 -10.59
CA ASN B 142 -37.83 18.55 -10.20
C ASN B 142 -38.81 19.63 -9.74
N ASP B 143 -39.98 19.78 -10.42
CA ASP B 143 -40.99 20.78 -10.07
C ASP B 143 -41.83 20.40 -8.85
N VAL B 144 -42.21 19.11 -8.71
CA VAL B 144 -43.00 18.61 -7.58
C VAL B 144 -42.14 18.56 -6.31
N ASP B 145 -40.83 18.25 -6.46
CA ASP B 145 -39.91 18.22 -5.32
C ASP B 145 -39.61 19.65 -4.84
N ASN B 146 -39.86 20.64 -5.71
CA ASN B 146 -39.68 22.06 -5.42
C ASN B 146 -40.83 22.65 -4.60
N ILE B 147 -42.00 21.98 -4.55
CA ILE B 147 -43.14 22.47 -3.75
C ILE B 147 -43.04 21.92 -2.30
N ASN B 148 -41.88 21.34 -1.93
CA ASN B 148 -41.61 20.83 -0.60
C ASN B 148 -41.21 21.98 0.35
N ASN B 149 -40.75 23.13 -0.21
CA ASN B 149 -40.33 24.30 0.57
C ASN B 149 -41.53 25.23 0.93
N VAL B 150 -42.76 24.70 0.83
CA VAL B 150 -44.01 25.33 1.24
C VAL B 150 -44.68 24.36 2.25
N LEU B 151 -44.09 23.15 2.38
CA LEU B 151 -44.52 22.06 3.25
C LEU B 151 -43.42 21.72 4.28
N GLY B 152 -43.72 20.80 5.19
CA GLY B 152 -42.80 20.33 6.22
C GLY B 152 -42.48 21.36 7.28
N ASN B 153 -41.19 21.76 7.35
CA ASN B 153 -40.70 22.75 8.31
C ASN B 153 -41.15 24.17 7.94
N SER B 154 -41.51 24.40 6.66
CA SER B 154 -42.00 25.68 6.15
C SER B 154 -43.36 26.03 6.79
N ILE B 155 -44.21 25.01 7.03
CA ILE B 155 -45.50 25.15 7.69
C ILE B 155 -45.27 25.37 9.20
N ILE B 156 -44.31 24.62 9.79
CA ILE B 156 -43.93 24.71 11.20
C ILE B 156 -43.41 26.12 11.53
N GLN B 157 -42.43 26.63 10.74
CA GLN B 157 -41.84 27.97 10.93
C GLN B 157 -42.85 29.11 10.73
N PHE B 158 -43.85 28.91 9.84
CA PHE B 158 -44.93 29.88 9.60
C PHE B 158 -45.83 29.91 10.84
N PHE B 159 -46.24 28.72 11.34
CA PHE B 159 -47.07 28.54 12.53
C PHE B 159 -46.37 29.10 13.77
N SER B 160 -45.04 28.88 13.89
CA SER B 160 -44.20 29.37 14.99
C SER B 160 -44.03 30.88 14.92
N GLY B 161 -43.97 31.40 13.71
CA GLY B 161 -43.82 32.83 13.45
C GLY B 161 -45.05 33.63 13.81
N ILE B 162 -46.23 33.20 13.32
CA ILE B 162 -47.52 33.87 13.55
C ILE B 162 -47.92 33.88 15.03
N VAL B 163 -47.55 32.84 15.81
CA VAL B 163 -47.86 32.79 17.24
C VAL B 163 -46.93 33.76 18.01
N THR B 164 -45.60 33.71 17.78
CA THR B 164 -44.61 34.58 18.40
C THR B 164 -44.86 36.05 18.09
N LEU B 165 -45.26 36.36 16.83
CA LEU B 165 -45.59 37.72 16.36
C LEU B 165 -46.80 38.26 17.15
N ALA B 166 -47.84 37.42 17.31
CA ALA B 166 -49.06 37.75 18.06
C ALA B 166 -48.75 37.90 19.55
N GLY B 167 -47.84 37.04 20.04
CA GLY B 167 -47.40 37.03 21.43
C GLY B 167 -46.58 38.25 21.79
N ALA B 168 -45.69 38.68 20.89
CA ALA B 168 -44.83 39.85 21.11
C ALA B 168 -45.59 41.16 21.01
N VAL B 169 -46.48 41.30 19.99
CA VAL B 169 -47.28 42.50 19.75
C VAL B 169 -48.21 42.81 20.95
N ILE B 170 -48.73 41.78 21.66
CA ILE B 170 -49.59 41.99 22.83
C ILE B 170 -48.75 42.40 24.04
N MET B 171 -47.47 41.96 24.08
CA MET B 171 -46.50 42.29 25.14
C MET B 171 -45.91 43.69 24.95
N MET B 172 -45.85 44.17 23.69
CA MET B 172 -45.34 45.49 23.35
C MET B 172 -46.27 46.57 23.88
N PHE B 173 -47.58 46.44 23.59
CA PHE B 173 -48.65 47.35 24.03
C PHE B 173 -48.83 47.28 25.55
N ARG B 174 -48.38 46.16 26.16
CA ARG B 174 -48.39 45.93 27.61
C ARG B 174 -47.29 46.78 28.26
N VAL B 175 -46.19 47.04 27.52
CA VAL B 175 -45.05 47.86 27.95
C VAL B 175 -45.37 49.36 27.68
N ASN B 176 -45.41 49.77 26.40
CA ASN B 176 -45.71 51.16 26.01
C ASN B 176 -46.46 51.21 24.67
N VAL B 177 -47.72 51.69 24.72
CA VAL B 177 -48.64 51.84 23.58
C VAL B 177 -48.10 52.85 22.55
N ILE B 178 -47.57 53.99 23.04
CA ILE B 178 -47.02 55.09 22.23
C ILE B 178 -45.85 54.60 21.36
N LEU B 179 -44.89 53.87 21.96
CA LEU B 179 -43.73 53.32 21.27
C LEU B 179 -44.08 52.14 20.37
N SER B 180 -45.17 51.41 20.69
CA SER B 180 -45.66 50.26 19.92
C SER B 180 -46.11 50.67 18.52
N LEU B 181 -46.68 51.88 18.42
CA LEU B 181 -47.15 52.46 17.16
C LEU B 181 -45.96 52.81 16.26
N VAL B 182 -44.82 53.19 16.87
CA VAL B 182 -43.56 53.54 16.19
C VAL B 182 -42.96 52.30 15.54
N THR B 183 -42.98 51.16 16.26
CA THR B 183 -42.49 49.87 15.76
C THR B 183 -43.43 49.29 14.70
N LEU B 184 -44.73 49.63 14.78
CA LEU B 184 -45.71 49.17 13.80
C LEU B 184 -45.70 50.03 12.54
N SER B 185 -45.23 51.29 12.65
CA SER B 185 -45.16 52.21 11.51
C SER B 185 -44.02 51.87 10.52
N ILE B 186 -43.04 51.03 10.95
CA ILE B 186 -41.93 50.59 10.10
C ILE B 186 -42.28 49.30 9.33
N VAL B 187 -43.38 48.62 9.75
CA VAL B 187 -43.90 47.37 9.16
C VAL B 187 -44.27 47.57 7.65
N PRO B 188 -45.00 48.64 7.22
CA PRO B 188 -45.30 48.78 5.77
C PRO B 188 -44.07 48.87 4.87
N LEU B 189 -42.93 49.37 5.40
CA LEU B 189 -41.66 49.47 4.68
C LEU B 189 -41.06 48.07 4.50
N THR B 190 -41.16 47.22 5.55
CA THR B 190 -40.68 45.83 5.56
C THR B 190 -41.51 44.99 4.57
N VAL B 191 -42.84 45.20 4.55
CA VAL B 191 -43.76 44.51 3.65
C VAL B 191 -43.50 44.93 2.19
N LEU B 192 -43.24 46.24 1.97
CA LEU B 192 -42.96 46.79 0.63
C LEU B 192 -41.69 46.20 0.02
N ILE B 193 -40.58 46.15 0.78
CA ILE B 193 -39.31 45.59 0.31
C ILE B 193 -39.42 44.06 0.10
N THR B 194 -40.33 43.39 0.85
CA THR B 194 -40.60 41.96 0.70
C THR B 194 -41.31 41.78 -0.64
N GLN B 195 -42.33 42.62 -0.94
CA GLN B 195 -43.12 42.62 -2.17
C GLN B 195 -42.30 42.83 -3.44
N ILE B 196 -41.24 43.67 -3.36
CA ILE B 196 -40.33 43.97 -4.46
C ILE B 196 -39.42 42.76 -4.75
N VAL B 197 -38.78 42.21 -3.70
CA VAL B 197 -37.87 41.07 -3.78
C VAL B 197 -38.62 39.77 -4.16
N SER B 198 -39.78 39.49 -3.52
CA SER B 198 -40.60 38.30 -3.78
C SER B 198 -41.07 38.18 -5.22
N SER B 199 -41.47 39.32 -5.84
CA SER B 199 -41.92 39.38 -7.24
C SER B 199 -40.77 39.03 -8.19
N GLN B 200 -39.55 39.48 -7.86
CA GLN B 200 -38.33 39.22 -8.63
C GLN B 200 -37.88 37.77 -8.43
N THR B 201 -38.09 37.20 -7.21
CA THR B 201 -37.76 35.81 -6.86
C THR B 201 -38.57 34.84 -7.73
N ARG B 202 -39.89 35.08 -7.86
CA ARG B 202 -40.81 34.25 -8.65
C ARG B 202 -40.51 34.39 -10.16
N LYS B 203 -40.08 35.59 -10.59
CA LYS B 203 -39.73 35.92 -11.96
C LYS B 203 -38.59 35.02 -12.45
N TYR B 204 -37.43 35.08 -11.77
CA TYR B 204 -36.25 34.29 -12.12
C TYR B 204 -36.36 32.81 -11.76
N PHE B 205 -37.21 32.43 -10.78
CA PHE B 205 -37.35 31.02 -10.42
C PHE B 205 -38.23 30.24 -11.40
N TYR B 206 -39.28 30.88 -11.94
CA TYR B 206 -40.15 30.24 -12.95
C TYR B 206 -39.34 30.05 -14.22
N GLU B 207 -38.47 31.04 -14.53
CA GLU B 207 -37.56 31.04 -15.66
C GLU B 207 -36.49 29.95 -15.49
N ASN B 208 -36.02 29.72 -14.26
CA ASN B 208 -35.04 28.69 -13.92
C ASN B 208 -35.62 27.30 -14.19
N GLN B 209 -36.88 27.08 -13.76
CA GLN B 209 -37.57 25.81 -13.91
C GLN B 209 -37.92 25.47 -15.37
N ARG B 210 -38.17 26.50 -16.23
CA ARG B 210 -38.47 26.26 -17.65
C ARG B 210 -37.21 25.96 -18.47
N VAL B 211 -36.05 26.56 -18.08
CA VAL B 211 -34.74 26.33 -18.71
C VAL B 211 -34.23 24.95 -18.27
N LEU B 212 -34.63 24.51 -17.05
CA LEU B 212 -34.29 23.21 -16.48
C LEU B 212 -34.95 22.09 -17.28
N GLY B 213 -36.23 22.29 -17.62
CA GLY B 213 -37.01 21.37 -18.44
C GLY B 213 -36.45 21.28 -19.85
N GLN B 214 -35.95 22.43 -20.37
CA GLN B 214 -35.32 22.56 -21.68
C GLN B 214 -34.05 21.72 -21.72
N LEU B 215 -33.20 21.85 -20.67
CA LEU B 215 -31.96 21.11 -20.51
C LEU B 215 -32.27 19.62 -20.38
N ASN B 216 -33.33 19.27 -19.62
CA ASN B 216 -33.79 17.89 -19.42
C ASN B 216 -34.30 17.26 -20.71
N GLY B 217 -34.86 18.08 -21.60
CA GLY B 217 -35.35 17.65 -22.91
C GLY B 217 -34.21 17.26 -23.82
N ILE B 218 -33.08 18.01 -23.75
CA ILE B 218 -31.86 17.77 -24.54
C ILE B 218 -31.17 16.48 -24.10
N ILE B 219 -30.89 16.36 -22.78
CA ILE B 219 -30.23 15.18 -22.20
C ILE B 219 -31.02 13.90 -22.58
N GLU B 220 -32.36 13.92 -22.40
CA GLU B 220 -33.27 12.83 -22.70
C GLU B 220 -33.23 12.42 -24.18
N GLU B 221 -33.42 13.37 -25.11
CA GLU B 221 -33.42 13.11 -26.55
C GLU B 221 -32.05 12.68 -27.06
N ASP B 222 -30.97 13.32 -26.59
CA ASP B 222 -29.60 12.99 -27.00
C ASP B 222 -29.17 11.59 -26.60
N ILE B 223 -29.50 11.15 -25.38
CA ILE B 223 -29.19 9.79 -24.90
C ILE B 223 -29.94 8.77 -25.78
N SER B 224 -31.24 9.01 -26.03
CA SER B 224 -32.08 8.15 -26.85
C SER B 224 -31.87 8.47 -28.35
N GLY B 225 -30.75 8.01 -28.88
CA GLY B 225 -30.36 8.25 -30.27
C GLY B 225 -28.93 8.75 -30.37
N LEU B 226 -28.15 8.49 -29.30
CA LEU B 226 -26.73 8.83 -29.16
C LEU B 226 -25.92 8.19 -30.29
N THR B 227 -26.40 7.04 -30.80
CA THR B 227 -25.79 6.29 -31.91
C THR B 227 -25.70 7.22 -33.12
N VAL B 228 -26.83 7.86 -33.50
CA VAL B 228 -26.95 8.80 -34.61
C VAL B 228 -26.03 10.03 -34.41
N ILE B 229 -25.89 10.49 -33.15
CA ILE B 229 -25.00 11.61 -32.78
C ILE B 229 -23.55 11.17 -33.01
N LYS B 230 -23.22 9.93 -32.59
CA LYS B 230 -21.89 9.34 -32.73
C LYS B 230 -21.52 9.07 -34.19
N LEU B 231 -22.48 8.53 -34.98
CA LEU B 231 -22.36 8.19 -36.40
C LEU B 231 -22.08 9.39 -37.27
N PHE B 232 -22.65 10.55 -36.92
CA PHE B 232 -22.51 11.80 -37.66
C PHE B 232 -21.54 12.79 -36.99
N THR B 233 -20.79 12.30 -35.97
CA THR B 233 -19.79 13.04 -35.19
C THR B 233 -20.35 14.38 -34.63
N ARG B 234 -21.65 14.36 -34.25
CA ARG B 234 -22.37 15.51 -33.71
C ARG B 234 -22.14 15.75 -32.22
N GLU B 235 -21.21 14.99 -31.60
CA GLU B 235 -20.87 15.06 -30.17
C GLU B 235 -20.51 16.49 -29.74
N GLU B 236 -19.66 17.18 -30.53
CA GLU B 236 -19.23 18.56 -30.28
C GLU B 236 -20.35 19.56 -30.54
N LYS B 237 -21.10 19.39 -31.66
CA LYS B 237 -22.20 20.27 -32.01
C LYS B 237 -23.37 20.19 -31.03
N GLU B 238 -23.55 19.02 -30.37
CA GLU B 238 -24.58 18.82 -29.36
C GLU B 238 -24.10 19.36 -28.02
N MET B 239 -22.77 19.41 -27.81
CA MET B 239 -22.14 19.95 -26.59
C MET B 239 -22.35 21.46 -26.57
N GLU B 240 -22.09 22.15 -27.70
CA GLU B 240 -22.29 23.59 -27.81
C GLU B 240 -23.78 23.97 -27.83
N LYS B 241 -24.65 23.02 -28.23
CA LYS B 241 -26.11 23.15 -28.23
C LYS B 241 -26.58 23.10 -26.77
N PHE B 242 -25.98 22.19 -25.97
CA PHE B 242 -26.23 21.99 -24.55
C PHE B 242 -25.72 23.19 -23.75
N ASP B 243 -24.50 23.66 -24.08
CA ASP B 243 -23.83 24.79 -23.43
C ASP B 243 -24.63 26.09 -23.50
N ARG B 244 -25.49 26.25 -24.51
CA ARG B 244 -26.36 27.42 -24.67
C ARG B 244 -27.44 27.44 -23.58
N VAL B 245 -28.06 26.27 -23.32
CA VAL B 245 -29.12 26.09 -22.32
C VAL B 245 -28.52 26.00 -20.90
N ASN B 246 -27.32 25.39 -20.78
CA ASN B 246 -26.60 25.24 -19.51
C ASN B 246 -26.12 26.59 -18.98
N GLU B 247 -25.62 27.48 -19.87
CA GLU B 247 -25.18 28.83 -19.52
C GLU B 247 -26.38 29.69 -19.15
N SER B 248 -27.52 29.49 -19.85
CA SER B 248 -28.78 30.19 -19.59
C SER B 248 -29.32 29.82 -18.20
N LEU B 249 -29.19 28.53 -17.82
CA LEU B 249 -29.61 27.97 -16.53
C LEU B 249 -28.74 28.49 -15.39
N ARG B 250 -27.42 28.65 -15.65
CA ARG B 250 -26.44 29.17 -14.70
C ARG B 250 -26.72 30.66 -14.47
N LYS B 251 -27.03 31.41 -15.55
CA LYS B 251 -27.32 32.84 -15.53
C LYS B 251 -28.59 33.18 -14.74
N VAL B 252 -29.71 32.49 -15.02
CA VAL B 252 -30.99 32.72 -14.35
C VAL B 252 -31.01 32.12 -12.93
N GLY B 253 -30.24 31.05 -12.73
CA GLY B 253 -30.13 30.37 -11.44
C GLY B 253 -29.46 31.21 -10.38
N THR B 254 -28.39 31.94 -10.78
CA THR B 254 -27.64 32.86 -9.91
C THR B 254 -28.55 34.02 -9.48
N LYS B 255 -29.35 34.56 -10.43
CA LYS B 255 -30.31 35.65 -10.19
C LYS B 255 -31.38 35.22 -9.18
N ALA B 256 -31.93 34.00 -9.36
CA ALA B 256 -32.94 33.42 -8.47
C ALA B 256 -32.38 33.13 -7.07
N GLN B 257 -31.11 32.67 -6.99
CA GLN B 257 -30.42 32.36 -5.74
C GLN B 257 -30.10 33.63 -4.95
N ILE B 258 -29.68 34.71 -5.66
CA ILE B 258 -29.35 36.00 -5.04
C ILE B 258 -30.61 36.62 -4.43
N PHE B 259 -31.72 36.67 -5.20
CA PHE B 259 -32.99 37.21 -4.73
C PHE B 259 -33.63 36.41 -3.59
N SER B 260 -33.33 35.10 -3.50
CA SER B 260 -33.83 34.20 -2.46
C SER B 260 -33.31 34.56 -1.05
N GLY B 261 -32.04 34.97 -0.96
CA GLY B 261 -31.39 35.32 0.29
C GLY B 261 -30.90 36.75 0.44
N VAL B 262 -31.44 37.67 -0.38
CA VAL B 262 -31.08 39.09 -0.32
C VAL B 262 -31.89 39.82 0.79
N LEU B 263 -33.09 39.29 1.11
CA LEU B 263 -34.02 39.84 2.10
C LEU B 263 -33.48 39.82 3.55
N PRO B 264 -32.92 38.69 4.12
CA PRO B 264 -32.44 38.75 5.52
C PRO B 264 -31.43 39.88 5.84
N PRO B 265 -30.30 40.14 5.11
CA PRO B 265 -29.43 41.27 5.49
C PRO B 265 -30.06 42.64 5.26
N LEU B 266 -30.99 42.74 4.28
CA LEU B 266 -31.72 43.96 3.95
C LEU B 266 -32.67 44.34 5.10
N MET B 267 -33.28 43.33 5.75
CA MET B 267 -34.21 43.55 6.86
C MET B 267 -33.50 43.98 8.14
N ASN B 268 -32.23 43.52 8.36
CA ASN B 268 -31.41 43.93 9.51
C ASN B 268 -31.08 45.42 9.42
N MET B 269 -30.99 45.96 8.18
CA MET B 269 -30.76 47.38 7.92
C MET B 269 -32.05 48.16 8.28
N VAL B 270 -33.23 47.60 7.94
CA VAL B 270 -34.55 48.16 8.23
C VAL B 270 -34.79 48.19 9.75
N ASN B 271 -34.40 47.11 10.46
CA ASN B 271 -34.53 46.99 11.92
C ASN B 271 -33.73 48.09 12.62
N ASN B 272 -32.50 48.35 12.15
CA ASN B 272 -31.61 49.39 12.67
C ASN B 272 -32.16 50.79 12.50
N LEU B 273 -32.90 51.03 11.39
CA LEU B 273 -33.56 52.31 11.11
C LEU B 273 -34.68 52.53 12.14
N GLY B 274 -35.39 51.45 12.46
CA GLY B 274 -36.46 51.43 13.46
C GLY B 274 -35.93 51.57 14.87
N PHE B 275 -34.78 50.93 15.16
CA PHE B 275 -34.10 50.97 16.46
C PHE B 275 -33.67 52.39 16.81
N ALA B 276 -33.15 53.13 15.81
CA ALA B 276 -32.72 54.52 15.95
C ALA B 276 -33.94 55.43 16.10
N LEU B 277 -35.03 55.08 15.38
CA LEU B 277 -36.31 55.80 15.38
C LEU B 277 -37.00 55.70 16.76
N ILE B 278 -37.00 54.48 17.35
CA ILE B 278 -37.62 54.25 18.67
C ILE B 278 -36.73 54.79 19.80
N SER B 279 -35.41 54.94 19.55
CA SER B 279 -34.45 55.51 20.52
C SER B 279 -34.70 57.02 20.59
N GLY B 280 -35.02 57.61 19.44
CA GLY B 280 -35.34 59.03 19.30
C GLY B 280 -36.68 59.35 19.90
N PHE B 281 -37.70 58.51 19.59
CA PHE B 281 -39.07 58.64 20.10
C PHE B 281 -39.11 58.38 21.61
N GLY B 282 -38.39 57.34 22.05
CA GLY B 282 -38.27 56.94 23.45
C GLY B 282 -37.58 57.99 24.30
N GLY B 283 -36.53 58.59 23.72
CA GLY B 283 -35.76 59.67 24.34
C GLY B 283 -36.59 60.93 24.50
N TRP B 284 -37.47 61.19 23.51
CA TRP B 284 -38.41 62.31 23.48
C TRP B 284 -39.47 62.17 24.58
N LEU B 285 -40.03 60.96 24.74
CA LEU B 285 -41.07 60.64 25.73
C LEU B 285 -40.55 60.75 27.17
N ALA B 286 -39.26 60.38 27.39
CA ALA B 286 -38.58 60.46 28.69
C ALA B 286 -38.37 61.91 29.10
N LEU B 287 -38.10 62.80 28.11
CA LEU B 287 -37.93 64.23 28.30
C LEU B 287 -39.27 64.93 28.55
N LYS B 288 -40.40 64.28 28.18
CA LYS B 288 -41.76 64.79 28.36
C LYS B 288 -42.40 64.31 29.68
N ASP B 289 -41.59 63.66 30.56
CA ASP B 289 -41.96 63.12 31.88
C ASP B 289 -43.03 61.99 31.77
N ILE B 290 -43.10 61.31 30.61
CA ILE B 290 -44.05 60.22 30.34
C ILE B 290 -43.46 58.87 30.81
N ILE B 291 -42.23 58.56 30.39
CA ILE B 291 -41.51 57.34 30.74
C ILE B 291 -40.09 57.63 31.27
N THR B 292 -39.29 56.58 31.53
CA THR B 292 -37.91 56.72 32.01
C THR B 292 -36.90 56.12 31.00
N VAL B 293 -35.59 56.26 31.29
CA VAL B 293 -34.48 55.73 30.47
C VAL B 293 -34.52 54.19 30.48
N GLY B 294 -34.92 53.61 31.60
CA GLY B 294 -35.08 52.17 31.80
C GLY B 294 -36.13 51.55 30.90
N THR B 295 -37.21 52.31 30.60
CA THR B 295 -38.32 51.90 29.73
C THR B 295 -37.85 51.77 28.27
N ILE B 296 -36.95 52.67 27.81
CA ILE B 296 -36.37 52.66 26.45
C ILE B 296 -35.50 51.40 26.29
N ALA B 297 -34.69 51.07 27.32
CA ALA B 297 -33.81 49.90 27.38
C ALA B 297 -34.62 48.60 27.43
N THR B 298 -35.86 48.66 27.94
CA THR B 298 -36.77 47.52 28.05
C THR B 298 -37.53 47.33 26.73
N PHE B 299 -38.04 48.44 26.13
CA PHE B 299 -38.79 48.41 24.87
C PHE B 299 -37.96 47.88 23.69
N ILE B 300 -36.63 48.16 23.68
CA ILE B 300 -35.72 47.67 22.64
C ILE B 300 -35.60 46.14 22.69
N GLY B 301 -35.77 45.59 23.90
CA GLY B 301 -35.75 44.16 24.15
C GLY B 301 -37.02 43.49 23.65
N TYR B 302 -38.18 44.13 23.91
CA TYR B 302 -39.50 43.67 23.48
C TYR B 302 -39.72 43.83 21.97
N SER B 303 -39.02 44.80 21.33
CA SER B 303 -39.10 45.02 19.89
C SER B 303 -38.37 43.91 19.14
N ARG B 304 -37.29 43.37 19.74
CA ARG B 304 -36.47 42.27 19.21
C ARG B 304 -37.29 40.98 19.12
N GLN B 305 -38.18 40.72 20.09
CA GLN B 305 -39.03 39.52 20.06
C GLN B 305 -40.21 39.68 19.06
N PHE B 306 -40.39 40.89 18.49
CA PHE B 306 -41.39 41.20 17.46
C PHE B 306 -40.76 41.21 16.06
N THR B 307 -39.55 41.81 15.93
CA THR B 307 -38.82 41.91 14.66
C THR B 307 -38.40 40.53 14.17
N ARG B 308 -37.92 39.66 15.09
CA ARG B 308 -37.49 38.28 14.79
C ARG B 308 -38.58 37.52 13.99
N PRO B 309 -39.83 37.30 14.49
CA PRO B 309 -40.84 36.61 13.67
C PRO B 309 -41.27 37.39 12.41
N LEU B 310 -41.31 38.74 12.49
CA LEU B 310 -41.69 39.60 11.35
C LEU B 310 -40.72 39.44 10.18
N ASN B 311 -39.42 39.36 10.48
CA ASN B 311 -38.38 39.18 9.46
C ASN B 311 -38.38 37.74 8.94
N GLU B 312 -38.62 36.76 9.84
CA GLU B 312 -38.69 35.33 9.52
C GLU B 312 -39.87 35.02 8.59
N LEU B 313 -41.07 35.57 8.89
CA LEU B 313 -42.29 35.39 8.09
C LEU B 313 -42.15 36.06 6.72
N SER B 314 -41.46 37.22 6.67
CA SER B 314 -41.20 37.97 5.44
C SER B 314 -40.23 37.20 4.54
N ASN B 315 -39.18 36.59 5.14
CA ASN B 315 -38.20 35.77 4.43
C ASN B 315 -38.87 34.48 3.93
N GLN B 316 -39.81 33.92 4.72
CA GLN B 316 -40.57 32.73 4.35
C GLN B 316 -41.44 33.00 3.13
N PHE B 317 -41.98 34.24 3.01
CA PHE B 317 -42.79 34.66 1.87
C PHE B 317 -41.94 34.71 0.59
N ASN B 318 -40.65 35.06 0.74
CA ASN B 318 -39.69 35.12 -0.35
C ASN B 318 -39.29 33.69 -0.75
N MET B 319 -39.22 32.78 0.24
CA MET B 319 -38.87 31.37 0.03
C MET B 319 -39.98 30.56 -0.63
N ILE B 320 -41.26 30.85 -0.31
CA ILE B 320 -42.41 30.12 -0.88
C ILE B 320 -42.64 30.48 -2.37
N GLN B 321 -41.97 31.53 -2.89
CA GLN B 321 -42.04 31.96 -4.30
C GLN B 321 -41.40 30.91 -5.22
N MET B 322 -40.43 30.13 -4.68
CA MET B 322 -39.74 29.05 -5.37
C MET B 322 -40.69 27.88 -5.63
N ALA B 323 -41.62 27.63 -4.67
CA ALA B 323 -42.65 26.59 -4.73
C ALA B 323 -43.81 27.06 -5.59
N LEU B 324 -44.18 28.35 -5.48
CA LEU B 324 -45.25 29.00 -6.23
C LEU B 324 -44.97 29.02 -7.73
N ALA B 325 -43.71 29.27 -8.12
CA ALA B 325 -43.27 29.28 -9.51
C ALA B 325 -43.33 27.86 -10.10
N SER B 326 -42.90 26.85 -9.30
CA SER B 326 -42.91 25.44 -9.67
C SER B 326 -44.32 24.89 -9.74
N ALA B 327 -45.23 25.39 -8.86
CA ALA B 327 -46.65 25.01 -8.80
C ALA B 327 -47.34 25.35 -10.11
N GLU B 328 -46.99 26.52 -10.71
CA GLU B 328 -47.53 26.98 -11.99
C GLU B 328 -47.27 25.94 -13.08
N ARG B 329 -46.01 25.43 -13.16
CA ARG B 329 -45.59 24.40 -14.11
C ARG B 329 -46.30 23.07 -13.91
N ILE B 330 -46.63 22.73 -12.65
CA ILE B 330 -47.36 21.52 -12.28
C ILE B 330 -48.82 21.69 -12.74
N PHE B 331 -49.47 22.81 -12.36
CA PHE B 331 -50.85 23.13 -12.71
C PHE B 331 -51.07 23.29 -14.23
N GLU B 332 -50.01 23.73 -14.97
CA GLU B 332 -50.04 23.90 -16.43
C GLU B 332 -50.46 22.60 -17.12
N ILE B 333 -49.89 21.47 -16.64
CA ILE B 333 -50.17 20.12 -17.12
C ILE B 333 -51.58 19.69 -16.66
N LEU B 334 -51.96 20.06 -15.42
CA LEU B 334 -53.24 19.73 -14.81
C LEU B 334 -54.47 20.42 -15.45
N ASP B 335 -54.26 21.43 -16.33
CA ASP B 335 -55.38 22.12 -17.00
C ASP B 335 -55.34 21.99 -18.54
N LEU B 336 -54.90 20.83 -19.05
CA LEU B 336 -54.84 20.58 -20.48
C LEU B 336 -56.09 19.85 -20.95
N GLU B 337 -56.74 20.32 -22.04
CA GLU B 337 -57.95 19.71 -22.57
C GLU B 337 -57.71 18.25 -22.97
N GLU B 338 -58.14 17.34 -22.08
CA GLU B 338 -57.99 15.90 -22.18
C GLU B 338 -59.04 15.22 -23.07
N GLU B 339 -58.72 13.99 -23.57
CA GLU B 339 -59.59 13.16 -24.40
C GLU B 339 -60.81 12.73 -23.56
N LYS B 340 -62.00 13.10 -24.01
CA LYS B 340 -63.26 12.80 -23.31
C LYS B 340 -64.23 12.04 -24.20
N ASP B 341 -64.97 11.09 -23.59
CA ASP B 341 -65.99 10.30 -24.28
C ASP B 341 -67.31 11.08 -24.30
N ASP B 342 -68.19 10.74 -25.25
CA ASP B 342 -69.50 11.38 -25.40
C ASP B 342 -70.38 11.07 -24.17
N PRO B 343 -71.23 12.01 -23.68
CA PRO B 343 -72.05 11.71 -22.49
C PRO B 343 -72.98 10.50 -22.66
N ASP B 344 -73.47 10.28 -23.89
CA ASP B 344 -74.36 9.16 -24.24
C ASP B 344 -73.64 8.12 -25.13
N ALA B 345 -72.32 7.92 -24.88
CA ALA B 345 -71.48 6.96 -25.62
C ALA B 345 -71.88 5.50 -25.34
N VAL B 346 -71.94 4.69 -26.41
CA VAL B 346 -72.35 3.28 -26.36
C VAL B 346 -71.13 2.32 -26.41
N GLU B 347 -71.27 1.14 -25.78
CA GLU B 347 -70.27 0.08 -25.75
C GLU B 347 -70.60 -0.93 -26.85
N LEU B 348 -69.60 -1.27 -27.68
CA LEU B 348 -69.77 -2.21 -28.80
C LEU B 348 -69.87 -3.67 -28.32
N ARG B 349 -71.09 -4.22 -28.36
CA ARG B 349 -71.38 -5.60 -27.96
C ARG B 349 -71.55 -6.46 -29.21
N GLU B 350 -70.98 -7.70 -29.19
CA GLU B 350 -71.00 -8.69 -30.28
C GLU B 350 -70.43 -8.09 -31.58
N VAL B 351 -69.10 -7.84 -31.58
CA VAL B 351 -68.36 -7.22 -32.68
C VAL B 351 -68.27 -8.18 -33.88
N ARG B 352 -68.51 -7.65 -35.10
CA ARG B 352 -68.44 -8.39 -36.36
C ARG B 352 -67.33 -7.88 -37.29
N GLY B 353 -67.24 -6.55 -37.41
CA GLY B 353 -66.21 -5.89 -38.22
C GLY B 353 -66.68 -5.14 -39.45
N GLU B 354 -67.73 -4.31 -39.30
CA GLU B 354 -68.27 -3.51 -40.41
C GLU B 354 -67.65 -2.10 -40.38
N ILE B 355 -66.48 -1.98 -41.01
CA ILE B 355 -65.70 -0.74 -41.10
C ILE B 355 -66.22 0.10 -42.28
N GLU B 356 -66.48 1.40 -42.08
CA GLU B 356 -66.91 2.28 -43.16
C GLU B 356 -66.46 3.73 -42.96
N PHE B 357 -66.02 4.36 -44.06
CA PHE B 357 -65.59 5.75 -44.13
C PHE B 357 -66.56 6.50 -45.05
N LYS B 358 -67.09 7.64 -44.60
CA LYS B 358 -68.06 8.44 -45.37
C LYS B 358 -67.60 9.89 -45.56
N ASN B 359 -67.02 10.18 -46.75
CA ASN B 359 -66.51 11.49 -47.17
C ASN B 359 -65.65 12.16 -46.10
N VAL B 360 -64.62 11.43 -45.63
CA VAL B 360 -63.72 11.84 -44.55
C VAL B 360 -62.62 12.79 -45.04
N TRP B 361 -62.44 13.90 -44.30
CA TRP B 361 -61.44 14.93 -44.53
C TRP B 361 -60.65 15.13 -43.25
N PHE B 362 -59.30 15.20 -43.35
CA PHE B 362 -58.43 15.41 -42.20
C PHE B 362 -57.13 16.15 -42.56
N SER B 363 -56.63 16.93 -41.60
CA SER B 363 -55.37 17.70 -41.64
C SER B 363 -54.79 17.76 -40.23
N TYR B 364 -53.48 17.57 -40.10
CA TYR B 364 -52.79 17.61 -38.80
C TYR B 364 -52.55 19.06 -38.37
N ASP B 365 -51.98 19.90 -39.27
CA ASP B 365 -51.68 21.32 -39.05
C ASP B 365 -52.94 22.20 -39.15
N LYS B 366 -54.06 21.62 -39.65
CA LYS B 366 -55.39 22.23 -39.83
C LYS B 366 -55.35 23.41 -40.83
N LYS B 367 -54.37 23.38 -41.76
CA LYS B 367 -54.16 24.38 -42.81
C LYS B 367 -54.13 23.69 -44.18
N LYS B 368 -53.17 22.74 -44.35
CA LYS B 368 -52.99 21.95 -45.58
C LYS B 368 -53.64 20.58 -45.36
N PRO B 369 -54.71 20.22 -46.14
CA PRO B 369 -55.36 18.93 -45.92
C PRO B 369 -54.51 17.70 -46.29
N VAL B 370 -54.57 16.67 -45.45
CA VAL B 370 -53.86 15.40 -45.64
C VAL B 370 -54.80 14.44 -46.37
N LEU B 371 -55.99 14.15 -45.79
CA LEU B 371 -57.00 13.27 -46.38
C LEU B 371 -58.13 14.09 -46.99
N LYS B 372 -58.55 13.74 -48.21
CA LYS B 372 -59.57 14.45 -48.97
C LYS B 372 -60.70 13.52 -49.44
N ASP B 373 -61.91 13.69 -48.87
CA ASP B 373 -63.15 12.96 -49.19
C ASP B 373 -62.96 11.43 -49.26
N ILE B 374 -62.28 10.86 -48.25
CA ILE B 374 -61.99 9.43 -48.14
C ILE B 374 -63.29 8.68 -47.81
N THR B 375 -63.82 7.94 -48.80
CA THR B 375 -65.06 7.18 -48.66
C THR B 375 -64.92 5.76 -49.23
N PHE B 376 -65.10 4.75 -48.34
CA PHE B 376 -65.02 3.32 -48.65
C PHE B 376 -65.78 2.47 -47.63
N HIS B 377 -66.17 1.24 -48.03
CA HIS B 377 -66.88 0.29 -47.16
C HIS B 377 -66.20 -1.08 -47.12
N ILE B 378 -66.02 -1.62 -45.90
CA ILE B 378 -65.42 -2.93 -45.65
C ILE B 378 -66.44 -3.79 -44.88
N LYS B 379 -66.90 -4.90 -45.50
CA LYS B 379 -67.85 -5.81 -44.86
C LYS B 379 -67.12 -6.74 -43.86
N PRO B 380 -67.80 -7.30 -42.82
CA PRO B 380 -67.11 -8.13 -41.81
C PRO B 380 -66.42 -9.38 -42.34
N GLY B 381 -65.19 -9.60 -41.88
CA GLY B 381 -64.36 -10.75 -42.23
C GLY B 381 -63.40 -10.52 -43.38
N GLN B 382 -63.64 -9.47 -44.20
CA GLN B 382 -62.82 -9.14 -45.37
C GLN B 382 -61.40 -8.69 -45.04
N LYS B 383 -60.41 -9.32 -45.69
CA LYS B 383 -59.00 -8.95 -45.54
C LYS B 383 -58.72 -7.90 -46.63
N VAL B 384 -58.68 -6.63 -46.20
CA VAL B 384 -58.51 -5.46 -47.07
C VAL B 384 -57.07 -4.94 -47.04
N ALA B 385 -56.52 -4.60 -48.22
CA ALA B 385 -55.17 -4.07 -48.38
C ALA B 385 -55.21 -2.58 -48.70
N LEU B 386 -54.41 -1.79 -47.99
CA LEU B 386 -54.29 -0.35 -48.20
C LEU B 386 -52.88 -0.06 -48.75
N VAL B 387 -52.82 0.43 -50.00
CA VAL B 387 -51.56 0.68 -50.69
C VAL B 387 -51.52 2.10 -51.31
N GLY B 388 -50.31 2.64 -51.45
CA GLY B 388 -50.08 3.97 -52.03
C GLY B 388 -48.65 4.46 -51.89
N PRO B 389 -48.33 5.68 -52.38
CA PRO B 389 -46.96 6.17 -52.23
C PRO B 389 -46.62 6.70 -50.84
N THR B 390 -45.35 7.05 -50.62
CA THR B 390 -44.84 7.59 -49.35
C THR B 390 -45.51 8.93 -49.00
N GLY B 391 -46.17 8.96 -47.83
CA GLY B 391 -46.89 10.12 -47.34
C GLY B 391 -48.21 10.37 -48.05
N SER B 392 -48.86 9.28 -48.50
CA SER B 392 -50.15 9.28 -49.18
C SER B 392 -51.28 9.61 -48.18
N GLY B 393 -51.22 8.98 -47.00
CA GLY B 393 -52.19 9.16 -45.92
C GLY B 393 -52.74 7.85 -45.39
N LYS B 394 -52.00 6.73 -45.62
CA LYS B 394 -52.36 5.37 -45.21
C LYS B 394 -52.42 5.23 -43.68
N THR B 395 -51.36 5.65 -42.98
CA THR B 395 -51.24 5.62 -41.51
C THR B 395 -52.28 6.57 -40.90
N THR B 396 -52.58 7.70 -41.60
CA THR B 396 -53.57 8.69 -41.18
C THR B 396 -54.98 8.06 -41.08
N ILE B 397 -55.38 7.24 -42.10
CA ILE B 397 -56.66 6.52 -42.15
C ILE B 397 -56.80 5.65 -40.89
N VAL B 398 -55.72 4.90 -40.60
CA VAL B 398 -55.59 3.98 -39.47
C VAL B 398 -55.69 4.70 -38.11
N ASN B 399 -54.92 5.79 -37.92
CA ASN B 399 -54.94 6.58 -36.67
C ASN B 399 -56.30 7.20 -36.40
N LEU B 400 -57.07 7.48 -37.46
CA LEU B 400 -58.43 8.00 -37.37
C LEU B 400 -59.41 6.88 -36.99
N LEU B 401 -59.12 5.64 -37.42
CA LEU B 401 -59.92 4.45 -37.09
C LEU B 401 -59.66 4.03 -35.64
N MET B 402 -58.48 4.39 -35.11
CA MET B 402 -58.05 4.13 -33.74
C MET B 402 -58.50 5.28 -32.82
N ARG B 403 -59.02 6.37 -33.43
CA ARG B 403 -59.51 7.60 -32.80
C ARG B 403 -58.43 8.31 -31.98
N PHE B 404 -57.19 8.35 -32.51
CA PHE B 404 -56.05 9.04 -31.89
C PHE B 404 -56.18 10.53 -32.20
N TYR B 405 -56.84 10.82 -33.34
CA TYR B 405 -57.17 12.14 -33.86
C TYR B 405 -58.63 12.07 -34.32
N ASP B 406 -59.33 13.22 -34.39
CA ASP B 406 -60.72 13.24 -34.85
C ASP B 406 -60.88 13.93 -36.21
N VAL B 407 -61.84 13.43 -37.02
CA VAL B 407 -62.20 13.87 -38.37
C VAL B 407 -62.60 15.36 -38.38
N ASP B 408 -62.11 16.11 -39.40
CA ASP B 408 -62.45 17.53 -39.60
C ASP B 408 -63.89 17.63 -40.13
N ARG B 409 -64.21 16.84 -41.18
CA ARG B 409 -65.53 16.72 -41.79
C ARG B 409 -65.67 15.35 -42.46
N GLY B 410 -66.61 14.55 -41.97
CA GLY B 410 -66.88 13.20 -42.44
C GLY B 410 -67.30 12.27 -41.31
N GLN B 411 -67.45 10.97 -41.61
CA GLN B 411 -67.88 9.96 -40.63
C GLN B 411 -67.13 8.64 -40.74
N ILE B 412 -66.76 8.05 -39.59
CA ILE B 412 -66.15 6.73 -39.52
C ILE B 412 -67.12 5.85 -38.75
N LEU B 413 -67.65 4.81 -39.41
CA LEU B 413 -68.65 3.92 -38.82
C LEU B 413 -68.14 2.51 -38.61
N VAL B 414 -68.07 2.08 -37.34
CA VAL B 414 -67.67 0.73 -36.96
C VAL B 414 -68.94 -0.01 -36.51
N ASP B 415 -69.27 -1.13 -37.19
CA ASP B 415 -70.45 -1.97 -36.96
C ASP B 415 -71.79 -1.19 -37.10
N GLY B 416 -71.75 -0.12 -37.90
CA GLY B 416 -72.91 0.72 -38.17
C GLY B 416 -73.08 1.91 -37.25
N ILE B 417 -72.19 2.05 -36.25
CA ILE B 417 -72.21 3.15 -35.28
C ILE B 417 -71.01 4.06 -35.51
N ASP B 418 -71.22 5.38 -35.40
CA ASP B 418 -70.19 6.42 -35.56
C ASP B 418 -69.11 6.26 -34.49
N ILE B 419 -67.84 6.51 -34.88
CA ILE B 419 -66.65 6.41 -34.02
C ILE B 419 -66.73 7.32 -32.78
N ARG B 420 -67.35 8.51 -32.93
CA ARG B 420 -67.55 9.48 -31.85
C ARG B 420 -68.59 9.03 -30.83
N LYS B 421 -69.54 8.17 -31.26
CA LYS B 421 -70.61 7.63 -30.43
C LYS B 421 -70.21 6.32 -29.71
N ILE B 422 -69.20 5.59 -30.22
CA ILE B 422 -68.69 4.37 -29.56
C ILE B 422 -67.62 4.83 -28.57
N LYS B 423 -67.69 4.35 -27.32
CA LYS B 423 -66.72 4.69 -26.27
C LYS B 423 -65.31 4.23 -26.65
N ARG B 424 -64.30 5.08 -26.35
CA ARG B 424 -62.89 4.85 -26.68
C ARG B 424 -62.34 3.53 -26.11
N SER B 425 -62.96 3.04 -25.00
CA SER B 425 -62.62 1.80 -24.33
C SER B 425 -62.98 0.59 -25.18
N SER B 426 -64.24 0.53 -25.67
CA SER B 426 -64.77 -0.56 -26.49
C SER B 426 -64.20 -0.59 -27.90
N LEU B 427 -63.96 0.60 -28.49
CA LEU B 427 -63.42 0.77 -29.84
C LEU B 427 -62.01 0.16 -29.94
N ARG B 428 -61.10 0.57 -29.03
CA ARG B 428 -59.71 0.10 -28.96
C ARG B 428 -59.60 -1.36 -28.46
N SER B 429 -60.72 -1.92 -27.94
CA SER B 429 -60.81 -3.30 -27.48
C SER B 429 -61.13 -4.19 -28.69
N SER B 430 -61.97 -3.68 -29.60
CA SER B 430 -62.39 -4.38 -30.82
C SER B 430 -61.32 -4.29 -31.91
N ILE B 431 -60.57 -3.17 -31.94
CA ILE B 431 -59.53 -2.91 -32.93
C ILE B 431 -58.11 -3.04 -32.36
N GLY B 432 -57.27 -3.80 -33.06
CA GLY B 432 -55.87 -4.02 -32.74
C GLY B 432 -54.97 -3.43 -33.82
N ILE B 433 -53.74 -3.02 -33.44
CA ILE B 433 -52.81 -2.38 -34.39
C ILE B 433 -51.36 -2.79 -34.17
N VAL B 434 -50.66 -3.06 -35.30
CA VAL B 434 -49.24 -3.34 -35.39
C VAL B 434 -48.71 -2.09 -36.10
N LEU B 435 -48.27 -1.10 -35.32
CA LEU B 435 -47.79 0.21 -35.76
C LEU B 435 -46.57 0.15 -36.68
N GLN B 436 -46.43 1.16 -37.56
CA GLN B 436 -45.33 1.32 -38.52
C GLN B 436 -44.00 1.29 -37.79
N ASP B 437 -43.89 2.10 -36.71
CA ASP B 437 -42.71 2.16 -35.85
C ASP B 437 -42.99 1.28 -34.64
N THR B 438 -42.24 0.17 -34.52
CA THR B 438 -42.39 -0.83 -33.47
C THR B 438 -41.90 -0.30 -32.12
N ILE B 439 -42.77 -0.38 -31.10
CA ILE B 439 -42.48 0.06 -29.73
C ILE B 439 -42.59 -1.13 -28.80
N LEU B 440 -41.47 -1.48 -28.14
CA LEU B 440 -41.42 -2.58 -27.18
C LEU B 440 -41.07 -2.06 -25.78
N PHE B 441 -41.07 -2.95 -24.77
CA PHE B 441 -40.80 -2.53 -23.40
C PHE B 441 -39.58 -3.24 -22.78
N SER B 442 -39.03 -2.63 -21.72
CA SER B 442 -37.84 -3.10 -21.00
C SER B 442 -38.14 -4.23 -19.99
N THR B 443 -38.99 -5.20 -20.36
CA THR B 443 -39.35 -6.36 -19.54
C THR B 443 -39.09 -7.68 -20.28
N THR B 444 -39.52 -8.81 -19.66
CA THR B 444 -39.39 -10.16 -20.22
C THR B 444 -40.19 -10.28 -21.51
N VAL B 445 -39.74 -11.16 -22.42
CA VAL B 445 -40.39 -11.43 -23.71
C VAL B 445 -41.85 -11.83 -23.48
N LYS B 446 -42.10 -12.69 -22.47
CA LYS B 446 -43.43 -13.17 -22.07
C LYS B 446 -44.36 -11.99 -21.73
N GLU B 447 -43.89 -11.04 -20.89
CA GLU B 447 -44.65 -9.87 -20.49
C GLU B 447 -44.93 -8.91 -21.65
N ASN B 448 -43.99 -8.83 -22.62
CA ASN B 448 -44.13 -8.00 -23.81
C ASN B 448 -45.22 -8.54 -24.73
N LEU B 449 -45.38 -9.86 -24.76
CA LEU B 449 -46.38 -10.57 -25.56
C LEU B 449 -47.72 -10.64 -24.81
N LYS B 450 -47.66 -10.64 -23.46
CA LYS B 450 -48.83 -10.65 -22.57
C LYS B 450 -49.52 -9.29 -22.53
N TYR B 451 -48.84 -8.22 -22.98
CA TYR B 451 -49.39 -6.86 -23.06
C TYR B 451 -50.56 -6.88 -24.05
N GLY B 452 -51.69 -6.35 -23.61
CA GLY B 452 -52.91 -6.34 -24.40
C GLY B 452 -53.91 -7.37 -23.91
N ASN B 453 -53.44 -8.61 -23.75
CA ASN B 453 -54.24 -9.71 -23.21
C ASN B 453 -53.47 -10.34 -22.03
N PRO B 454 -53.53 -9.72 -20.82
CA PRO B 454 -52.79 -10.28 -19.67
C PRO B 454 -53.34 -11.61 -19.17
N GLY B 455 -54.56 -11.93 -19.57
CA GLY B 455 -55.24 -13.18 -19.24
C GLY B 455 -55.07 -14.22 -20.32
N ALA B 456 -53.81 -14.42 -20.77
CA ALA B 456 -53.44 -15.39 -21.79
C ALA B 456 -52.45 -16.41 -21.20
N THR B 457 -52.77 -17.71 -21.34
CA THR B 457 -51.94 -18.81 -20.83
C THR B 457 -50.60 -18.90 -21.56
N ASP B 458 -49.57 -19.43 -20.87
CA ASP B 458 -48.21 -19.63 -21.39
C ASP B 458 -48.21 -20.48 -22.65
N GLU B 459 -49.17 -21.41 -22.75
CA GLU B 459 -49.38 -22.29 -23.91
C GLU B 459 -49.84 -21.45 -25.11
N GLU B 460 -50.82 -20.52 -24.89
CA GLU B 460 -51.36 -19.62 -25.92
C GLU B 460 -50.27 -18.70 -26.46
N ILE B 461 -49.37 -18.21 -25.58
CA ILE B 461 -48.24 -17.35 -25.91
C ILE B 461 -47.23 -18.12 -26.76
N LYS B 462 -46.84 -19.33 -26.30
CA LYS B 462 -45.89 -20.20 -27.00
C LYS B 462 -46.41 -20.69 -28.35
N GLU B 463 -47.75 -20.89 -28.47
CA GLU B 463 -48.36 -21.31 -29.73
C GLU B 463 -48.41 -20.17 -30.74
N ALA B 464 -48.70 -18.93 -30.28
CA ALA B 464 -48.77 -17.73 -31.11
C ALA B 464 -47.39 -17.35 -31.63
N ALA B 465 -46.35 -17.46 -30.77
CA ALA B 465 -44.96 -17.17 -31.12
C ALA B 465 -44.44 -18.17 -32.15
N LYS B 466 -44.91 -19.43 -32.06
CA LYS B 466 -44.58 -20.51 -33.01
C LYS B 466 -45.16 -20.20 -34.39
N LEU B 467 -46.40 -19.64 -34.42
CA LEU B 467 -47.13 -19.29 -35.64
C LEU B 467 -46.48 -18.16 -36.43
N THR B 468 -45.86 -17.20 -35.73
CA THR B 468 -45.22 -16.03 -36.35
C THR B 468 -43.70 -16.16 -36.47
N HIS B 469 -43.16 -17.37 -36.23
CA HIS B 469 -41.73 -17.71 -36.29
C HIS B 469 -40.89 -16.86 -35.32
N SER B 470 -41.49 -16.53 -34.17
CA SER B 470 -40.90 -15.75 -33.08
C SER B 470 -40.25 -16.68 -32.07
N ASP B 471 -40.94 -17.78 -31.71
CA ASP B 471 -40.52 -18.80 -30.73
C ASP B 471 -39.08 -19.30 -30.93
N HIS B 472 -38.64 -19.45 -32.19
CA HIS B 472 -37.28 -19.90 -32.51
C HIS B 472 -36.19 -19.05 -31.84
N PHE B 473 -36.20 -17.71 -32.07
CA PHE B 473 -35.19 -16.83 -31.48
C PHE B 473 -35.41 -16.58 -29.99
N ILE B 474 -36.67 -16.73 -29.50
CA ILE B 474 -37.01 -16.55 -28.09
C ILE B 474 -36.38 -17.65 -27.24
N LYS B 475 -36.41 -18.91 -27.74
CA LYS B 475 -35.80 -20.07 -27.09
C LYS B 475 -34.27 -19.95 -26.99
N HIS B 476 -33.64 -19.33 -28.02
CA HIS B 476 -32.19 -19.09 -28.12
C HIS B 476 -31.68 -18.07 -27.08
N LEU B 477 -32.58 -17.20 -26.56
CA LEU B 477 -32.26 -16.16 -25.57
C LEU B 477 -31.75 -16.76 -24.24
N PRO B 478 -30.90 -16.03 -23.45
CA PRO B 478 -30.35 -16.59 -22.20
C PRO B 478 -31.34 -17.12 -21.17
N GLU B 479 -32.54 -16.51 -21.05
CA GLU B 479 -33.56 -16.94 -20.08
C GLU B 479 -34.85 -17.43 -20.75
N GLY B 480 -34.88 -17.38 -22.09
CA GLY B 480 -36.03 -17.78 -22.90
C GLY B 480 -37.08 -16.70 -22.96
N TYR B 481 -38.31 -17.02 -22.55
CA TYR B 481 -39.43 -16.07 -22.52
C TYR B 481 -39.29 -15.11 -21.33
N GLU B 482 -38.44 -15.48 -20.35
CA GLU B 482 -38.17 -14.70 -19.14
C GLU B 482 -36.92 -13.82 -19.29
N THR B 483 -36.41 -13.65 -20.53
CA THR B 483 -35.25 -12.80 -20.81
C THR B 483 -35.70 -11.35 -20.81
N VAL B 484 -35.23 -10.57 -19.82
CA VAL B 484 -35.59 -9.17 -19.69
C VAL B 484 -34.90 -8.36 -20.81
N LEU B 485 -35.72 -7.80 -21.71
CA LEU B 485 -35.26 -7.02 -22.85
C LEU B 485 -34.80 -5.63 -22.42
N THR B 486 -33.96 -5.00 -23.26
CA THR B 486 -33.41 -3.66 -23.09
C THR B 486 -34.49 -2.62 -23.43
N ASP B 487 -34.16 -1.32 -23.29
CA ASP B 487 -35.05 -0.20 -23.59
C ASP B 487 -35.56 -0.33 -25.03
N ASN B 488 -36.91 -0.43 -25.18
CA ASN B 488 -37.64 -0.61 -26.44
C ASN B 488 -37.28 -1.93 -27.18
N GLY B 489 -36.75 -2.90 -26.42
CA GLY B 489 -36.35 -4.22 -26.91
C GLY B 489 -35.35 -4.20 -28.05
N GLU B 490 -34.36 -3.30 -27.96
CA GLU B 490 -33.32 -3.13 -28.99
C GLU B 490 -32.22 -4.20 -28.95
N ASP B 491 -32.31 -5.17 -28.00
CA ASP B 491 -31.36 -6.29 -27.90
C ASP B 491 -31.76 -7.43 -28.84
N LEU B 492 -32.54 -7.09 -29.87
CA LEU B 492 -33.04 -7.96 -30.93
C LEU B 492 -32.89 -7.23 -32.26
N SER B 493 -32.87 -7.99 -33.38
CA SER B 493 -32.79 -7.44 -34.73
C SER B 493 -34.13 -6.77 -35.05
N GLN B 494 -34.11 -5.71 -35.89
CA GLN B 494 -35.31 -4.94 -36.24
C GLN B 494 -36.51 -5.80 -36.68
N GLY B 495 -36.24 -6.82 -37.50
CA GLY B 495 -37.25 -7.77 -37.96
C GLY B 495 -37.83 -8.60 -36.84
N GLN B 496 -36.98 -9.05 -35.89
CA GLN B 496 -37.35 -9.84 -34.70
C GLN B 496 -38.26 -9.04 -33.76
N ARG B 497 -38.08 -7.70 -33.73
CA ARG B 497 -38.87 -6.76 -32.94
C ARG B 497 -40.28 -6.64 -33.51
N GLN B 498 -40.37 -6.65 -34.86
CA GLN B 498 -41.64 -6.59 -35.59
C GLN B 498 -42.44 -7.88 -35.38
N LEU B 499 -41.76 -9.04 -35.40
CA LEU B 499 -42.35 -10.36 -35.18
C LEU B 499 -43.00 -10.45 -33.79
N LEU B 500 -42.39 -9.82 -32.78
CA LEU B 500 -42.91 -9.76 -31.41
C LEU B 500 -44.17 -8.89 -31.36
N ALA B 501 -44.15 -7.76 -32.10
CA ALA B 501 -45.28 -6.83 -32.20
C ALA B 501 -46.48 -7.51 -32.88
N ILE B 502 -46.21 -8.34 -33.91
CA ILE B 502 -47.22 -9.11 -34.65
C ILE B 502 -47.87 -10.13 -33.68
N THR B 503 -47.04 -10.87 -32.91
CA THR B 503 -47.48 -11.87 -31.93
C THR B 503 -48.37 -11.23 -30.86
N ARG B 504 -47.92 -10.09 -30.28
CA ARG B 504 -48.62 -9.31 -29.25
C ARG B 504 -50.03 -8.89 -29.71
N ALA B 505 -50.16 -8.47 -30.99
CA ALA B 505 -51.42 -8.07 -31.61
C ALA B 505 -52.38 -9.25 -31.82
N PHE B 506 -51.86 -10.42 -32.24
CA PHE B 506 -52.66 -11.62 -32.46
C PHE B 506 -53.15 -12.22 -31.15
N LEU B 507 -52.33 -12.08 -30.08
CA LEU B 507 -52.63 -12.56 -28.74
C LEU B 507 -53.75 -11.72 -28.12
N ALA B 508 -53.83 -10.42 -28.49
CA ALA B 508 -54.85 -9.48 -28.04
C ALA B 508 -56.24 -9.87 -28.57
N ASN B 509 -56.28 -10.74 -29.60
CA ASN B 509 -57.45 -11.29 -30.29
C ASN B 509 -58.49 -10.20 -30.66
N PRO B 510 -58.14 -9.23 -31.55
CA PRO B 510 -59.12 -8.20 -31.93
C PRO B 510 -59.96 -8.60 -33.15
N LYS B 511 -61.25 -8.20 -33.20
CA LYS B 511 -62.11 -8.51 -34.35
C LYS B 511 -61.70 -7.72 -35.60
N ILE B 512 -61.06 -6.55 -35.40
CA ILE B 512 -60.49 -5.70 -36.45
C ILE B 512 -58.98 -5.60 -36.17
N LEU B 513 -58.15 -6.03 -37.12
CA LEU B 513 -56.69 -5.98 -36.94
C LEU B 513 -56.04 -5.12 -38.01
N ILE B 514 -55.12 -4.23 -37.62
CA ILE B 514 -54.43 -3.39 -38.59
C ILE B 514 -52.92 -3.70 -38.61
N LEU B 515 -52.39 -4.06 -39.79
CA LEU B 515 -50.98 -4.41 -40.00
C LEU B 515 -50.29 -3.33 -40.84
N ASP B 516 -50.05 -2.15 -40.24
CA ASP B 516 -49.38 -1.03 -40.91
C ASP B 516 -47.88 -1.29 -40.97
N ALA B 517 -47.36 -1.63 -42.18
CA ALA B 517 -45.95 -1.94 -42.48
C ALA B 517 -45.31 -2.85 -41.40
N ALA B 518 -46.05 -3.91 -41.00
CA ALA B 518 -45.68 -4.87 -39.96
C ALA B 518 -44.47 -5.75 -40.29
N THR B 519 -44.11 -5.90 -41.58
CA THR B 519 -42.99 -6.73 -42.01
C THR B 519 -41.97 -5.95 -42.87
N SER B 520 -41.72 -4.66 -42.51
CA SER B 520 -40.76 -3.79 -43.20
C SER B 520 -39.35 -4.39 -43.14
N ASN B 521 -38.95 -4.87 -41.94
CA ASN B 521 -37.63 -5.44 -41.66
C ASN B 521 -37.63 -6.98 -41.60
N VAL B 522 -38.77 -7.63 -41.94
CA VAL B 522 -38.90 -9.08 -41.96
C VAL B 522 -38.63 -9.54 -43.41
N ASP B 523 -37.67 -10.47 -43.60
CA ASP B 523 -37.28 -11.00 -44.92
C ASP B 523 -38.42 -11.72 -45.63
N THR B 524 -38.43 -11.64 -46.97
CA THR B 524 -39.45 -12.22 -47.86
C THR B 524 -39.67 -13.73 -47.65
N LYS B 525 -38.61 -14.46 -47.24
CA LYS B 525 -38.64 -15.90 -46.96
C LYS B 525 -39.48 -16.19 -45.72
N THR B 526 -39.21 -15.47 -44.60
CA THR B 526 -39.92 -15.59 -43.32
C THR B 526 -41.36 -15.11 -43.49
N GLU B 527 -41.56 -13.98 -44.20
CA GLU B 527 -42.84 -13.35 -44.51
C GLU B 527 -43.79 -14.33 -45.23
N LYS B 528 -43.23 -15.17 -46.15
CA LYS B 528 -43.96 -16.18 -46.90
C LYS B 528 -44.40 -17.34 -45.98
N SER B 529 -43.51 -17.73 -45.04
CA SER B 529 -43.75 -18.80 -44.07
C SER B 529 -44.86 -18.46 -43.08
N ILE B 530 -44.95 -17.19 -42.64
CA ILE B 530 -45.97 -16.72 -41.69
C ILE B 530 -47.33 -16.58 -42.36
N GLN B 531 -47.39 -15.88 -43.52
CA GLN B 531 -48.59 -15.63 -44.33
C GLN B 531 -49.54 -16.82 -44.46
N ALA B 532 -48.97 -18.04 -44.58
CA ALA B 532 -49.70 -19.30 -44.70
C ALA B 532 -50.42 -19.68 -43.39
N ALA B 533 -49.69 -19.63 -42.25
CA ALA B 533 -50.21 -19.95 -40.92
C ALA B 533 -51.09 -18.81 -40.36
N MET B 534 -50.77 -17.56 -40.75
CA MET B 534 -51.44 -16.33 -40.35
C MET B 534 -52.89 -16.28 -40.83
N TRP B 535 -53.16 -16.79 -42.07
CA TRP B 535 -54.49 -16.83 -42.68
C TRP B 535 -55.51 -17.61 -41.83
N LYS B 536 -55.07 -18.75 -41.24
CA LYS B 536 -55.90 -19.58 -40.37
C LYS B 536 -56.31 -18.79 -39.11
N LEU B 537 -55.37 -17.99 -38.56
CA LEU B 537 -55.61 -17.17 -37.38
C LEU B 537 -55.91 -15.70 -37.75
N MET B 538 -56.59 -15.51 -38.91
CA MET B 538 -57.02 -14.21 -39.44
C MET B 538 -58.41 -14.31 -40.06
N GLU B 539 -58.82 -15.53 -40.47
CA GLU B 539 -60.17 -15.80 -40.99
C GLU B 539 -61.20 -15.60 -39.86
N GLY B 540 -62.31 -14.93 -40.20
CA GLY B 540 -63.36 -14.57 -39.25
C GLY B 540 -63.03 -13.26 -38.56
N LYS B 541 -62.00 -12.56 -39.05
CA LYS B 541 -61.52 -11.27 -38.54
C LYS B 541 -61.30 -10.29 -39.69
N THR B 542 -61.82 -9.06 -39.55
CA THR B 542 -61.67 -7.98 -40.52
C THR B 542 -60.24 -7.41 -40.35
N SER B 543 -59.53 -7.18 -41.46
CA SER B 543 -58.16 -6.66 -41.36
C SER B 543 -57.77 -5.65 -42.43
N ILE B 544 -56.92 -4.67 -42.05
CA ILE B 544 -56.36 -3.64 -42.92
C ILE B 544 -54.85 -3.83 -42.96
N ILE B 545 -54.32 -4.19 -44.13
CA ILE B 545 -52.89 -4.46 -44.30
C ILE B 545 -52.22 -3.41 -45.18
N ILE B 546 -51.33 -2.59 -44.59
CA ILE B 546 -50.57 -1.57 -45.31
C ILE B 546 -49.21 -2.17 -45.65
N ALA B 547 -48.88 -2.24 -46.95
CA ALA B 547 -47.61 -2.82 -47.43
C ALA B 547 -47.16 -2.24 -48.76
N HIS B 548 -45.84 -2.08 -48.92
CA HIS B 548 -45.19 -1.64 -50.15
C HIS B 548 -44.73 -2.86 -50.96
N ARG B 549 -44.88 -4.07 -50.36
CA ARG B 549 -44.58 -5.34 -50.97
C ARG B 549 -45.92 -5.82 -51.54
N LEU B 550 -46.36 -5.18 -52.64
CA LEU B 550 -47.63 -5.40 -53.34
C LEU B 550 -47.91 -6.86 -53.68
N ASN B 551 -46.85 -7.66 -53.90
CA ASN B 551 -46.88 -9.10 -54.22
C ASN B 551 -47.47 -9.97 -53.09
N THR B 552 -47.41 -9.50 -51.83
CA THR B 552 -47.93 -10.23 -50.66
C THR B 552 -49.40 -9.92 -50.39
N ILE B 553 -49.84 -8.69 -50.71
CA ILE B 553 -51.21 -8.20 -50.50
C ILE B 553 -52.10 -8.36 -51.76
N LYS B 554 -51.61 -9.08 -52.79
CA LYS B 554 -52.37 -9.30 -54.04
C LYS B 554 -53.54 -10.29 -53.86
N ASN B 555 -53.52 -11.08 -52.79
CA ASN B 555 -54.57 -12.08 -52.50
C ASN B 555 -55.72 -11.50 -51.66
N ALA B 556 -55.68 -10.19 -51.35
CA ALA B 556 -56.69 -9.47 -50.56
C ALA B 556 -58.03 -9.39 -51.25
N ASP B 557 -59.12 -9.36 -50.45
CA ASP B 557 -60.51 -9.27 -50.93
C ASP B 557 -60.80 -7.91 -51.57
N LEU B 558 -60.10 -6.86 -51.12
CA LEU B 558 -60.21 -5.49 -51.64
C LEU B 558 -58.89 -4.75 -51.47
N ILE B 559 -58.46 -4.07 -52.53
CA ILE B 559 -57.22 -3.28 -52.53
C ILE B 559 -57.56 -1.81 -52.74
N ILE B 560 -57.41 -1.01 -51.67
CA ILE B 560 -57.66 0.43 -51.67
C ILE B 560 -56.36 1.13 -52.07
N VAL B 561 -56.35 1.77 -53.25
CA VAL B 561 -55.19 2.47 -53.78
C VAL B 561 -55.32 3.96 -53.50
N LEU B 562 -54.42 4.49 -52.65
CA LEU B 562 -54.40 5.88 -52.23
C LEU B 562 -53.30 6.65 -52.95
N ARG B 563 -53.50 7.96 -53.16
CA ARG B 563 -52.54 8.86 -53.83
C ARG B 563 -52.89 10.30 -53.47
N ASP B 564 -51.91 11.03 -52.90
CA ASP B 564 -52.02 12.43 -52.48
C ASP B 564 -53.28 12.71 -51.65
N GLY B 565 -53.55 11.83 -50.69
CA GLY B 565 -54.70 11.89 -49.79
C GLY B 565 -56.05 11.63 -50.42
N GLU B 566 -56.07 10.84 -51.52
CA GLU B 566 -57.31 10.50 -52.24
C GLU B 566 -57.29 9.06 -52.74
N ILE B 567 -58.46 8.39 -52.69
CA ILE B 567 -58.61 7.01 -53.17
C ILE B 567 -58.71 7.07 -54.71
N VAL B 568 -57.60 6.80 -55.39
CA VAL B 568 -57.55 6.84 -56.86
C VAL B 568 -58.17 5.57 -57.48
N GLU B 569 -57.84 4.38 -56.93
CA GLU B 569 -58.36 3.10 -57.39
C GLU B 569 -58.84 2.21 -56.22
N MET B 570 -59.78 1.28 -56.51
CA MET B 570 -60.34 0.32 -55.57
C MET B 570 -60.84 -0.94 -56.28
N GLY B 571 -60.60 -2.10 -55.69
CA GLY B 571 -60.99 -3.40 -56.24
C GLY B 571 -59.95 -4.48 -56.06
N LYS B 572 -60.13 -5.62 -56.77
CA LYS B 572 -59.20 -6.75 -56.68
C LYS B 572 -57.99 -6.60 -57.61
N HIS B 573 -56.88 -7.29 -57.27
CA HIS B 573 -55.58 -7.29 -57.95
C HIS B 573 -55.66 -7.44 -59.48
N ASP B 574 -56.20 -8.58 -59.97
CA ASP B 574 -56.34 -8.90 -61.40
C ASP B 574 -57.14 -7.86 -62.19
N GLU B 575 -58.17 -7.27 -61.55
CA GLU B 575 -59.03 -6.23 -62.11
C GLU B 575 -58.23 -4.94 -62.30
N LEU B 576 -57.39 -4.57 -61.28
CA LEU B 576 -56.56 -3.37 -61.28
C LEU B 576 -55.34 -3.48 -62.20
N ILE B 577 -54.83 -4.71 -62.44
CA ILE B 577 -53.69 -4.99 -63.31
C ILE B 577 -54.08 -4.82 -64.78
N GLN B 578 -55.22 -5.41 -65.21
CA GLN B 578 -55.72 -5.30 -66.58
C GLN B 578 -56.21 -3.88 -66.92
N LYS B 579 -56.45 -3.06 -65.86
CA LYS B 579 -56.87 -1.66 -65.94
C LYS B 579 -55.71 -0.77 -66.41
N ARG B 580 -54.45 -1.24 -66.20
CA ARG B 580 -53.19 -0.57 -66.53
C ARG B 580 -53.09 0.84 -65.93
N GLY B 581 -53.64 0.98 -64.71
CA GLY B 581 -53.69 2.23 -63.98
C GLY B 581 -52.47 2.53 -63.12
N PHE B 582 -52.71 3.16 -61.97
CA PHE B 582 -51.67 3.55 -61.02
C PHE B 582 -51.24 2.37 -60.11
N TYR B 583 -52.13 1.37 -59.89
CA TYR B 583 -51.80 0.16 -59.12
C TYR B 583 -50.82 -0.66 -59.96
N TYR B 584 -51.10 -0.74 -61.28
CA TYR B 584 -50.29 -1.44 -62.29
C TYR B 584 -48.90 -0.78 -62.35
N GLU B 585 -48.86 0.57 -62.33
CA GLU B 585 -47.64 1.37 -62.34
C GLU B 585 -46.79 1.10 -61.09
N LEU B 586 -47.45 0.86 -59.93
CA LEU B 586 -46.82 0.53 -58.65
C LEU B 586 -46.32 -0.91 -58.63
N PHE B 587 -47.13 -1.85 -59.18
CA PHE B 587 -46.80 -3.27 -59.23
C PHE B 587 -45.64 -3.56 -60.19
N THR B 588 -45.62 -2.89 -61.37
CA THR B 588 -44.57 -3.06 -62.38
C THR B 588 -43.23 -2.46 -61.90
N SER B 589 -43.29 -1.38 -61.09
CA SER B 589 -42.11 -0.71 -60.52
C SER B 589 -41.30 -1.59 -59.57
N GLN B 590 -41.91 -2.70 -59.09
CA GLN B 590 -41.30 -3.67 -58.18
C GLN B 590 -40.12 -4.43 -58.79
N TYR B 591 -40.16 -4.67 -60.12
CA TYR B 591 -39.15 -5.43 -60.85
C TYR B 591 -38.23 -4.57 -61.72
N SER C 11 56.44 -19.99 16.18
CA SER C 11 57.79 -19.73 15.68
C SER C 11 57.91 -18.35 15.03
N LYS C 12 59.16 -17.91 14.72
CA LYS C 12 59.48 -16.64 14.06
C LYS C 12 58.91 -16.61 12.63
N THR C 13 58.89 -17.78 11.95
CA THR C 13 58.35 -17.96 10.60
C THR C 13 56.84 -17.67 10.52
N LEU C 14 56.13 -17.72 11.67
CA LEU C 14 54.71 -17.44 11.81
C LEU C 14 54.47 -16.02 12.33
N ALA C 15 55.45 -15.47 13.07
CA ALA C 15 55.46 -14.10 13.62
C ALA C 15 55.80 -13.08 12.53
N ARG C 16 56.43 -13.56 11.43
CA ARG C 16 56.82 -12.80 10.24
C ARG C 16 55.62 -12.18 9.52
N TYR C 17 54.42 -12.81 9.67
CA TYR C 17 53.16 -12.36 9.07
C TYR C 17 52.64 -11.03 9.64
N LEU C 18 53.12 -10.65 10.84
CA LEU C 18 52.76 -9.41 11.52
C LEU C 18 53.78 -8.29 11.23
N LYS C 19 55.02 -8.66 10.81
CA LYS C 19 56.12 -7.74 10.47
C LYS C 19 55.73 -6.60 9.49
N PRO C 20 54.99 -6.82 8.37
CA PRO C 20 54.66 -5.67 7.50
C PRO C 20 53.65 -4.67 8.09
N TYR C 21 52.98 -5.05 9.19
CA TYR C 21 51.99 -4.23 9.90
C TYR C 21 52.49 -3.92 11.32
N TRP C 22 53.81 -3.69 11.47
CA TRP C 22 54.47 -3.43 12.74
C TRP C 22 54.13 -2.07 13.36
N ILE C 23 53.79 -1.05 12.52
CA ILE C 23 53.42 0.31 12.97
C ILE C 23 52.12 0.23 13.78
N PHE C 24 51.09 -0.44 13.24
CA PHE C 24 49.81 -0.66 13.92
C PHE C 24 49.97 -1.64 15.09
N ALA C 25 50.97 -2.54 15.00
CA ALA C 25 51.28 -3.52 16.04
C ALA C 25 51.93 -2.90 17.29
N VAL C 26 52.62 -1.75 17.13
CA VAL C 26 53.27 -1.06 18.24
C VAL C 26 52.35 0.05 18.79
N LEU C 27 51.49 0.63 17.92
CA LEU C 27 50.56 1.69 18.29
C LEU C 27 49.41 1.17 19.15
N ALA C 28 48.88 -0.03 18.85
CA ALA C 28 47.78 -0.67 19.58
C ALA C 28 48.03 -0.82 21.11
N PRO C 29 49.15 -1.41 21.61
CA PRO C 29 49.34 -1.45 23.08
C PRO C 29 49.75 -0.09 23.67
N LEU C 30 50.30 0.81 22.82
CA LEU C 30 50.71 2.17 23.21
C LEU C 30 49.46 3.02 23.47
N PHE C 31 48.39 2.83 22.66
CA PHE C 31 47.11 3.52 22.83
C PHE C 31 46.36 2.99 24.06
N MET C 32 46.66 1.74 24.47
CA MET C 32 46.09 1.12 25.67
C MET C 32 46.65 1.82 26.91
N VAL C 33 47.95 2.17 26.88
CA VAL C 33 48.68 2.89 27.93
C VAL C 33 48.03 4.28 28.12
N VAL C 34 47.71 4.97 27.00
CA VAL C 34 47.04 6.28 26.96
C VAL C 34 45.68 6.17 27.68
N GLU C 35 44.93 5.08 27.43
CA GLU C 35 43.66 4.82 28.10
C GLU C 35 43.90 4.54 29.59
N VAL C 36 44.86 3.64 29.92
CA VAL C 36 45.24 3.21 31.27
C VAL C 36 45.65 4.39 32.18
N ILE C 37 46.51 5.31 31.69
CA ILE C 37 46.93 6.49 32.46
C ILE C 37 45.74 7.40 32.77
N CYS C 38 44.75 7.45 31.84
CA CYS C 38 43.52 8.24 31.98
C CYS C 38 42.54 7.56 32.95
N ASP C 39 42.44 6.21 32.91
CA ASP C 39 41.56 5.43 33.80
C ASP C 39 42.08 5.43 35.24
N LEU C 40 43.41 5.45 35.43
CA LEU C 40 44.02 5.46 36.77
C LEU C 40 43.96 6.86 37.41
N SER C 41 43.91 7.91 36.57
CA SER C 41 43.81 9.30 37.03
C SER C 41 42.37 9.67 37.41
N GLN C 42 41.37 8.89 36.90
CA GLN C 42 39.93 9.06 37.11
C GLN C 42 39.53 9.29 38.60
N PRO C 43 39.92 8.45 39.61
CA PRO C 43 39.51 8.76 40.99
C PRO C 43 40.15 10.01 41.58
N THR C 44 41.40 10.34 41.16
CA THR C 44 42.16 11.51 41.62
C THR C 44 41.53 12.82 41.10
N LEU C 45 41.04 12.81 39.85
CA LEU C 45 40.40 13.97 39.22
C LEU C 45 38.99 14.19 39.78
N LEU C 46 38.25 13.11 40.11
CA LEU C 46 36.92 13.16 40.69
C LEU C 46 36.99 13.59 42.17
N ALA C 47 38.15 13.37 42.82
CA ALA C 47 38.39 13.76 44.20
C ALA C 47 38.61 15.28 44.26
N ARG C 48 39.36 15.83 43.28
CA ARG C 48 39.67 17.26 43.18
C ARG C 48 38.44 18.13 42.88
N ILE C 49 37.40 17.55 42.22
CA ILE C 49 36.18 18.30 41.90
C ILE C 49 35.21 18.36 43.11
N VAL C 50 35.21 17.32 43.97
CA VAL C 50 34.32 17.25 45.14
C VAL C 50 35.02 17.76 46.42
N ASP C 51 36.16 17.16 46.78
CA ASP C 51 36.92 17.50 48.00
C ASP C 51 37.64 18.85 47.94
N GLU C 52 37.84 19.42 46.74
CA GLU C 52 38.51 20.71 46.57
C GLU C 52 37.65 21.77 45.88
N GLY C 53 36.77 21.33 44.98
CA GLY C 53 35.89 22.23 44.25
C GLY C 53 34.60 22.50 44.99
N ILE C 54 33.80 21.44 45.17
CA ILE C 54 32.49 21.49 45.86
C ILE C 54 32.67 21.84 47.35
N ALA C 55 33.59 21.14 48.05
CA ALA C 55 33.88 21.32 49.48
C ALA C 55 34.28 22.74 49.85
N ARG C 56 35.15 23.38 49.04
CA ARG C 56 35.60 24.76 49.27
C ARG C 56 34.56 25.80 48.82
N GLY C 57 33.64 25.38 47.94
CA GLY C 57 32.58 26.20 47.39
C GLY C 57 32.95 27.03 46.18
N ASP C 58 34.25 27.01 45.79
CA ASP C 58 34.81 27.75 44.65
C ASP C 58 34.31 27.20 43.32
N PHE C 59 33.38 27.93 42.66
CA PHE C 59 32.80 27.57 41.36
C PHE C 59 33.82 27.64 40.22
N SER C 60 34.84 28.52 40.37
CA SER C 60 35.93 28.70 39.40
C SER C 60 36.81 27.45 39.32
N LEU C 61 36.92 26.70 40.43
CA LEU C 61 37.69 25.46 40.52
C LEU C 61 36.86 24.23 40.14
N VAL C 62 35.51 24.33 40.24
CA VAL C 62 34.57 23.25 39.87
C VAL C 62 34.65 23.03 38.35
N LEU C 63 34.57 24.12 37.56
CA LEU C 63 34.67 24.09 36.10
C LEU C 63 36.08 23.78 35.63
N LYS C 64 37.11 24.28 36.35
CA LYS C 64 38.54 24.08 36.08
C LYS C 64 38.89 22.58 36.10
N THR C 65 38.35 21.85 37.10
CA THR C 65 38.52 20.40 37.26
C THR C 65 37.51 19.67 36.35
N GLY C 66 36.31 20.25 36.21
CA GLY C 66 35.23 19.74 35.38
C GLY C 66 35.59 19.58 33.92
N ILE C 67 36.24 20.61 33.34
CA ILE C 67 36.70 20.59 31.94
C ILE C 67 37.88 19.62 31.78
N LEU C 68 38.78 19.56 32.80
CA LEU C 68 39.95 18.69 32.82
C LEU C 68 39.56 17.22 32.87
N MET C 69 38.54 16.87 33.70
CA MET C 69 38.05 15.50 33.83
C MET C 69 37.40 15.00 32.53
N LEU C 70 36.69 15.89 31.82
CA LEU C 70 36.04 15.55 30.55
C LEU C 70 37.04 15.42 29.41
N ILE C 71 38.13 16.24 29.41
CA ILE C 71 39.14 16.15 28.35
C ILE C 71 40.06 14.94 28.57
N VAL C 72 40.33 14.55 29.83
CA VAL C 72 41.13 13.37 30.18
C VAL C 72 40.34 12.12 29.75
N ALA C 73 39.01 12.11 30.02
CA ALA C 73 38.08 11.05 29.64
C ALA C 73 37.99 10.95 28.12
N LEU C 74 38.08 12.10 27.41
CA LEU C 74 38.05 12.21 25.96
C LEU C 74 39.33 11.59 25.37
N ILE C 75 40.49 11.90 25.98
CA ILE C 75 41.80 11.35 25.61
C ILE C 75 41.81 9.83 25.86
N GLY C 76 41.18 9.41 26.97
CA GLY C 76 41.02 8.01 27.33
C GLY C 76 40.15 7.27 26.35
N ALA C 77 39.08 7.94 25.85
CA ALA C 77 38.15 7.39 24.86
C ALA C 77 38.82 7.26 23.49
N VAL C 78 39.59 8.30 23.07
CA VAL C 78 40.37 8.34 21.81
C VAL C 78 41.45 7.24 21.84
N GLY C 79 42.08 7.07 23.00
CA GLY C 79 43.10 6.05 23.24
C GLY C 79 42.53 4.65 23.26
N GLY C 80 41.31 4.53 23.81
CA GLY C 80 40.57 3.27 23.90
C GLY C 80 40.09 2.77 22.56
N ILE C 81 39.49 3.67 21.75
CA ILE C 81 38.99 3.37 20.39
C ILE C 81 40.16 3.13 19.44
N GLY C 82 41.26 3.88 19.65
CA GLY C 82 42.50 3.79 18.88
C GLY C 82 43.13 2.42 19.02
N CYS C 83 43.25 1.95 20.28
CA CYS C 83 43.79 0.62 20.62
C CYS C 83 42.96 -0.46 19.91
N THR C 84 41.62 -0.33 19.94
CA THR C 84 40.67 -1.24 19.30
C THR C 84 40.82 -1.23 17.78
N VAL C 85 40.99 -0.03 17.17
CA VAL C 85 41.16 0.15 15.73
C VAL C 85 42.50 -0.43 15.24
N PHE C 86 43.62 -0.03 15.87
CA PHE C 86 44.98 -0.49 15.53
C PHE C 86 45.19 -1.98 15.72
N ALA C 87 44.58 -2.58 16.77
CA ALA C 87 44.69 -4.01 17.04
C ALA C 87 43.87 -4.82 16.03
N SER C 88 42.69 -4.30 15.62
CA SER C 88 41.82 -4.95 14.64
C SER C 88 42.46 -5.01 13.25
N TYR C 89 43.22 -3.95 12.87
CA TYR C 89 43.92 -3.90 11.57
C TYR C 89 44.97 -5.00 11.51
N ALA C 90 46.06 -4.85 12.29
CA ALA C 90 47.22 -5.75 12.36
C ALA C 90 46.89 -7.23 12.56
N SER C 91 45.85 -7.56 13.38
CA SER C 91 45.44 -8.93 13.64
C SER C 91 44.73 -9.56 12.43
N GLN C 92 43.80 -8.81 11.81
CA GLN C 92 43.05 -9.25 10.63
C GLN C 92 43.95 -9.35 9.41
N ASN C 93 44.93 -8.44 9.29
CA ASN C 93 45.90 -8.42 8.19
C ASN C 93 46.90 -9.57 8.33
N PHE C 94 47.21 -9.97 9.58
CA PHE C 94 48.08 -11.11 9.91
C PHE C 94 47.44 -12.37 9.32
N GLY C 95 46.17 -12.57 9.67
CA GLY C 95 45.33 -13.69 9.27
C GLY C 95 45.10 -13.79 7.77
N ALA C 96 44.72 -12.65 7.14
CA ALA C 96 44.47 -12.56 5.70
C ALA C 96 45.71 -12.93 4.88
N ASP C 97 46.91 -12.49 5.32
CA ASP C 97 48.19 -12.80 4.67
C ASP C 97 48.54 -14.28 4.86
N LEU C 98 48.29 -14.82 6.07
CA LEU C 98 48.56 -16.23 6.40
C LEU C 98 47.61 -17.17 5.62
N ARG C 99 46.31 -16.82 5.53
CA ARG C 99 45.28 -17.57 4.80
C ARG C 99 45.63 -17.67 3.31
N ARG C 100 46.18 -16.57 2.74
CA ARG C 100 46.63 -16.41 1.36
C ARG C 100 47.86 -17.28 1.09
N ASP C 101 48.85 -17.25 2.01
CA ASP C 101 50.10 -18.00 1.88
C ASP C 101 49.90 -19.50 2.09
N LEU C 102 48.87 -19.89 2.85
CA LEU C 102 48.52 -21.29 3.07
C LEU C 102 47.84 -21.86 1.82
N PHE C 103 46.90 -21.09 1.22
CA PHE C 103 46.19 -21.48 0.00
C PHE C 103 47.15 -21.54 -1.19
N ARG C 104 48.19 -20.67 -1.20
CA ARG C 104 49.23 -20.65 -2.23
C ARG C 104 50.01 -21.96 -2.14
N LYS C 105 50.32 -22.40 -0.89
CA LYS C 105 51.02 -23.64 -0.58
C LYS C 105 50.15 -24.84 -0.96
N VAL C 106 48.83 -24.75 -0.68
CA VAL C 106 47.83 -25.77 -0.98
C VAL C 106 47.71 -25.95 -2.51
N LEU C 107 47.79 -24.85 -3.28
CA LEU C 107 47.74 -24.90 -4.74
C LEU C 107 48.98 -25.55 -5.34
N SER C 108 50.14 -25.44 -4.66
CA SER C 108 51.40 -26.02 -5.10
C SER C 108 51.47 -27.54 -4.86
N PHE C 109 50.64 -28.05 -3.93
CA PHE C 109 50.57 -29.46 -3.55
C PHE C 109 50.17 -30.39 -4.70
N SER C 110 50.60 -31.65 -4.58
CA SER C 110 50.24 -32.76 -5.48
C SER C 110 49.14 -33.53 -4.71
N ILE C 111 48.53 -34.57 -5.33
CA ILE C 111 47.45 -35.31 -4.66
C ILE C 111 47.97 -36.07 -3.42
N SER C 112 49.23 -36.56 -3.45
CA SER C 112 49.88 -37.28 -2.34
C SER C 112 50.06 -36.38 -1.11
N ASN C 113 50.25 -35.07 -1.33
CA ASN C 113 50.38 -34.07 -0.27
C ASN C 113 49.00 -33.79 0.35
N VAL C 114 47.96 -33.74 -0.52
CA VAL C 114 46.57 -33.52 -0.13
C VAL C 114 46.00 -34.78 0.55
N ASN C 115 46.59 -35.96 0.27
CA ASN C 115 46.17 -37.21 0.90
C ASN C 115 46.67 -37.34 2.32
N ARG C 116 47.84 -36.73 2.64
CA ARG C 116 48.42 -36.74 3.98
C ARG C 116 47.54 -35.86 4.88
N PHE C 117 47.42 -34.56 4.56
CA PHE C 117 46.53 -33.66 5.29
C PHE C 117 45.21 -33.77 4.57
N HIS C 118 44.31 -34.64 5.05
CA HIS C 118 42.99 -34.89 4.47
C HIS C 118 42.30 -33.61 4.01
N THR C 119 41.64 -33.64 2.83
CA THR C 119 40.95 -32.48 2.23
C THR C 119 40.12 -31.70 3.28
N SER C 120 39.36 -32.43 4.12
CA SER C 120 38.53 -31.89 5.20
C SER C 120 39.36 -31.17 6.29
N SER C 121 40.56 -31.70 6.59
CA SER C 121 41.48 -31.13 7.58
C SER C 121 42.10 -29.83 7.07
N LEU C 122 42.44 -29.78 5.77
CA LEU C 122 43.03 -28.59 5.11
C LEU C 122 42.09 -27.40 5.19
N ILE C 123 40.76 -27.65 5.08
CA ILE C 123 39.70 -26.63 5.18
C ILE C 123 39.81 -25.95 6.55
N THR C 124 39.90 -26.75 7.65
CA THR C 124 40.05 -26.29 9.02
C THR C 124 41.36 -25.53 9.20
N ARG C 125 42.47 -26.09 8.66
CA ARG C 125 43.81 -25.50 8.75
C ARG C 125 43.91 -24.12 8.09
N LEU C 126 43.15 -23.91 7.00
CA LEU C 126 43.14 -22.66 6.24
C LEU C 126 42.14 -21.62 6.77
N THR C 127 41.20 -22.02 7.66
CA THR C 127 40.21 -21.10 8.19
C THR C 127 40.24 -21.04 9.73
N ASN C 128 39.70 -22.08 10.40
CA ASN C 128 39.58 -22.22 11.86
C ASN C 128 40.90 -22.13 12.61
N ASP C 129 41.98 -22.72 12.08
CA ASP C 129 43.29 -22.69 12.70
C ASP C 129 43.95 -21.32 12.60
N VAL C 130 43.72 -20.60 11.48
CA VAL C 130 44.22 -19.23 11.26
C VAL C 130 43.48 -18.29 12.20
N THR C 131 42.15 -18.51 12.36
CA THR C 131 41.25 -17.74 13.23
C THR C 131 41.76 -17.75 14.68
N GLN C 132 42.23 -18.91 15.16
CA GLN C 132 42.76 -19.07 16.52
C GLN C 132 44.03 -18.27 16.72
N LEU C 133 44.91 -18.23 15.70
CA LEU C 133 46.17 -17.49 15.74
C LEU C 133 45.94 -15.98 15.61
N GLN C 134 44.97 -15.55 14.77
CA GLN C 134 44.66 -14.13 14.60
C GLN C 134 43.93 -13.55 15.81
N ASN C 135 43.18 -14.41 16.56
CA ASN C 135 42.51 -14.01 17.81
C ASN C 135 43.56 -13.82 18.91
N LEU C 136 44.62 -14.67 18.88
CA LEU C 136 45.75 -14.62 19.83
C LEU C 136 46.50 -13.30 19.65
N VAL C 137 46.79 -12.92 18.38
CA VAL C 137 47.48 -11.67 18.03
C VAL C 137 46.60 -10.48 18.44
N MET C 138 45.27 -10.59 18.24
CA MET C 138 44.28 -9.56 18.58
C MET C 138 44.34 -9.14 20.05
N MET C 139 44.17 -10.09 20.98
CA MET C 139 44.22 -9.80 22.42
C MET C 139 45.63 -9.50 22.90
N LEU C 140 46.66 -10.02 22.19
CA LEU C 140 48.07 -9.77 22.49
C LEU C 140 48.40 -8.29 22.24
N LEU C 141 47.86 -7.71 21.14
CA LEU C 141 48.06 -6.30 20.79
C LEU C 141 47.39 -5.32 21.77
N ARG C 142 46.58 -5.83 22.70
CA ARG C 142 45.87 -5.02 23.70
C ARG C 142 46.50 -5.10 25.09
N ILE C 143 46.71 -6.32 25.62
CA ILE C 143 47.22 -6.50 26.98
C ILE C 143 48.68 -7.07 27.04
N VAL C 144 49.53 -6.73 26.04
CA VAL C 144 50.94 -7.18 26.04
C VAL C 144 51.77 -6.31 27.01
N VAL C 145 51.36 -5.05 27.22
CA VAL C 145 52.03 -4.10 28.11
C VAL C 145 51.11 -3.71 29.29
N ARG C 146 49.78 -3.82 29.10
CA ARG C 146 48.76 -3.52 30.11
C ARG C 146 48.85 -4.45 31.33
N ALA C 147 48.97 -5.79 31.09
CA ALA C 147 49.09 -6.80 32.13
C ALA C 147 50.42 -6.72 32.94
N PRO C 148 51.63 -6.67 32.32
CA PRO C 148 52.86 -6.58 33.15
C PRO C 148 53.07 -5.24 33.87
N LEU C 149 52.68 -4.10 33.27
CA LEU C 149 52.83 -2.77 33.88
C LEU C 149 51.97 -2.58 35.13
N LEU C 150 50.74 -3.14 35.12
CA LEU C 150 49.81 -3.08 36.26
C LEU C 150 50.27 -4.04 37.37
N PHE C 151 51.04 -5.08 37.00
CA PHE C 151 51.61 -6.09 37.90
C PHE C 151 52.90 -5.55 38.56
N VAL C 152 53.75 -4.87 37.76
CA VAL C 152 55.00 -4.25 38.23
C VAL C 152 54.66 -3.00 39.06
N GLY C 153 53.75 -2.17 38.55
CA GLY C 153 53.27 -0.96 39.22
C GLY C 153 52.57 -1.24 40.53
N GLY C 154 51.88 -2.40 40.57
CA GLY C 154 51.16 -2.87 41.75
C GLY C 154 52.09 -3.31 42.86
N ILE C 155 53.11 -4.14 42.52
CA ILE C 155 54.09 -4.65 43.49
C ILE C 155 54.99 -3.50 44.01
N VAL C 156 55.25 -2.48 43.16
CA VAL C 156 56.03 -1.29 43.50
C VAL C 156 55.29 -0.51 44.61
N MET C 157 53.96 -0.39 44.48
CA MET C 157 53.09 0.25 45.46
C MET C 157 52.96 -0.56 46.75
N ALA C 158 53.07 -1.90 46.66
CA ALA C 158 53.02 -2.81 47.81
C ALA C 158 54.32 -2.74 48.61
N VAL C 159 55.47 -2.63 47.90
CA VAL C 159 56.80 -2.53 48.51
C VAL C 159 56.96 -1.17 49.22
N SER C 160 56.46 -0.08 48.58
CA SER C 160 56.49 1.29 49.10
C SER C 160 55.78 1.42 50.46
N ILE C 161 54.67 0.68 50.66
CA ILE C 161 53.91 0.65 51.90
C ILE C 161 54.68 -0.18 52.95
N ASN C 162 54.95 -1.47 52.65
CA ASN C 162 55.69 -2.36 53.53
C ASN C 162 56.45 -3.44 52.75
N VAL C 163 57.78 -3.49 52.95
CA VAL C 163 58.69 -4.45 52.30
C VAL C 163 58.58 -5.84 52.96
N LYS C 164 58.50 -5.86 54.32
CA LYS C 164 58.37 -7.10 55.11
C LYS C 164 57.06 -7.86 54.82
N LEU C 165 55.97 -7.11 54.59
CA LEU C 165 54.65 -7.69 54.26
C LEU C 165 54.61 -8.14 52.79
N SER C 166 55.55 -7.64 51.97
CA SER C 166 55.68 -8.02 50.56
C SER C 166 56.50 -9.31 50.38
N SER C 167 56.77 -10.02 51.50
CA SER C 167 57.50 -11.28 51.53
C SER C 167 56.56 -12.47 51.33
N VAL C 168 55.30 -12.35 51.80
CA VAL C 168 54.32 -13.43 51.69
C VAL C 168 53.83 -13.62 50.24
N LEU C 169 53.95 -12.59 49.36
CA LEU C 169 53.57 -12.71 47.95
C LEU C 169 54.58 -13.54 47.15
N ILE C 170 55.83 -13.64 47.65
CA ILE C 170 56.92 -14.43 47.06
C ILE C 170 56.60 -15.92 47.31
N PHE C 171 55.97 -16.22 48.46
CA PHE C 171 55.53 -17.56 48.89
C PHE C 171 54.31 -18.01 48.05
N LEU C 172 53.59 -17.05 47.44
CA LEU C 172 52.40 -17.25 46.61
C LEU C 172 52.73 -17.60 45.14
N ILE C 173 53.92 -17.19 44.64
CA ILE C 173 54.40 -17.42 43.27
C ILE C 173 54.57 -18.94 42.92
N PRO C 174 55.24 -19.81 43.73
CA PRO C 174 55.37 -21.23 43.32
C PRO C 174 54.07 -21.99 43.01
N PRO C 175 52.97 -21.99 43.82
CA PRO C 175 51.78 -22.77 43.42
C PRO C 175 51.03 -22.27 42.18
N ILE C 176 50.97 -20.93 41.97
CA ILE C 176 50.27 -20.33 40.83
C ILE C 176 50.99 -20.62 39.50
N VAL C 177 52.34 -20.61 39.50
CA VAL C 177 53.17 -20.90 38.31
C VAL C 177 53.02 -22.39 37.98
N LEU C 178 53.01 -23.26 39.03
CA LEU C 178 52.84 -24.72 38.92
C LEU C 178 51.50 -25.06 38.25
N LEU C 179 50.46 -24.22 38.50
CA LEU C 179 49.13 -24.36 37.92
C LEU C 179 49.15 -23.96 36.43
N PHE C 180 49.93 -22.91 36.08
CA PHE C 180 50.08 -22.43 34.70
C PHE C 180 50.80 -23.47 33.84
N VAL C 181 51.80 -24.16 34.44
CA VAL C 181 52.59 -25.23 33.82
C VAL C 181 51.67 -26.43 33.53
N TRP C 182 50.79 -26.76 34.50
CA TRP C 182 49.81 -27.84 34.41
C TRP C 182 48.80 -27.60 33.29
N LEU C 183 48.38 -26.33 33.12
CA LEU C 183 47.45 -25.91 32.07
C LEU C 183 48.13 -25.93 30.70
N THR C 184 49.48 -25.81 30.67
CA THR C 184 50.28 -25.83 29.44
C THR C 184 50.50 -27.26 28.94
N LYS C 185 50.99 -28.14 29.83
CA LYS C 185 51.29 -29.55 29.54
C LYS C 185 50.04 -30.37 29.18
N LYS C 186 48.98 -30.29 30.01
CA LYS C 186 47.74 -31.01 29.79
C LYS C 186 46.84 -30.38 28.73
N GLY C 187 46.81 -29.05 28.69
CA GLY C 187 45.99 -28.25 27.78
C GLY C 187 46.23 -28.46 26.30
N ASN C 188 47.41 -28.05 25.80
CA ASN C 188 47.84 -28.12 24.40
C ASN C 188 47.36 -29.38 23.60
N PRO C 189 47.57 -30.66 24.04
CA PRO C 189 47.09 -31.79 23.22
C PRO C 189 45.57 -31.92 23.15
N LEU C 190 44.86 -31.43 24.19
CA LEU C 190 43.39 -31.47 24.27
C LEU C 190 42.72 -30.48 23.31
N PHE C 191 43.37 -29.32 23.05
CA PHE C 191 42.86 -28.32 22.10
C PHE C 191 43.10 -28.79 20.66
N ARG C 192 44.18 -29.58 20.45
CA ARG C 192 44.56 -30.18 19.18
C ARG C 192 43.48 -31.19 18.79
N LYS C 193 42.97 -31.96 19.78
CA LYS C 193 41.91 -32.96 19.59
C LYS C 193 40.56 -32.34 19.21
N ILE C 194 40.34 -31.05 19.54
CA ILE C 194 39.12 -30.31 19.15
C ILE C 194 39.26 -30.01 17.65
N GLN C 195 40.45 -29.49 17.26
CA GLN C 195 40.80 -29.17 15.87
C GLN C 195 40.83 -30.42 15.01
N GLU C 196 41.15 -31.58 15.61
CA GLU C 196 41.15 -32.87 14.93
C GLU C 196 39.73 -33.41 14.79
N SER C 197 38.85 -33.10 15.77
CA SER C 197 37.44 -33.52 15.75
C SER C 197 36.61 -32.69 14.77
N THR C 198 37.05 -31.43 14.50
CA THR C 198 36.39 -30.54 13.53
C THR C 198 36.69 -31.04 12.12
N ASP C 199 37.87 -31.68 11.93
CA ASP C 199 38.30 -32.27 10.66
C ASP C 199 37.39 -33.44 10.31
N GLU C 200 36.92 -34.19 11.34
CA GLU C 200 36.04 -35.34 11.18
C GLU C 200 34.60 -34.92 10.88
N VAL C 201 34.10 -33.83 11.51
CA VAL C 201 32.74 -33.33 11.24
C VAL C 201 32.69 -32.72 9.84
N ASN C 202 33.85 -32.18 9.36
CA ASN C 202 34.02 -31.64 8.02
C ASN C 202 33.95 -32.81 7.03
N ARG C 203 34.65 -33.92 7.33
CA ARG C 203 34.71 -35.14 6.53
C ARG C 203 33.34 -35.77 6.33
N VAL C 204 32.50 -35.80 7.39
CA VAL C 204 31.15 -36.38 7.33
C VAL C 204 30.23 -35.50 6.48
N VAL C 205 30.17 -34.18 6.75
CA VAL C 205 29.32 -33.27 5.99
C VAL C 205 29.79 -33.16 4.51
N ARG C 206 31.12 -33.17 4.26
CA ARG C 206 31.71 -33.10 2.91
C ARG C 206 31.32 -34.29 2.03
N GLU C 207 31.50 -35.54 2.53
CA GLU C 207 31.16 -36.77 1.82
C GLU C 207 29.67 -36.85 1.55
N ASN C 208 28.85 -36.33 2.50
CA ASN C 208 27.39 -36.28 2.38
C ASN C 208 26.95 -35.29 1.30
N LEU C 209 27.57 -34.08 1.26
CA LEU C 209 27.29 -33.05 0.25
C LEU C 209 27.71 -33.56 -1.12
N LEU C 210 28.97 -34.02 -1.25
CA LEU C 210 29.55 -34.56 -2.48
C LEU C 210 29.19 -36.04 -2.60
N GLY C 211 27.93 -36.29 -2.96
CA GLY C 211 27.38 -37.64 -3.12
C GLY C 211 26.13 -37.86 -2.30
N VAL C 212 25.19 -36.90 -2.36
CA VAL C 212 23.92 -36.98 -1.66
C VAL C 212 22.98 -37.97 -2.37
N ARG C 213 23.08 -38.05 -3.71
CA ARG C 213 22.29 -38.92 -4.58
C ARG C 213 22.46 -40.41 -4.24
N VAL C 214 23.70 -40.82 -3.87
CA VAL C 214 24.06 -42.20 -3.49
C VAL C 214 23.42 -42.54 -2.13
N VAL C 215 23.46 -41.58 -1.17
CA VAL C 215 22.89 -41.70 0.17
C VAL C 215 21.36 -41.93 0.08
N ARG C 216 20.68 -41.12 -0.75
CA ARG C 216 19.22 -41.19 -1.00
C ARG C 216 18.83 -42.48 -1.73
N ALA C 217 19.60 -42.84 -2.80
CA ALA C 217 19.38 -44.01 -3.66
C ALA C 217 19.41 -45.34 -2.93
N PHE C 218 20.33 -45.48 -1.95
CA PHE C 218 20.51 -46.70 -1.17
C PHE C 218 19.79 -46.64 0.19
N ARG C 219 18.98 -45.58 0.41
CA ARG C 219 18.20 -45.31 1.62
C ARG C 219 19.09 -45.35 2.90
N ARG C 220 20.33 -44.83 2.78
CA ARG C 220 21.30 -44.79 3.88
C ARG C 220 21.36 -43.40 4.52
N GLU C 221 20.21 -42.72 4.59
CA GLU C 221 20.06 -41.39 5.18
C GLU C 221 20.18 -41.46 6.70
N GLU C 222 19.54 -42.47 7.33
CA GLU C 222 19.56 -42.71 8.78
C GLU C 222 20.97 -43.11 9.24
N TYR C 223 21.69 -43.85 8.38
CA TYR C 223 23.07 -44.32 8.60
C TYR C 223 24.02 -43.14 8.63
N GLU C 224 23.84 -42.18 7.70
CA GLU C 224 24.67 -40.97 7.63
C GLU C 224 24.40 -40.03 8.81
N ASN C 225 23.13 -40.00 9.30
CA ASN C 225 22.71 -39.21 10.47
C ASN C 225 23.41 -39.76 11.72
N GLU C 226 23.61 -41.10 11.77
CA GLU C 226 24.32 -41.79 12.83
C GLU C 226 25.82 -41.61 12.71
N ASN C 227 26.34 -41.54 11.45
CA ASN C 227 27.74 -41.31 11.14
C ASN C 227 28.14 -39.91 11.59
N PHE C 228 27.21 -38.93 11.44
CA PHE C 228 27.43 -37.56 11.88
C PHE C 228 27.33 -37.43 13.39
N ARG C 229 26.29 -38.02 14.05
CA ARG C 229 26.11 -37.91 15.50
C ARG C 229 27.29 -38.52 16.27
N LYS C 230 27.99 -39.53 15.68
CA LYS C 230 29.18 -40.12 16.27
C LYS C 230 30.35 -39.12 16.20
N ALA C 231 30.43 -38.32 15.12
CA ALA C 231 31.45 -37.30 14.92
C ALA C 231 31.14 -36.04 15.74
N ASN C 232 29.84 -35.71 15.88
CA ASN C 232 29.31 -34.58 16.63
C ASN C 232 29.47 -34.81 18.14
N GLU C 233 29.21 -36.05 18.61
CA GLU C 233 29.38 -36.41 20.02
C GLU C 233 30.86 -36.43 20.38
N SER C 234 31.74 -36.89 19.45
CA SER C 234 33.18 -36.92 19.66
C SER C 234 33.75 -35.51 19.70
N LEU C 235 33.13 -34.57 18.96
CA LEU C 235 33.55 -33.17 18.92
C LEU C 235 33.24 -32.46 20.24
N ARG C 236 31.99 -32.59 20.78
CA ARG C 236 31.62 -31.96 22.05
C ARG C 236 32.39 -32.56 23.24
N ARG C 237 32.73 -33.86 23.16
CA ARG C 237 33.52 -34.58 24.17
C ARG C 237 34.96 -34.06 24.19
N SER C 238 35.49 -33.60 23.02
CA SER C 238 36.81 -33.02 22.90
C SER C 238 36.82 -31.61 23.49
N ILE C 239 35.69 -30.88 23.35
CA ILE C 239 35.50 -29.52 23.85
C ILE C 239 35.36 -29.52 25.38
N ILE C 240 34.42 -30.34 25.92
CA ILE C 240 34.19 -30.43 27.37
C ILE C 240 35.43 -30.91 28.13
N SER C 241 36.25 -31.78 27.50
CA SER C 241 37.47 -32.32 28.11
C SER C 241 38.61 -31.30 28.20
N ALA C 242 38.72 -30.39 27.21
CA ALA C 242 39.75 -29.37 27.18
C ALA C 242 39.36 -28.10 27.93
N PHE C 243 38.04 -27.82 28.01
CA PHE C 243 37.56 -26.62 28.71
C PHE C 243 37.24 -26.87 30.19
N SER C 244 37.14 -28.15 30.60
CA SER C 244 36.93 -28.53 32.00
C SER C 244 38.21 -28.26 32.79
N LEU C 245 39.37 -28.23 32.08
CA LEU C 245 40.68 -27.93 32.63
C LEU C 245 40.78 -26.49 33.09
N ILE C 246 40.08 -25.56 32.41
CA ILE C 246 40.05 -24.14 32.74
C ILE C 246 39.01 -23.85 33.83
N VAL C 247 37.84 -24.53 33.80
CA VAL C 247 36.76 -24.35 34.79
C VAL C 247 37.13 -24.93 36.18
N PHE C 248 38.28 -25.62 36.27
CA PHE C 248 38.82 -26.20 37.50
C PHE C 248 40.04 -25.38 37.96
N ALA C 249 40.93 -25.01 37.02
CA ALA C 249 42.14 -24.24 37.30
C ALA C 249 41.86 -22.80 37.72
N LEU C 250 40.97 -22.09 36.99
CA LEU C 250 40.60 -20.70 37.31
C LEU C 250 40.03 -20.54 38.74
N PRO C 251 39.01 -21.34 39.20
CA PRO C 251 38.52 -21.17 40.59
C PRO C 251 39.55 -21.58 41.64
N LEU C 252 40.44 -22.52 41.30
CA LEU C 252 41.52 -22.97 42.19
C LEU C 252 42.55 -21.85 42.32
N PHE C 253 42.81 -21.12 41.20
CA PHE C 253 43.73 -19.99 41.15
C PHE C 253 43.20 -18.83 42.00
N ILE C 254 41.89 -18.48 41.82
CA ILE C 254 41.27 -17.38 42.57
C ILE C 254 41.19 -17.72 44.08
N PHE C 255 41.17 -19.03 44.44
CA PHE C 255 41.21 -19.47 45.84
C PHE C 255 42.58 -19.13 46.43
N ILE C 256 43.68 -19.49 45.73
CA ILE C 256 45.07 -19.22 46.12
C ILE C 256 45.30 -17.69 46.19
N VAL C 257 44.66 -16.95 45.25
CA VAL C 257 44.67 -15.48 45.16
C VAL C 257 44.02 -14.89 46.43
N ASN C 258 42.84 -15.41 46.83
CA ASN C 258 42.11 -14.96 48.01
C ASN C 258 42.75 -15.44 49.32
N MET C 259 43.55 -16.53 49.27
CA MET C 259 44.27 -17.05 50.44
C MET C 259 45.46 -16.14 50.75
N GLY C 260 45.89 -15.38 49.75
CA GLY C 260 46.96 -14.39 49.85
C GLY C 260 46.54 -13.21 50.71
N MET C 261 45.24 -12.86 50.66
CA MET C 261 44.62 -11.79 51.44
C MET C 261 44.64 -12.13 52.93
N ILE C 262 44.30 -13.39 53.28
CA ILE C 262 44.30 -13.95 54.64
C ILE C 262 45.74 -13.98 55.18
N ALA C 263 46.72 -14.35 54.32
CA ALA C 263 48.15 -14.39 54.63
C ALA C 263 48.66 -12.98 54.93
N VAL C 264 48.11 -11.96 54.25
CA VAL C 264 48.45 -10.54 54.44
C VAL C 264 47.87 -10.05 55.77
N LEU C 265 46.62 -10.43 56.08
CA LEU C 265 45.95 -10.05 57.33
C LEU C 265 46.60 -10.73 58.54
N TRP C 266 47.03 -12.01 58.39
CA TRP C 266 47.67 -12.77 59.46
C TRP C 266 49.06 -12.23 59.76
N PHE C 267 49.91 -12.04 58.72
CA PHE C 267 51.26 -11.52 58.90
C PHE C 267 51.25 -10.03 59.26
N GLY C 268 50.27 -9.30 58.73
CA GLY C 268 50.05 -7.88 59.00
C GLY C 268 49.65 -7.67 60.45
N GLY C 269 48.91 -8.63 60.99
CA GLY C 269 48.48 -8.68 62.39
C GLY C 269 49.66 -8.84 63.32
N VAL C 270 50.66 -9.63 62.89
CA VAL C 270 51.91 -9.88 63.60
C VAL C 270 52.78 -8.60 63.56
N LEU C 271 52.81 -7.91 62.38
CA LEU C 271 53.57 -6.68 62.19
C LEU C 271 53.04 -5.51 63.03
N VAL C 272 51.70 -5.31 63.07
CA VAL C 272 51.04 -4.27 63.88
C VAL C 272 51.28 -4.55 65.39
N ARG C 273 51.29 -5.84 65.77
CA ARG C 273 51.55 -6.31 67.14
C ARG C 273 53.01 -6.03 67.55
N ASN C 274 53.91 -5.88 66.56
CA ASN C 274 55.34 -5.59 66.75
C ASN C 274 55.76 -4.20 66.24
N ASN C 275 54.75 -3.34 65.92
CA ASN C 275 54.88 -1.95 65.44
C ASN C 275 55.75 -1.81 64.16
N GLN C 276 55.80 -2.88 63.35
CA GLN C 276 56.55 -2.91 62.09
C GLN C 276 55.70 -2.34 60.94
N MET C 277 54.38 -2.20 61.17
CA MET C 277 53.43 -1.65 60.19
C MET C 277 52.37 -0.76 60.86
N GLU C 278 51.92 0.27 60.13
CA GLU C 278 50.89 1.23 60.59
C GLU C 278 49.48 0.71 60.33
N ILE C 279 48.52 1.11 61.18
CA ILE C 279 47.10 0.73 61.08
C ILE C 279 46.40 1.39 59.87
N GLY C 280 46.89 2.57 59.49
CA GLY C 280 46.39 3.31 58.34
C GLY C 280 46.92 2.77 57.04
N SER C 281 48.13 2.17 57.09
CA SER C 281 48.82 1.58 55.94
C SER C 281 48.13 0.33 55.40
N ILE C 282 47.48 -0.48 56.28
CA ILE C 282 46.78 -1.70 55.89
C ILE C 282 45.53 -1.41 55.02
N MET C 283 44.88 -0.24 55.25
CA MET C 283 43.69 0.23 54.53
C MET C 283 43.97 0.41 53.03
N ALA C 284 45.17 0.92 52.69
CA ALA C 284 45.61 1.15 51.31
C ALA C 284 46.22 -0.10 50.67
N TYR C 285 46.99 -0.91 51.47
CA TYR C 285 47.65 -2.14 51.04
C TYR C 285 46.66 -3.17 50.50
N THR C 286 45.46 -3.26 51.11
CA THR C 286 44.38 -4.16 50.72
C THR C 286 43.91 -3.92 49.28
N ASN C 287 43.90 -2.64 48.85
CA ASN C 287 43.49 -2.24 47.50
C ASN C 287 44.54 -2.59 46.44
N TYR C 288 45.83 -2.22 46.66
CA TYR C 288 46.90 -2.50 45.70
C TYR C 288 47.29 -3.99 45.64
N LEU C 289 46.94 -4.80 46.67
CA LEU C 289 47.22 -6.23 46.67
C LEU C 289 46.32 -6.95 45.66
N MET C 290 45.03 -6.55 45.61
CA MET C 290 44.03 -7.10 44.68
C MET C 290 44.39 -6.77 43.23
N GLN C 291 45.08 -5.63 43.00
CA GLN C 291 45.55 -5.15 41.69
C GLN C 291 46.63 -6.08 41.16
N ILE C 292 47.53 -6.58 42.05
CA ILE C 292 48.61 -7.51 41.72
C ILE C 292 48.00 -8.85 41.30
N MET C 293 46.99 -9.32 42.07
CA MET C 293 46.26 -10.56 41.85
C MET C 293 45.46 -10.53 40.55
N PHE C 294 44.79 -9.38 40.26
CA PHE C 294 43.99 -9.17 39.05
C PHE C 294 44.89 -9.22 37.81
N SER C 295 46.07 -8.57 37.88
CA SER C 295 47.06 -8.51 36.80
C SER C 295 47.69 -9.88 36.54
N LEU C 296 47.84 -10.69 37.61
CA LEU C 296 48.39 -12.05 37.57
C LEU C 296 47.46 -12.99 36.78
N MET C 297 46.14 -12.75 36.87
CA MET C 297 45.09 -13.50 36.17
C MET C 297 45.16 -13.23 34.66
N MET C 298 45.56 -12.00 34.29
CA MET C 298 45.70 -11.54 32.91
C MET C 298 46.91 -12.21 32.24
N ILE C 299 48.00 -12.45 33.01
CA ILE C 299 49.22 -13.13 32.52
C ILE C 299 48.90 -14.64 32.40
N GLY C 300 47.92 -15.11 33.17
CA GLY C 300 47.44 -16.49 33.13
C GLY C 300 46.48 -16.71 31.98
N ASN C 301 45.65 -15.69 31.67
CA ASN C 301 44.67 -15.70 30.59
C ASN C 301 45.33 -15.74 29.21
N ILE C 302 46.48 -15.04 29.03
CA ILE C 302 47.24 -15.04 27.78
C ILE C 302 47.81 -16.44 27.50
N LEU C 303 48.21 -17.16 28.57
CA LEU C 303 48.72 -18.54 28.52
C LEU C 303 47.61 -19.51 28.13
N ASN C 304 46.35 -19.22 28.54
CA ASN C 304 45.15 -20.00 28.21
C ASN C 304 44.83 -19.86 26.71
N PHE C 305 45.16 -18.70 26.12
CA PHE C 305 44.97 -18.48 24.69
C PHE C 305 46.19 -18.94 23.92
N ILE C 306 47.37 -18.98 24.57
CA ILE C 306 48.62 -19.49 23.99
C ILE C 306 48.52 -21.00 23.78
N VAL C 307 47.95 -21.75 24.75
CA VAL C 307 47.80 -23.21 24.67
C VAL C 307 46.77 -23.62 23.59
N ARG C 308 45.75 -22.77 23.33
CA ARG C 308 44.75 -23.03 22.29
C ARG C 308 45.38 -22.74 20.91
N ALA C 309 46.18 -21.65 20.83
CA ALA C 309 46.86 -21.22 19.60
C ALA C 309 48.07 -22.07 19.24
N SER C 310 48.76 -22.67 20.24
CA SER C 310 49.95 -23.51 20.04
C SER C 310 49.61 -24.78 19.25
N ALA C 311 48.38 -25.31 19.45
CA ALA C 311 47.86 -26.48 18.75
C ALA C 311 47.60 -26.11 17.28
N SER C 312 47.00 -24.92 17.07
CA SER C 312 46.68 -24.36 15.74
C SER C 312 47.94 -23.96 14.97
N ALA C 313 48.98 -23.48 15.69
CA ALA C 313 50.26 -23.07 15.11
C ALA C 313 50.98 -24.26 14.50
N LYS C 314 50.98 -25.42 15.21
CA LYS C 314 51.59 -26.67 14.77
C LYS C 314 50.94 -27.16 13.47
N ARG C 315 49.59 -27.14 13.43
CA ARG C 315 48.77 -27.54 12.28
C ARG C 315 49.00 -26.65 11.06
N VAL C 316 49.13 -25.32 11.29
CA VAL C 316 49.36 -24.34 10.23
C VAL C 316 50.79 -24.48 9.69
N LEU C 317 51.79 -24.52 10.59
CA LEU C 317 53.20 -24.64 10.24
C LEU C 317 53.57 -25.92 9.50
N GLU C 318 52.95 -27.07 9.83
CA GLU C 318 53.25 -28.33 9.15
C GLU C 318 52.74 -28.35 7.69
N VAL C 319 51.71 -27.54 7.39
CA VAL C 319 51.16 -27.39 6.03
C VAL C 319 52.13 -26.51 5.24
N LEU C 320 52.59 -25.40 5.85
CA LEU C 320 53.55 -24.46 5.26
C LEU C 320 54.91 -25.10 5.01
N ASN C 321 55.35 -25.98 5.95
CA ASN C 321 56.64 -26.67 5.85
C ASN C 321 56.60 -27.95 4.99
N GLU C 322 55.42 -28.35 4.51
CA GLU C 322 55.25 -29.51 3.64
C GLU C 322 55.71 -29.17 2.23
N LYS C 323 56.67 -29.96 1.69
CA LYS C 323 57.19 -29.78 0.34
C LYS C 323 56.38 -30.61 -0.67
N PRO C 324 55.98 -30.03 -1.82
CA PRO C 324 55.18 -30.79 -2.79
C PRO C 324 55.96 -31.92 -3.45
N ALA C 325 55.24 -32.98 -3.88
CA ALA C 325 55.81 -34.16 -4.55
C ALA C 325 56.55 -33.82 -5.83
N ILE C 326 56.08 -32.79 -6.56
CA ILE C 326 56.68 -32.30 -7.80
C ILE C 326 57.16 -30.86 -7.57
N GLU C 327 58.50 -30.67 -7.65
CA GLU C 327 59.17 -29.38 -7.44
C GLU C 327 60.09 -29.03 -8.60
N GLU C 328 60.08 -27.75 -9.00
CA GLU C 328 60.93 -27.22 -10.08
C GLU C 328 62.37 -27.06 -9.57
N ALA C 329 63.36 -27.39 -10.41
CA ALA C 329 64.78 -27.32 -10.07
C ALA C 329 65.31 -25.88 -9.97
N ASP C 330 66.44 -25.67 -9.27
CA ASP C 330 67.08 -24.36 -9.12
C ASP C 330 67.69 -23.89 -10.44
N ASN C 331 68.13 -24.85 -11.28
CA ASN C 331 68.71 -24.62 -12.60
C ASN C 331 67.71 -25.00 -13.71
N ALA C 332 66.40 -24.73 -13.44
CA ALA C 332 65.27 -25.01 -14.32
C ALA C 332 65.40 -24.32 -15.67
N LEU C 333 65.17 -25.09 -16.74
CA LEU C 333 65.28 -24.62 -18.12
C LEU C 333 63.92 -24.18 -18.67
N ALA C 334 63.87 -22.95 -19.21
CA ALA C 334 62.66 -22.37 -19.78
C ALA C 334 62.34 -23.02 -21.13
N LEU C 335 61.06 -23.35 -21.35
CA LEU C 335 60.60 -23.99 -22.58
C LEU C 335 59.53 -23.14 -23.29
N PRO C 336 59.93 -22.09 -24.06
CA PRO C 336 58.91 -21.24 -24.72
C PRO C 336 58.35 -21.85 -26.00
N ASN C 337 59.13 -22.68 -26.69
CA ASN C 337 58.75 -23.34 -27.94
C ASN C 337 58.99 -24.84 -27.84
N VAL C 338 57.96 -25.64 -28.20
CA VAL C 338 58.01 -27.11 -28.17
C VAL C 338 57.65 -27.68 -29.56
N GLU C 339 58.17 -28.87 -29.89
CA GLU C 339 57.90 -29.61 -31.14
C GLU C 339 56.88 -30.73 -30.89
N GLY C 340 57.13 -31.51 -29.84
CA GLY C 340 56.30 -32.63 -29.43
C GLY C 340 57.00 -33.97 -29.53
N SER C 341 58.27 -34.04 -29.07
CA SER C 341 59.06 -35.26 -29.10
C SER C 341 58.98 -35.98 -27.75
N VAL C 342 57.83 -36.64 -27.51
CA VAL C 342 57.55 -37.38 -26.28
C VAL C 342 58.31 -38.72 -26.30
N SER C 343 59.09 -38.99 -25.25
CA SER C 343 59.91 -40.20 -25.13
C SER C 343 59.92 -40.74 -23.69
N PHE C 344 59.96 -42.08 -23.57
CA PHE C 344 60.00 -42.81 -22.30
C PHE C 344 61.24 -43.72 -22.33
N GLU C 345 62.20 -43.47 -21.43
CA GLU C 345 63.47 -44.20 -21.39
C GLU C 345 63.58 -45.14 -20.17
N ASN C 346 63.10 -46.40 -20.33
CA ASN C 346 63.07 -47.47 -19.31
C ASN C 346 62.40 -47.00 -18.00
N VAL C 347 61.25 -46.32 -18.15
CA VAL C 347 60.43 -45.73 -17.09
C VAL C 347 59.82 -46.80 -16.18
N GLU C 348 59.93 -46.56 -14.87
CA GLU C 348 59.42 -47.41 -13.80
C GLU C 348 58.57 -46.54 -12.88
N PHE C 349 57.25 -46.77 -12.85
CA PHE C 349 56.39 -46.00 -11.96
C PHE C 349 55.60 -46.89 -11.01
N ARG C 350 55.53 -46.44 -9.76
CA ARG C 350 54.84 -47.04 -8.62
C ARG C 350 54.32 -45.87 -7.80
N TYR C 351 53.07 -45.95 -7.34
CA TYR C 351 52.48 -44.89 -6.51
C TYR C 351 53.13 -44.81 -5.14
N PHE C 352 53.14 -43.60 -4.53
CA PHE C 352 53.74 -43.34 -3.22
C PHE C 352 53.34 -44.35 -2.15
N GLU C 353 54.36 -45.03 -1.55
CA GLU C 353 54.27 -46.04 -0.49
C GLU C 353 53.58 -47.36 -0.91
N ASN C 354 53.14 -47.50 -2.19
CA ASN C 354 52.47 -48.71 -2.67
C ASN C 354 53.43 -49.89 -2.78
N THR C 355 52.91 -51.12 -2.58
CA THR C 355 53.66 -52.37 -2.57
C THR C 355 54.24 -52.76 -3.92
N ASP C 356 53.44 -52.69 -5.00
CA ASP C 356 53.85 -53.09 -6.35
C ASP C 356 53.85 -51.95 -7.38
N PRO C 357 54.74 -51.99 -8.41
CA PRO C 357 54.75 -50.93 -9.42
C PRO C 357 53.64 -51.06 -10.46
N VAL C 358 53.04 -49.92 -10.82
CA VAL C 358 51.94 -49.82 -11.80
C VAL C 358 52.46 -49.73 -13.25
N LEU C 359 53.74 -49.35 -13.42
CA LEU C 359 54.42 -49.23 -14.72
C LEU C 359 55.86 -49.73 -14.59
N SER C 360 56.29 -50.58 -15.53
CA SER C 360 57.64 -51.17 -15.53
C SER C 360 58.09 -51.52 -16.95
N GLY C 361 59.36 -51.24 -17.23
CA GLY C 361 59.98 -51.49 -18.54
C GLY C 361 59.30 -50.76 -19.67
N VAL C 362 59.13 -49.44 -19.51
CA VAL C 362 58.46 -48.60 -20.49
C VAL C 362 59.50 -47.86 -21.33
N ASN C 363 59.74 -48.35 -22.57
CA ASN C 363 60.70 -47.76 -23.48
C ASN C 363 60.15 -47.62 -24.90
N PHE C 364 59.84 -46.36 -25.29
CA PHE C 364 59.33 -45.97 -26.62
C PHE C 364 59.49 -44.47 -26.86
N SER C 365 59.45 -44.06 -28.14
CA SER C 365 59.55 -42.68 -28.60
C SER C 365 58.40 -42.35 -29.54
N VAL C 366 57.99 -41.07 -29.55
CA VAL C 366 56.90 -40.55 -30.38
C VAL C 366 57.38 -39.33 -31.20
N LYS C 367 57.35 -39.45 -32.54
CA LYS C 367 57.76 -38.38 -33.47
C LYS C 367 56.84 -37.16 -33.38
N PRO C 368 57.33 -35.90 -33.57
CA PRO C 368 56.44 -34.73 -33.44
C PRO C 368 55.29 -34.70 -34.44
N GLY C 369 54.12 -34.28 -33.96
CA GLY C 369 52.89 -34.17 -34.73
C GLY C 369 52.09 -35.44 -34.92
N SER C 370 52.70 -36.61 -34.58
CA SER C 370 52.15 -37.96 -34.68
C SER C 370 50.96 -38.23 -33.75
N LEU C 371 49.96 -38.97 -34.26
CA LEU C 371 48.77 -39.37 -33.51
C LEU C 371 48.96 -40.82 -33.06
N VAL C 372 49.03 -41.04 -31.73
CA VAL C 372 49.23 -42.36 -31.12
C VAL C 372 47.98 -42.78 -30.33
N ALA C 373 47.40 -43.94 -30.69
CA ALA C 373 46.23 -44.49 -30.00
C ALA C 373 46.70 -45.36 -28.84
N VAL C 374 46.32 -44.98 -27.62
CA VAL C 374 46.69 -45.72 -26.41
C VAL C 374 45.55 -46.68 -26.05
N LEU C 375 45.85 -47.99 -26.00
CA LEU C 375 44.86 -49.02 -25.69
C LEU C 375 45.33 -49.96 -24.61
N GLY C 376 44.41 -50.77 -24.10
CA GLY C 376 44.67 -51.74 -23.05
C GLY C 376 43.51 -51.96 -22.12
N GLU C 377 43.54 -53.08 -21.38
CA GLU C 377 42.53 -53.47 -20.40
C GLU C 377 42.46 -52.49 -19.21
N THR C 378 41.35 -52.53 -18.44
CA THR C 378 41.15 -51.67 -17.27
C THR C 378 42.27 -51.88 -16.25
N GLY C 379 42.89 -50.79 -15.83
CA GLY C 379 43.99 -50.81 -14.86
C GLY C 379 45.35 -51.17 -15.44
N SER C 380 45.53 -51.03 -16.78
CA SER C 380 46.81 -51.31 -17.44
C SER C 380 47.88 -50.30 -17.04
N GLY C 381 47.48 -49.04 -16.95
CA GLY C 381 48.34 -47.93 -16.59
C GLY C 381 48.36 -46.83 -17.63
N LYS C 382 47.29 -46.77 -18.47
CA LYS C 382 47.12 -45.79 -19.54
C LYS C 382 47.07 -44.37 -18.99
N SER C 383 46.13 -44.09 -18.07
CA SER C 383 45.96 -42.78 -17.44
C SER C 383 47.22 -42.39 -16.68
N THR C 384 47.84 -43.35 -15.97
CA THR C 384 49.09 -43.18 -15.20
C THR C 384 50.24 -42.79 -16.13
N LEU C 385 50.42 -43.52 -17.26
CA LEU C 385 51.47 -43.27 -18.26
C LEU C 385 51.38 -41.85 -18.80
N MET C 386 50.15 -41.39 -19.09
CA MET C 386 49.87 -40.05 -19.60
C MET C 386 50.22 -38.97 -18.60
N ASN C 387 49.92 -39.21 -17.30
CA ASN C 387 50.19 -38.27 -16.20
C ASN C 387 51.67 -37.93 -16.02
N LEU C 388 52.58 -38.72 -16.60
CA LEU C 388 54.03 -38.51 -16.53
C LEU C 388 54.47 -37.36 -17.44
N ILE C 389 53.78 -37.19 -18.60
CA ILE C 389 54.05 -36.17 -19.62
C ILE C 389 53.89 -34.72 -19.05
N PRO C 390 52.77 -34.31 -18.39
CA PRO C 390 52.74 -32.93 -17.85
C PRO C 390 53.30 -32.82 -16.43
N ARG C 391 54.13 -33.81 -16.03
CA ARG C 391 54.81 -33.93 -14.74
C ARG C 391 53.87 -33.91 -13.53
N LEU C 392 52.75 -34.65 -13.62
CA LEU C 392 51.80 -34.78 -12.49
C LEU C 392 52.39 -35.78 -11.51
N ILE C 393 53.22 -36.71 -12.04
CA ILE C 393 53.95 -37.78 -11.33
C ILE C 393 55.34 -37.97 -11.95
N ASP C 394 56.30 -38.45 -11.14
CA ASP C 394 57.69 -38.70 -11.57
C ASP C 394 58.10 -40.17 -11.39
N PRO C 395 58.85 -40.76 -12.36
CA PRO C 395 59.26 -42.17 -12.20
C PRO C 395 60.42 -42.36 -11.22
N GLU C 396 60.49 -43.56 -10.59
CA GLU C 396 61.57 -43.92 -9.66
C GLU C 396 62.83 -44.13 -10.49
N ARG C 397 62.79 -45.12 -11.39
CA ARG C 397 63.85 -45.50 -12.29
C ARG C 397 63.44 -45.12 -13.71
N GLY C 398 64.40 -44.66 -14.51
CA GLY C 398 64.15 -44.23 -15.89
C GLY C 398 63.75 -42.78 -16.00
N ARG C 399 63.66 -42.26 -17.25
CA ARG C 399 63.30 -40.85 -17.47
C ARG C 399 62.27 -40.62 -18.59
N VAL C 400 61.42 -39.60 -18.39
CA VAL C 400 60.40 -39.14 -19.34
C VAL C 400 60.94 -37.86 -19.99
N GLU C 401 60.89 -37.78 -21.32
CA GLU C 401 61.45 -36.63 -22.06
C GLU C 401 60.49 -36.02 -23.07
N VAL C 402 60.50 -34.68 -23.14
CA VAL C 402 59.71 -33.90 -24.12
C VAL C 402 60.71 -33.00 -24.84
N ASP C 403 60.81 -33.17 -26.18
CA ASP C 403 61.76 -32.47 -27.06
C ASP C 403 63.22 -32.84 -26.73
N GLU C 404 63.46 -34.15 -26.50
CA GLU C 404 64.75 -34.75 -26.14
C GLU C 404 65.35 -34.15 -24.84
N LEU C 405 64.52 -33.49 -24.02
CA LEU C 405 64.90 -32.86 -22.75
C LEU C 405 64.11 -33.50 -21.63
N ASP C 406 64.79 -33.83 -20.51
CA ASP C 406 64.16 -34.43 -19.33
C ASP C 406 63.13 -33.49 -18.71
N VAL C 407 61.90 -33.97 -18.57
CA VAL C 407 60.74 -33.26 -18.02
C VAL C 407 61.04 -32.68 -16.61
N ARG C 408 61.90 -33.36 -15.82
CA ARG C 408 62.35 -32.99 -14.48
C ARG C 408 63.17 -31.67 -14.49
N THR C 409 64.03 -31.47 -15.52
CA THR C 409 64.90 -30.29 -15.66
C THR C 409 64.19 -29.03 -16.20
N VAL C 410 63.04 -29.22 -16.86
CA VAL C 410 62.22 -28.16 -17.47
C VAL C 410 61.38 -27.39 -16.43
N LYS C 411 61.12 -26.09 -16.71
CA LYS C 411 60.27 -25.22 -15.90
C LYS C 411 58.83 -25.76 -16.00
N LEU C 412 58.16 -25.89 -14.85
CA LEU C 412 56.82 -26.48 -14.75
C LEU C 412 55.72 -25.72 -15.51
N LYS C 413 55.64 -24.38 -15.38
CA LYS C 413 54.63 -23.59 -16.08
C LYS C 413 54.85 -23.62 -17.61
N ASP C 414 56.13 -23.64 -18.03
CA ASP C 414 56.53 -23.71 -19.44
C ASP C 414 56.11 -25.04 -20.06
N LEU C 415 56.43 -26.17 -19.38
CA LEU C 415 56.10 -27.53 -19.81
C LEU C 415 54.58 -27.75 -19.89
N ARG C 416 53.86 -27.44 -18.80
CA ARG C 416 52.41 -27.61 -18.71
C ARG C 416 51.64 -26.66 -19.62
N GLY C 417 52.25 -25.52 -19.96
CA GLY C 417 51.67 -24.52 -20.84
C GLY C 417 51.52 -24.99 -22.28
N HIS C 418 52.38 -25.96 -22.69
CA HIS C 418 52.39 -26.53 -24.05
C HIS C 418 51.66 -27.86 -24.16
N ILE C 419 51.27 -28.47 -23.02
CA ILE C 419 50.55 -29.74 -22.97
C ILE C 419 49.12 -29.51 -22.48
N SER C 420 48.13 -30.03 -23.23
CA SER C 420 46.72 -29.95 -22.85
C SER C 420 46.15 -31.35 -22.67
N ALA C 421 45.30 -31.52 -21.64
CA ALA C 421 44.70 -32.80 -21.33
C ALA C 421 43.19 -32.75 -21.17
N VAL C 422 42.53 -33.88 -21.50
CA VAL C 422 41.10 -34.09 -21.34
C VAL C 422 41.02 -35.30 -20.38
N PRO C 423 40.88 -35.03 -19.05
CA PRO C 423 40.86 -36.15 -18.08
C PRO C 423 39.71 -37.13 -18.24
N GLN C 424 39.93 -38.39 -17.82
CA GLN C 424 38.94 -39.49 -17.89
C GLN C 424 37.67 -39.13 -17.12
N GLU C 425 37.84 -38.47 -15.96
CA GLU C 425 36.75 -37.96 -15.14
C GLU C 425 36.77 -36.44 -15.28
N THR C 426 35.88 -35.92 -16.16
CA THR C 426 35.80 -34.50 -16.49
C THR C 426 35.21 -33.67 -15.35
N VAL C 427 35.97 -32.64 -14.92
CA VAL C 427 35.57 -31.74 -13.84
C VAL C 427 35.55 -30.30 -14.36
N LEU C 428 34.39 -29.65 -14.21
CA LEU C 428 34.18 -28.26 -14.60
C LEU C 428 34.16 -27.39 -13.34
N PHE C 429 34.31 -26.07 -13.50
CA PHE C 429 34.35 -25.17 -12.35
C PHE C 429 33.24 -24.15 -12.36
N SER C 430 32.83 -23.67 -11.17
CA SER C 430 31.77 -22.70 -11.02
C SER C 430 32.10 -21.36 -11.70
N GLY C 431 31.13 -20.83 -12.44
CA GLY C 431 31.25 -19.58 -13.19
C GLY C 431 30.43 -19.61 -14.47
N THR C 432 31.06 -19.25 -15.60
CA THR C 432 30.41 -19.25 -16.92
C THR C 432 31.10 -20.26 -17.85
N ILE C 433 30.43 -20.60 -18.99
CA ILE C 433 30.97 -21.51 -20.01
C ILE C 433 32.21 -20.84 -20.61
N LYS C 434 32.11 -19.53 -20.94
CA LYS C 434 33.16 -18.70 -21.50
C LYS C 434 34.43 -18.74 -20.63
N GLU C 435 34.29 -18.54 -19.30
CA GLU C 435 35.44 -18.54 -18.39
C GLU C 435 36.06 -19.94 -18.21
N ASN C 436 35.24 -21.00 -18.31
CA ASN C 436 35.71 -22.38 -18.25
C ASN C 436 36.47 -22.77 -19.50
N LEU C 437 36.10 -22.20 -20.66
CA LEU C 437 36.81 -22.49 -21.91
C LEU C 437 38.11 -21.69 -21.96
N LYS C 438 38.12 -20.50 -21.31
CA LYS C 438 39.27 -19.61 -21.20
C LYS C 438 40.30 -20.13 -20.17
N TRP C 439 40.02 -21.28 -19.53
CA TRP C 439 40.86 -21.98 -18.54
C TRP C 439 42.21 -22.38 -19.19
N GLY C 440 42.16 -22.73 -20.48
CA GLY C 440 43.33 -23.07 -21.29
C GLY C 440 44.16 -21.84 -21.61
N ARG C 441 43.56 -20.87 -22.31
CA ARG C 441 44.18 -19.59 -22.67
C ARG C 441 43.29 -18.43 -22.25
N GLU C 442 43.81 -17.53 -21.40
CA GLU C 442 43.08 -16.35 -20.91
C GLU C 442 43.05 -15.24 -21.97
N ASP C 443 44.12 -15.16 -22.77
CA ASP C 443 44.29 -14.19 -23.86
C ASP C 443 43.47 -14.56 -25.12
N ALA C 444 42.75 -15.72 -25.09
CA ALA C 444 41.95 -16.24 -26.19
C ALA C 444 40.83 -15.33 -26.68
N THR C 445 40.65 -15.27 -28.01
CA THR C 445 39.64 -14.48 -28.70
C THR C 445 38.30 -15.23 -28.68
N ASP C 446 37.19 -14.49 -28.84
CA ASP C 446 35.84 -15.05 -28.89
C ASP C 446 35.69 -15.95 -30.11
N ASP C 447 36.40 -15.61 -31.21
CA ASP C 447 36.42 -16.40 -32.44
C ASP C 447 37.20 -17.69 -32.22
N GLU C 448 38.22 -17.65 -31.34
CA GLU C 448 39.07 -18.81 -31.02
C GLU C 448 38.33 -19.83 -30.18
N ILE C 449 37.59 -19.36 -29.14
CA ILE C 449 36.83 -20.23 -28.24
C ILE C 449 35.64 -20.87 -28.97
N VAL C 450 34.99 -20.11 -29.88
CA VAL C 450 33.87 -20.57 -30.69
C VAL C 450 34.35 -21.69 -31.62
N GLU C 451 35.52 -21.50 -32.28
CA GLU C 451 36.16 -22.48 -33.17
C GLU C 451 36.46 -23.80 -32.43
N ALA C 452 36.91 -23.70 -31.16
CA ALA C 452 37.24 -24.84 -30.31
C ALA C 452 35.98 -25.63 -29.94
N ALA C 453 34.89 -24.91 -29.58
CA ALA C 453 33.59 -25.50 -29.22
C ALA C 453 32.89 -26.08 -30.45
N LYS C 454 33.20 -25.53 -31.65
CA LYS C 454 32.67 -26.00 -32.93
C LYS C 454 33.28 -27.34 -33.28
N ILE C 455 34.60 -27.52 -32.98
CA ILE C 455 35.35 -28.78 -33.21
C ILE C 455 34.85 -29.84 -32.21
N ALA C 456 34.53 -29.41 -30.97
CA ALA C 456 34.03 -30.25 -29.89
C ALA C 456 32.52 -30.58 -30.01
N GLN C 457 31.84 -30.01 -31.04
CA GLN C 457 30.40 -30.15 -31.37
C GLN C 457 29.48 -29.66 -30.23
N ILE C 458 30.05 -28.98 -29.21
CA ILE C 458 29.31 -28.44 -28.08
C ILE C 458 28.74 -27.04 -28.39
N HIS C 459 29.35 -26.32 -29.37
CA HIS C 459 28.93 -24.97 -29.79
C HIS C 459 27.42 -24.85 -29.96
N ASP C 460 26.80 -25.81 -30.68
CA ASP C 460 25.36 -25.87 -30.94
C ASP C 460 24.50 -25.81 -29.68
N PHE C 461 24.95 -26.49 -28.61
CA PHE C 461 24.26 -26.50 -27.33
C PHE C 461 24.42 -25.17 -26.61
N ILE C 462 25.65 -24.64 -26.53
CA ILE C 462 25.99 -23.38 -25.85
C ILE C 462 25.15 -22.21 -26.39
N ILE C 463 25.03 -22.08 -27.72
CA ILE C 463 24.25 -21.02 -28.37
C ILE C 463 22.74 -21.19 -28.11
N SER C 464 22.25 -22.45 -27.98
CA SER C 464 20.84 -22.78 -27.73
C SER C 464 20.35 -22.30 -26.37
N LEU C 465 21.27 -22.16 -25.40
CA LEU C 465 20.99 -21.69 -24.04
C LEU C 465 20.59 -20.20 -24.05
N PRO C 466 19.73 -19.74 -23.10
CA PRO C 466 19.30 -18.33 -23.11
C PRO C 466 20.40 -17.30 -22.86
N GLU C 467 21.39 -17.66 -22.04
CA GLU C 467 22.51 -16.77 -21.70
C GLU C 467 23.70 -16.94 -22.66
N GLY C 468 23.66 -17.97 -23.50
CA GLY C 468 24.70 -18.26 -24.48
C GLY C 468 25.99 -18.77 -23.86
N TYR C 469 27.12 -18.14 -24.23
CA TYR C 469 28.43 -18.49 -23.71
C TYR C 469 28.66 -18.04 -22.27
N ASP C 470 27.85 -17.08 -21.80
CA ASP C 470 27.92 -16.53 -20.45
C ASP C 470 26.97 -17.27 -19.50
N SER C 471 26.43 -18.44 -19.94
CA SER C 471 25.53 -19.29 -19.16
C SER C 471 26.22 -19.87 -17.94
N ARG C 472 25.51 -19.87 -16.79
CA ARG C 472 26.01 -20.35 -15.50
C ARG C 472 26.41 -21.84 -15.53
N VAL C 473 27.57 -22.14 -14.92
CA VAL C 473 28.14 -23.47 -14.75
C VAL C 473 28.21 -23.73 -13.25
N GLU C 474 27.61 -24.84 -12.77
CA GLU C 474 27.62 -25.20 -11.36
C GLU C 474 28.91 -25.96 -11.00
N ARG C 475 29.09 -26.30 -9.71
CA ARG C 475 30.25 -27.02 -9.19
C ARG C 475 30.39 -28.38 -9.89
N GLY C 476 31.50 -28.57 -10.60
CA GLY C 476 31.78 -29.80 -11.34
C GLY C 476 31.09 -29.92 -12.68
N GLY C 477 30.20 -28.97 -12.97
CA GLY C 477 29.39 -28.94 -14.19
C GLY C 477 28.22 -29.90 -14.10
N ARG C 478 27.60 -29.99 -12.89
CA ARG C 478 26.45 -30.86 -12.61
C ARG C 478 25.16 -30.46 -13.34
N ASN C 479 25.09 -29.18 -13.78
CA ASN C 479 23.96 -28.61 -14.52
C ASN C 479 23.96 -28.95 -16.03
N PHE C 480 24.84 -29.88 -16.43
CA PHE C 480 25.00 -30.37 -17.80
C PHE C 480 25.07 -31.90 -17.82
N SER C 481 24.76 -32.51 -18.98
CA SER C 481 24.78 -33.96 -19.17
C SER C 481 26.23 -34.49 -19.21
N GLY C 482 26.40 -35.80 -19.00
CA GLY C 482 27.70 -36.48 -18.99
C GLY C 482 28.60 -36.13 -20.16
N GLY C 483 28.10 -36.34 -21.36
CA GLY C 483 28.81 -36.04 -22.60
C GLY C 483 28.91 -34.57 -22.93
N GLN C 484 28.00 -33.74 -22.36
CA GLN C 484 28.00 -32.28 -22.58
C GLN C 484 29.21 -31.65 -21.91
N LYS C 485 29.44 -31.98 -20.61
CA LYS C 485 30.60 -31.49 -19.86
C LYS C 485 31.90 -32.10 -20.41
N GLN C 486 31.79 -33.30 -21.02
CA GLN C 486 32.91 -34.00 -21.66
C GLN C 486 33.32 -33.23 -22.91
N ARG C 487 32.32 -32.81 -23.74
CA ARG C 487 32.53 -32.02 -24.96
C ARG C 487 33.07 -30.63 -24.61
N LEU C 488 32.75 -30.13 -23.41
CA LEU C 488 33.23 -28.84 -22.90
C LEU C 488 34.69 -28.95 -22.48
N SER C 489 35.08 -30.13 -21.94
CA SER C 489 36.45 -30.44 -21.51
C SER C 489 37.37 -30.54 -22.72
N ILE C 490 36.85 -31.09 -23.86
CA ILE C 490 37.60 -31.21 -25.12
C ILE C 490 37.89 -29.79 -25.61
N ALA C 491 36.83 -28.95 -25.71
CA ALA C 491 36.88 -27.56 -26.15
C ALA C 491 37.82 -26.71 -25.30
N ARG C 492 37.84 -26.95 -23.97
CA ARG C 492 38.72 -26.26 -23.01
C ARG C 492 40.20 -26.51 -23.36
N ALA C 493 40.56 -27.79 -23.61
CA ALA C 493 41.93 -28.21 -23.95
C ALA C 493 42.38 -27.64 -25.30
N LEU C 494 41.47 -27.58 -26.29
CA LEU C 494 41.72 -27.08 -27.65
C LEU C 494 42.11 -25.59 -27.65
N VAL C 495 41.41 -24.77 -26.83
CA VAL C 495 41.63 -23.32 -26.67
C VAL C 495 43.11 -23.00 -26.42
N LYS C 496 43.74 -23.77 -25.51
CA LYS C 496 45.15 -23.66 -25.10
C LYS C 496 46.16 -23.76 -26.26
N LYS C 497 45.74 -24.33 -27.43
CA LYS C 497 46.54 -24.54 -28.65
C LYS C 497 47.83 -25.31 -28.27
N PRO C 498 47.71 -26.61 -27.89
CA PRO C 498 48.90 -27.34 -27.43
C PRO C 498 49.81 -27.87 -28.52
N LYS C 499 51.03 -28.27 -28.12
CA LYS C 499 52.00 -28.91 -28.99
C LYS C 499 51.96 -30.42 -28.72
N VAL C 500 51.42 -30.80 -27.54
CA VAL C 500 51.20 -32.18 -27.08
C VAL C 500 49.78 -32.26 -26.51
N LEU C 501 48.94 -33.18 -27.03
CA LEU C 501 47.56 -33.35 -26.58
C LEU C 501 47.33 -34.75 -26.00
N ILE C 502 46.63 -34.83 -24.85
CA ILE C 502 46.33 -36.08 -24.15
C ILE C 502 44.80 -36.22 -24.05
N LEU C 503 44.24 -37.32 -24.57
CA LEU C 503 42.79 -37.55 -24.57
C LEU C 503 42.40 -38.87 -23.87
N ASP C 504 42.20 -38.81 -22.54
CA ASP C 504 41.79 -39.96 -21.70
C ASP C 504 40.31 -40.27 -21.99
N ASP C 505 40.06 -41.03 -23.09
CA ASP C 505 38.75 -41.43 -23.62
C ASP C 505 37.76 -40.27 -23.57
N CYS C 506 37.99 -39.27 -24.43
CA CYS C 506 37.22 -38.04 -24.53
C CYS C 506 35.82 -38.24 -25.14
N THR C 507 35.47 -39.48 -25.50
CA THR C 507 34.18 -39.81 -26.09
C THR C 507 33.50 -40.97 -25.35
N SER C 508 33.81 -41.15 -24.06
CA SER C 508 33.24 -42.23 -23.25
C SER C 508 31.74 -42.04 -23.02
N SER C 509 31.30 -40.78 -22.82
CA SER C 509 29.91 -40.42 -22.60
C SER C 509 29.28 -39.74 -23.83
N VAL C 510 29.86 -39.97 -25.02
CA VAL C 510 29.40 -39.41 -26.29
C VAL C 510 28.91 -40.52 -27.26
N ASP C 511 27.72 -40.31 -27.87
CA ASP C 511 27.07 -41.22 -28.82
C ASP C 511 27.90 -41.43 -30.11
N PRO C 512 27.75 -42.59 -30.82
CA PRO C 512 28.58 -42.82 -32.02
C PRO C 512 28.54 -41.75 -33.12
N ILE C 513 27.36 -41.10 -33.33
CA ILE C 513 27.17 -40.04 -34.34
C ILE C 513 28.03 -38.80 -34.01
N THR C 514 27.91 -38.29 -32.76
CA THR C 514 28.66 -37.13 -32.28
C THR C 514 30.14 -37.49 -32.14
N GLU C 515 30.44 -38.75 -31.74
CA GLU C 515 31.79 -39.30 -31.58
C GLU C 515 32.57 -39.19 -32.89
N LYS C 516 31.91 -39.54 -34.02
CA LYS C 516 32.47 -39.48 -35.37
C LYS C 516 32.83 -38.02 -35.73
N ARG C 517 31.89 -37.09 -35.51
CA ARG C 517 32.02 -35.66 -35.78
C ARG C 517 33.20 -35.03 -35.02
N ILE C 518 33.44 -35.47 -33.77
CA ILE C 518 34.54 -34.97 -32.95
C ILE C 518 35.88 -35.53 -33.48
N LEU C 519 36.02 -36.87 -33.55
CA LEU C 519 37.23 -37.57 -34.04
C LEU C 519 37.72 -37.10 -35.40
N ASP C 520 36.81 -36.93 -36.38
CA ASP C 520 37.14 -36.46 -37.72
C ASP C 520 37.45 -34.96 -37.71
N GLY C 521 36.83 -34.24 -36.78
CA GLY C 521 37.04 -32.81 -36.58
C GLY C 521 38.41 -32.53 -36.02
N LEU C 522 38.87 -33.38 -35.08
CA LEU C 522 40.19 -33.28 -34.45
C LEU C 522 41.29 -33.55 -35.47
N LYS C 523 41.14 -34.62 -36.29
CA LYS C 523 42.09 -35.00 -37.34
C LYS C 523 42.34 -33.88 -38.36
N ARG C 524 41.31 -33.04 -38.60
CA ARG C 524 41.33 -31.92 -39.55
C ARG C 524 42.01 -30.66 -39.01
N TYR C 525 41.89 -30.37 -37.69
CA TYR C 525 42.43 -29.12 -37.14
C TYR C 525 43.57 -29.30 -36.11
N THR C 526 43.84 -30.52 -35.64
CA THR C 526 44.95 -30.77 -34.69
C THR C 526 46.13 -31.41 -35.42
N LYS C 527 46.47 -30.87 -36.62
CA LYS C 527 47.54 -31.35 -37.47
C LYS C 527 48.94 -31.05 -36.96
N GLY C 528 49.15 -29.88 -36.35
CA GLY C 528 50.46 -29.54 -35.81
C GLY C 528 50.55 -29.83 -34.32
N CYS C 529 50.10 -31.04 -33.90
CA CYS C 529 50.04 -31.39 -32.50
C CYS C 529 50.21 -32.89 -32.27
N THR C 530 51.13 -33.25 -31.36
CA THR C 530 51.41 -34.65 -30.99
C THR C 530 50.27 -35.12 -30.09
N THR C 531 49.29 -35.82 -30.68
CA THR C 531 48.10 -36.26 -29.96
C THR C 531 48.18 -37.71 -29.51
N PHE C 532 47.90 -37.93 -28.21
CA PHE C 532 47.82 -39.23 -27.54
C PHE C 532 46.34 -39.43 -27.26
N ILE C 533 45.75 -40.49 -27.82
CA ILE C 533 44.32 -40.73 -27.65
C ILE C 533 44.07 -42.10 -26.98
N ILE C 534 43.67 -42.07 -25.70
CA ILE C 534 43.31 -43.28 -24.97
C ILE C 534 41.92 -43.68 -25.47
N THR C 535 41.75 -44.93 -25.91
CA THR C 535 40.47 -45.41 -26.42
C THR C 535 40.17 -46.85 -26.01
N GLN C 536 38.88 -47.24 -26.11
CA GLN C 536 38.37 -48.58 -25.80
C GLN C 536 37.84 -49.21 -27.10
N LYS C 537 37.82 -48.43 -28.20
CA LYS C 537 37.32 -48.84 -29.52
C LYS C 537 38.42 -48.94 -30.58
N ILE C 538 38.43 -50.06 -31.32
CA ILE C 538 39.37 -50.33 -32.43
C ILE C 538 39.11 -49.35 -33.61
N PRO C 539 37.85 -49.11 -34.07
CA PRO C 539 37.64 -48.18 -35.20
C PRO C 539 38.24 -46.78 -35.00
N THR C 540 38.15 -46.23 -33.77
CA THR C 540 38.70 -44.91 -33.43
C THR C 540 40.23 -44.97 -33.36
N ALA C 541 40.77 -46.14 -32.94
CA ALA C 541 42.19 -46.42 -32.81
C ALA C 541 42.88 -46.51 -34.17
N LEU C 542 42.16 -46.98 -35.20
CA LEU C 542 42.67 -47.12 -36.57
C LEU C 542 43.03 -45.79 -37.22
N LEU C 543 42.40 -44.68 -36.75
CA LEU C 543 42.64 -43.31 -37.21
C LEU C 543 44.07 -42.84 -36.93
N ALA C 544 44.71 -43.39 -35.88
CA ALA C 544 46.06 -43.07 -35.45
C ALA C 544 47.15 -43.62 -36.35
N ASP C 545 48.30 -42.92 -36.40
CA ASP C 545 49.49 -43.27 -37.18
C ASP C 545 50.18 -44.52 -36.61
N LYS C 546 50.15 -44.67 -35.27
CA LYS C 546 50.73 -45.79 -34.53
C LYS C 546 49.86 -46.11 -33.32
N ILE C 547 49.89 -47.36 -32.85
CA ILE C 547 49.08 -47.81 -31.71
C ILE C 547 49.95 -48.36 -30.58
N LEU C 548 49.80 -47.78 -29.38
CA LEU C 548 50.49 -48.18 -28.15
C LEU C 548 49.54 -49.00 -27.28
N VAL C 549 49.87 -50.29 -27.08
CA VAL C 549 49.05 -51.23 -26.30
C VAL C 549 49.73 -51.55 -24.98
N LEU C 550 48.97 -51.49 -23.88
CA LEU C 550 49.46 -51.79 -22.53
C LEU C 550 48.73 -52.97 -21.93
N HIS C 551 49.46 -53.83 -21.22
CA HIS C 551 48.90 -54.99 -20.55
C HIS C 551 49.66 -55.28 -19.27
N GLU C 552 48.98 -55.13 -18.12
CA GLU C 552 49.48 -55.36 -16.76
C GLU C 552 50.75 -54.55 -16.42
N GLY C 553 50.67 -53.23 -16.61
CA GLY C 553 51.75 -52.30 -16.31
C GLY C 553 52.84 -52.14 -17.34
N LYS C 554 53.14 -53.20 -18.10
CA LYS C 554 54.19 -53.19 -19.12
C LYS C 554 53.63 -52.89 -20.52
N VAL C 555 54.48 -52.36 -21.41
CA VAL C 555 54.11 -52.06 -22.79
C VAL C 555 54.00 -53.38 -23.59
N ALA C 556 52.75 -53.77 -23.92
CA ALA C 556 52.42 -54.99 -24.65
C ALA C 556 52.84 -54.96 -26.12
N GLY C 557 52.78 -53.77 -26.73
CA GLY C 557 53.14 -53.56 -28.12
C GLY C 557 53.09 -52.10 -28.53
N PHE C 558 53.75 -51.78 -29.66
CA PHE C 558 53.81 -50.46 -30.26
C PHE C 558 54.10 -50.59 -31.75
N GLY C 559 53.10 -50.20 -32.56
CA GLY C 559 53.18 -50.29 -34.00
C GLY C 559 51.82 -50.21 -34.67
N THR C 560 51.78 -50.55 -35.98
CA THR C 560 50.56 -50.53 -36.79
C THR C 560 49.62 -51.67 -36.42
N HIS C 561 48.32 -51.53 -36.79
CA HIS C 561 47.23 -52.47 -36.55
C HIS C 561 47.59 -53.89 -37.00
N LYS C 562 48.18 -54.01 -38.21
CA LYS C 562 48.59 -55.28 -38.80
C LYS C 562 49.68 -55.99 -37.97
N GLU C 563 50.66 -55.22 -37.46
CA GLU C 563 51.76 -55.72 -36.63
C GLU C 563 51.24 -56.26 -35.29
N LEU C 564 50.22 -55.59 -34.72
CA LEU C 564 49.62 -55.97 -33.44
C LEU C 564 48.64 -57.14 -33.58
N LEU C 565 48.02 -57.30 -34.77
CA LEU C 565 47.09 -58.40 -35.03
C LEU C 565 47.81 -59.74 -35.24
N GLU C 566 49.13 -59.69 -35.51
CA GLU C 566 49.96 -60.87 -35.74
C GLU C 566 50.97 -61.14 -34.62
N HIS C 567 51.22 -60.14 -33.74
CA HIS C 567 52.20 -60.27 -32.66
C HIS C 567 51.67 -59.95 -31.26
N CYS C 568 50.89 -58.87 -31.11
CA CYS C 568 50.35 -58.44 -29.82
C CYS C 568 49.07 -59.18 -29.40
N LYS C 569 49.22 -60.14 -28.46
CA LYS C 569 48.14 -60.96 -27.91
C LYS C 569 47.01 -60.11 -27.27
N PRO C 570 47.28 -59.14 -26.35
CA PRO C 570 46.18 -58.35 -25.78
C PRO C 570 45.46 -57.44 -26.78
N TYR C 571 46.15 -56.99 -27.86
CA TYR C 571 45.51 -56.16 -28.90
C TYR C 571 44.51 -57.03 -29.66
N ARG C 572 44.91 -58.29 -29.97
CA ARG C 572 44.09 -59.31 -30.62
C ARG C 572 42.88 -59.65 -29.75
N GLU C 573 43.10 -59.71 -28.42
CA GLU C 573 42.08 -59.98 -27.41
C GLU C 573 41.03 -58.86 -27.38
N ILE C 574 41.49 -57.60 -27.48
CA ILE C 574 40.62 -56.41 -27.52
C ILE C 574 39.90 -56.34 -28.87
N TYR C 575 40.59 -56.69 -29.96
CA TYR C 575 40.04 -56.71 -31.32
C TYR C 575 38.88 -57.70 -31.42
N GLU C 576 39.07 -58.93 -30.91
CA GLU C 576 38.08 -60.01 -30.92
C GLU C 576 36.80 -59.70 -30.13
N SER C 577 36.92 -58.91 -29.04
CA SER C 577 35.80 -58.49 -28.20
C SER C 577 34.89 -57.45 -28.89
N GLN C 578 35.30 -56.96 -30.06
CA GLN C 578 34.56 -55.99 -30.88
C GLN C 578 34.25 -56.56 -32.27
N PHE C 579 35.22 -57.30 -32.86
CA PHE C 579 35.11 -57.91 -34.19
C PHE C 579 35.55 -59.36 -34.14
N LEU D 18 15.56 -3.20 14.86
CA LEU D 18 15.22 -3.89 16.11
C LEU D 18 14.13 -4.97 15.95
N LYS D 19 13.45 -5.02 14.77
CA LYS D 19 12.37 -5.98 14.47
C LYS D 19 12.90 -7.42 14.25
N ASN D 20 13.87 -7.60 13.32
CA ASN D 20 14.48 -8.90 13.01
C ASN D 20 15.37 -9.43 14.17
N PRO D 21 16.22 -8.61 14.85
CA PRO D 21 17.04 -9.16 15.96
C PRO D 21 16.24 -9.86 17.07
N THR D 22 15.09 -9.28 17.47
CA THR D 22 14.20 -9.82 18.50
C THR D 22 13.60 -11.17 18.10
N ALA D 23 13.26 -11.33 16.79
CA ALA D 23 12.69 -12.54 16.21
C ALA D 23 13.67 -13.72 16.25
N THR D 24 14.94 -13.49 15.88
CA THR D 24 16.00 -14.50 15.90
C THR D 24 16.44 -14.85 17.32
N LEU D 25 16.57 -13.82 18.20
CA LEU D 25 16.96 -13.97 19.60
C LEU D 25 15.97 -14.88 20.34
N ARG D 26 14.66 -14.66 20.13
CA ARG D 26 13.58 -15.46 20.72
C ARG D 26 13.70 -16.93 20.33
N ARG D 27 14.01 -17.19 19.04
CA ARG D 27 14.20 -18.53 18.48
C ARG D 27 15.46 -19.20 19.04
N LEU D 28 16.58 -18.43 19.10
CA LEU D 28 17.88 -18.87 19.63
C LEU D 28 17.77 -19.21 21.12
N LEU D 29 17.05 -18.37 21.89
CA LEU D 29 16.83 -18.56 23.33
C LEU D 29 15.90 -19.74 23.62
N GLY D 30 15.16 -20.20 22.61
CA GLY D 30 14.26 -21.34 22.71
C GLY D 30 15.02 -22.65 22.88
N TYR D 31 16.30 -22.67 22.46
CA TYR D 31 17.20 -23.82 22.58
C TYR D 31 17.64 -24.02 24.03
N LEU D 32 17.37 -23.02 24.89
CA LEU D 32 17.68 -23.02 26.32
C LEU D 32 16.52 -23.57 27.15
N ARG D 33 15.29 -23.61 26.54
CA ARG D 33 14.06 -24.12 27.18
C ARG D 33 14.20 -25.55 27.74
N PRO D 34 14.89 -26.53 27.08
CA PRO D 34 15.04 -27.86 27.72
C PRO D 34 15.99 -27.85 28.92
N HIS D 35 16.70 -26.73 29.14
CA HIS D 35 17.67 -26.54 30.23
C HIS D 35 17.19 -25.52 31.30
N THR D 36 15.88 -25.15 31.28
CA THR D 36 15.25 -24.18 32.18
C THR D 36 15.58 -24.40 33.67
N PHE D 37 15.32 -25.61 34.21
CA PHE D 37 15.60 -25.96 35.61
C PHE D 37 17.08 -25.81 35.96
N THR D 38 17.97 -26.29 35.07
CA THR D 38 19.42 -26.22 35.26
C THR D 38 19.91 -24.77 35.21
N LEU D 39 19.27 -23.92 34.36
CA LEU D 39 19.60 -22.49 34.24
C LEU D 39 19.15 -21.71 35.47
N ILE D 40 18.09 -22.20 36.17
CA ILE D 40 17.58 -21.60 37.41
C ILE D 40 18.62 -21.81 38.52
N MET D 41 19.26 -23.01 38.55
CA MET D 41 20.32 -23.37 39.50
C MET D 41 21.50 -22.45 39.29
N VAL D 42 21.92 -22.24 38.01
CA VAL D 42 23.01 -21.36 37.58
C VAL D 42 22.75 -19.94 38.12
N PHE D 43 21.49 -19.47 38.01
CA PHE D 43 21.06 -18.17 38.52
C PHE D 43 21.13 -18.15 40.05
N VAL D 44 20.69 -19.24 40.71
CA VAL D 44 20.72 -19.37 42.17
C VAL D 44 22.17 -19.33 42.70
N PHE D 45 23.09 -20.02 42.02
CA PHE D 45 24.50 -20.07 42.40
C PHE D 45 25.22 -18.74 42.15
N VAL D 46 24.95 -18.08 41.01
CA VAL D 46 25.59 -16.82 40.64
C VAL D 46 25.14 -15.66 41.56
N THR D 47 23.90 -15.72 42.10
CA THR D 47 23.37 -14.70 43.02
C THR D 47 24.10 -14.80 44.37
N VAL D 48 24.38 -16.05 44.81
CA VAL D 48 25.13 -16.34 46.04
C VAL D 48 26.58 -15.89 45.84
N SER D 49 27.14 -16.15 44.63
CA SER D 49 28.50 -15.75 44.24
C SER D 49 28.63 -14.22 44.22
N SER D 50 27.54 -13.52 43.83
CA SER D 50 27.48 -12.06 43.77
C SER D 50 27.35 -11.43 45.16
N ILE D 51 26.53 -12.02 46.05
CA ILE D 51 26.35 -11.51 47.42
C ILE D 51 27.60 -11.80 48.28
N LEU D 52 28.40 -12.82 47.91
CA LEU D 52 29.65 -13.17 48.59
C LEU D 52 30.78 -12.29 48.05
N GLY D 53 30.66 -11.89 46.79
CA GLY D 53 31.62 -11.02 46.10
C GLY D 53 31.65 -9.61 46.64
N VAL D 54 30.57 -9.20 47.32
CA VAL D 54 30.41 -7.88 47.96
C VAL D 54 30.61 -7.97 49.49
N LEU D 55 30.39 -9.18 50.05
CA LEU D 55 30.57 -9.48 51.48
C LEU D 55 32.06 -9.59 51.82
N SER D 56 32.89 -10.01 50.82
CA SER D 56 34.34 -10.17 50.94
C SER D 56 35.06 -8.82 51.22
N PRO D 57 34.93 -7.74 50.39
CA PRO D 57 35.60 -6.47 50.73
C PRO D 57 35.00 -5.80 51.97
N TYR D 58 33.72 -6.09 52.27
CA TYR D 58 33.00 -5.61 53.45
C TYR D 58 33.63 -6.22 54.69
N LEU D 59 33.95 -7.53 54.66
CA LEU D 59 34.58 -8.22 55.77
C LEU D 59 36.03 -7.80 55.95
N ILE D 60 36.74 -7.47 54.84
CA ILE D 60 38.11 -6.96 54.86
C ILE D 60 38.09 -5.60 55.57
N GLY D 61 37.12 -4.76 55.20
CA GLY D 61 36.89 -3.45 55.79
C GLY D 61 36.47 -3.52 57.25
N LYS D 62 35.70 -4.57 57.61
CA LYS D 62 35.22 -4.83 58.97
C LYS D 62 36.37 -5.24 59.89
N THR D 63 37.22 -6.20 59.44
CA THR D 63 38.37 -6.71 60.20
C THR D 63 39.35 -5.60 60.60
N ILE D 64 39.60 -4.63 59.71
CA ILE D 64 40.48 -3.48 59.98
C ILE D 64 39.87 -2.63 61.12
N ASP D 65 38.54 -2.43 61.10
CA ASP D 65 37.82 -1.62 62.08
C ASP D 65 37.47 -2.34 63.39
N VAL D 66 37.48 -3.70 63.41
CA VAL D 66 37.12 -4.49 64.59
C VAL D 66 38.36 -5.15 65.26
N VAL D 67 39.35 -5.58 64.46
CA VAL D 67 40.57 -6.24 64.95
C VAL D 67 41.77 -5.28 65.03
N PHE D 68 42.09 -4.59 63.92
CA PHE D 68 43.26 -3.71 63.81
C PHE D 68 43.13 -2.35 64.50
N VAL D 69 42.00 -1.63 64.33
CA VAL D 69 41.77 -0.31 64.94
C VAL D 69 41.72 -0.43 66.49
N PRO D 70 40.87 -1.29 67.12
CA PRO D 70 40.91 -1.40 68.59
C PRO D 70 42.10 -2.21 69.12
N ARG D 71 42.92 -2.79 68.19
CA ARG D 71 44.12 -3.59 68.44
C ARG D 71 43.82 -4.86 69.29
N ARG D 72 42.67 -5.50 69.01
CA ARG D 72 42.19 -6.72 69.66
C ARG D 72 42.37 -7.88 68.67
N PHE D 73 43.57 -8.50 68.71
CA PHE D 73 43.95 -9.60 67.81
C PHE D 73 43.56 -11.00 68.30
N ASP D 74 42.84 -11.08 69.44
CA ASP D 74 42.35 -12.35 70.00
C ASP D 74 41.20 -12.91 69.14
N LEU D 75 40.45 -12.01 68.50
CA LEU D 75 39.31 -12.34 67.63
C LEU D 75 39.70 -12.40 66.13
N LEU D 76 40.99 -12.13 65.80
CA LEU D 76 41.54 -12.21 64.45
C LEU D 76 41.39 -13.64 63.85
N PRO D 77 41.76 -14.76 64.55
CA PRO D 77 41.60 -16.09 63.94
C PRO D 77 40.15 -16.45 63.58
N ARG D 78 39.18 -15.95 64.38
CA ARG D 78 37.74 -16.17 64.18
C ARG D 78 37.28 -15.52 62.87
N TYR D 79 37.58 -14.22 62.68
CA TYR D 79 37.22 -13.44 61.50
C TYR D 79 37.91 -13.97 60.24
N MET D 80 39.16 -14.45 60.39
CA MET D 80 39.96 -15.03 59.31
C MET D 80 39.34 -16.33 58.82
N LEU D 81 38.82 -17.14 59.76
CA LEU D 81 38.16 -18.43 59.51
C LEU D 81 36.84 -18.21 58.75
N ILE D 82 36.09 -17.15 59.10
CA ILE D 82 34.84 -16.78 58.46
C ILE D 82 35.12 -16.32 57.02
N LEU D 83 36.15 -15.45 56.86
CA LEU D 83 36.60 -14.92 55.57
C LEU D 83 37.15 -16.05 54.66
N GLY D 84 37.81 -17.03 55.27
CA GLY D 84 38.36 -18.20 54.58
C GLY D 84 37.28 -19.11 54.02
N THR D 85 36.21 -19.34 54.81
CA THR D 85 35.04 -20.14 54.45
C THR D 85 34.29 -19.47 53.29
N ILE D 86 34.21 -18.12 53.34
CA ILE D 86 33.59 -17.29 52.30
C ILE D 86 34.30 -17.51 50.97
N TYR D 87 35.66 -17.40 50.95
CA TYR D 87 36.49 -17.60 49.78
C TYR D 87 36.41 -19.03 49.25
N ALA D 88 36.37 -20.02 50.17
CA ALA D 88 36.26 -21.44 49.84
C ALA D 88 34.91 -21.72 49.17
N LEU D 89 33.84 -21.07 49.68
CA LEU D 89 32.49 -21.19 49.13
C LEU D 89 32.39 -20.49 47.77
N THR D 90 33.01 -19.29 47.64
CA THR D 90 33.02 -18.48 46.41
C THR D 90 33.73 -19.23 45.25
N SER D 91 34.91 -19.82 45.53
CA SER D 91 35.70 -20.59 44.56
C SER D 91 34.99 -21.87 44.15
N LEU D 92 34.35 -22.57 45.13
CA LEU D 92 33.60 -23.81 44.86
C LEU D 92 32.37 -23.52 44.00
N LEU D 93 31.70 -22.38 44.25
CA LEU D 93 30.53 -21.95 43.48
C LEU D 93 30.90 -21.60 42.04
N PHE D 94 32.07 -20.93 41.83
CA PHE D 94 32.55 -20.57 40.49
C PHE D 94 32.87 -21.81 39.67
N TRP D 95 33.44 -22.86 40.32
CA TRP D 95 33.73 -24.15 39.68
C TRP D 95 32.42 -24.86 39.33
N LEU D 96 31.46 -24.88 40.28
CA LEU D 96 30.15 -25.50 40.12
C LEU D 96 29.37 -24.83 38.99
N GLN D 97 29.47 -23.49 38.87
CA GLN D 97 28.82 -22.69 37.85
C GLN D 97 29.37 -23.04 36.46
N GLY D 98 30.69 -22.99 36.33
CA GLY D 98 31.41 -23.29 35.10
C GLY D 98 31.22 -24.70 34.58
N LYS D 99 31.34 -25.70 35.48
CA LYS D 99 31.20 -27.13 35.17
C LYS D 99 29.83 -27.48 34.58
N ILE D 100 28.73 -27.06 35.27
CA ILE D 100 27.37 -27.35 34.82
C ILE D 100 27.01 -26.54 33.56
N MET D 101 27.58 -25.32 33.42
CA MET D 101 27.33 -24.46 32.26
C MET D 101 28.01 -24.95 31.00
N LEU D 102 29.25 -25.46 31.12
CA LEU D 102 30.03 -25.98 29.99
C LEU D 102 29.31 -27.14 29.29
N THR D 103 28.74 -28.08 30.07
CA THR D 103 27.98 -29.21 29.56
C THR D 103 26.62 -28.74 29.03
N LEU D 104 25.98 -27.75 29.69
CA LEU D 104 24.70 -27.16 29.28
C LEU D 104 24.83 -26.49 27.90
N SER D 105 25.88 -25.67 27.72
CA SER D 105 26.16 -24.95 26.48
C SER D 105 26.48 -25.86 25.30
N GLN D 106 27.26 -26.93 25.54
CA GLN D 106 27.66 -27.88 24.51
C GLN D 106 26.51 -28.77 24.04
N ASP D 107 25.49 -28.99 24.90
CA ASP D 107 24.28 -29.75 24.57
C ASP D 107 23.44 -28.97 23.56
N VAL D 108 23.47 -27.63 23.66
CA VAL D 108 22.76 -26.71 22.77
C VAL D 108 23.47 -26.71 21.39
N VAL D 109 24.81 -26.50 21.39
CA VAL D 109 25.69 -26.50 20.21
C VAL D 109 25.56 -27.82 19.43
N PHE D 110 25.53 -28.96 20.15
CA PHE D 110 25.35 -30.30 19.59
C PHE D 110 24.00 -30.42 18.88
N ARG D 111 22.91 -29.94 19.55
CA ARG D 111 21.54 -29.96 19.03
C ARG D 111 21.44 -29.15 17.72
N LEU D 112 22.14 -28.00 17.66
CA LEU D 112 22.17 -27.12 16.48
C LEU D 112 22.88 -27.77 15.30
N ARG D 113 24.03 -28.43 15.55
CA ARG D 113 24.81 -29.14 14.53
C ARG D 113 24.03 -30.36 14.02
N LYS D 114 23.27 -31.02 14.94
CA LYS D 114 22.40 -32.17 14.68
C LYS D 114 21.27 -31.73 13.74
N GLU D 115 20.56 -30.65 14.12
CA GLU D 115 19.44 -30.05 13.38
C GLU D 115 19.81 -29.63 11.95
N LEU D 116 21.06 -29.15 11.74
CA LEU D 116 21.56 -28.73 10.43
C LEU D 116 21.76 -29.92 9.49
N PHE D 117 22.49 -30.96 9.95
CA PHE D 117 22.77 -32.17 9.19
C PHE D 117 21.50 -32.94 8.85
N GLU D 118 20.60 -33.13 9.85
CA GLU D 118 19.31 -33.82 9.69
C GLU D 118 18.44 -33.13 8.65
N LYS D 119 18.47 -31.78 8.60
CA LYS D 119 17.73 -30.95 7.66
C LYS D 119 18.17 -31.18 6.21
N LEU D 120 19.50 -31.24 5.98
CA LEU D 120 20.11 -31.46 4.66
C LEU D 120 19.68 -32.80 4.06
N GLN D 121 19.51 -33.82 4.92
CA GLN D 121 19.07 -35.17 4.52
C GLN D 121 17.59 -35.18 4.05
N ARG D 122 16.82 -34.14 4.43
CA ARG D 122 15.41 -33.95 4.08
C ARG D 122 15.26 -32.98 2.88
N VAL D 123 16.18 -32.01 2.75
CA VAL D 123 16.25 -30.98 1.70
C VAL D 123 16.46 -31.59 0.28
N PRO D 124 15.81 -31.04 -0.78
CA PRO D 124 15.99 -31.61 -2.14
C PRO D 124 17.41 -31.49 -2.72
N VAL D 125 17.72 -32.39 -3.67
CA VAL D 125 19.01 -32.50 -4.38
C VAL D 125 19.41 -31.19 -5.08
N GLY D 126 18.42 -30.52 -5.67
CA GLY D 126 18.58 -29.25 -6.38
C GLY D 126 19.36 -28.18 -5.64
N PHE D 127 19.24 -28.15 -4.29
CA PHE D 127 19.93 -27.20 -3.40
C PHE D 127 21.45 -27.40 -3.41
N PHE D 128 21.90 -28.65 -3.22
CA PHE D 128 23.32 -29.04 -3.18
C PHE D 128 24.08 -28.70 -4.46
N ASP D 129 23.39 -28.80 -5.61
CA ASP D 129 23.96 -28.50 -6.93
C ASP D 129 24.17 -27.00 -7.13
N ARG D 130 23.18 -26.16 -6.70
CA ARG D 130 23.24 -24.71 -6.87
C ARG D 130 24.03 -23.97 -5.78
N THR D 131 24.03 -24.46 -4.52
CA THR D 131 24.75 -23.81 -3.41
C THR D 131 26.15 -24.40 -3.20
N PRO D 132 27.20 -23.56 -2.94
CA PRO D 132 28.55 -24.12 -2.72
C PRO D 132 28.64 -24.96 -1.46
N HIS D 133 29.30 -26.13 -1.56
CA HIS D 133 29.46 -27.07 -0.44
C HIS D 133 30.26 -26.49 0.73
N GLY D 134 31.29 -25.71 0.42
CA GLY D 134 32.15 -25.06 1.42
C GLY D 134 31.41 -24.10 2.32
N ASP D 135 30.40 -23.40 1.76
CA ASP D 135 29.54 -22.46 2.48
C ASP D 135 28.69 -23.22 3.50
N ILE D 136 28.17 -24.41 3.11
CA ILE D 136 27.36 -25.28 3.98
C ILE D 136 28.25 -25.78 5.14
N ILE D 137 29.50 -26.19 4.84
CA ILE D 137 30.50 -26.66 5.80
C ILE D 137 30.82 -25.54 6.83
N SER D 138 30.90 -24.27 6.36
CA SER D 138 31.14 -23.08 7.20
C SER D 138 29.96 -22.89 8.17
N ARG D 139 28.72 -23.01 7.65
CA ARG D 139 27.49 -22.86 8.45
C ARG D 139 27.36 -23.91 9.56
N VAL D 140 27.86 -25.13 9.31
CA VAL D 140 27.81 -26.23 10.28
C VAL D 140 28.87 -26.05 11.39
N ILE D 141 30.08 -25.57 11.05
CA ILE D 141 31.16 -25.44 12.03
C ILE D 141 31.37 -23.97 12.47
N ASN D 142 31.87 -23.10 11.57
CA ASN D 142 32.18 -21.69 11.86
C ASN D 142 31.01 -20.88 12.40
N ASP D 143 29.79 -21.05 11.84
CA ASP D 143 28.61 -20.31 12.29
C ASP D 143 28.04 -20.81 13.60
N VAL D 144 28.06 -22.15 13.83
CA VAL D 144 27.55 -22.77 15.06
C VAL D 144 28.51 -22.48 16.22
N ASP D 145 29.85 -22.63 15.99
CA ASP D 145 30.87 -22.34 17.00
C ASP D 145 30.86 -20.86 17.42
N ASN D 146 30.41 -19.97 16.51
CA ASN D 146 30.31 -18.54 16.74
C ASN D 146 29.19 -18.19 17.74
N ILE D 147 28.18 -19.07 17.92
CA ILE D 147 27.08 -18.78 18.85
C ILE D 147 27.47 -19.20 20.31
N ASN D 148 28.78 -19.46 20.56
CA ASN D 148 29.27 -19.78 21.89
C ASN D 148 29.38 -18.50 22.76
N ASN D 149 29.28 -17.31 22.12
CA ASN D 149 29.31 -16.01 22.80
C ASN D 149 27.88 -15.49 23.12
N VAL D 150 26.97 -16.45 23.44
CA VAL D 150 25.58 -16.27 23.88
C VAL D 150 25.30 -17.37 24.95
N LEU D 151 26.24 -18.33 25.05
CA LEU D 151 26.23 -19.47 25.97
C LEU D 151 27.47 -19.47 26.87
N GLY D 152 27.51 -20.39 27.83
CA GLY D 152 28.63 -20.56 28.77
C GLY D 152 28.77 -19.41 29.75
N ASN D 153 29.91 -18.70 29.66
CA ASN D 153 30.23 -17.55 30.51
C ASN D 153 29.38 -16.32 30.17
N SER D 154 28.83 -16.27 28.93
CA SER D 154 27.97 -15.18 28.46
C SER D 154 26.65 -15.16 29.24
N ILE D 155 26.14 -16.35 29.61
CA ILE D 155 24.92 -16.51 30.42
C ILE D 155 25.25 -16.16 31.88
N ILE D 156 26.45 -16.58 32.35
CA ILE D 156 26.98 -16.33 33.70
C ILE D 156 27.13 -14.82 33.95
N GLN D 157 27.81 -14.10 33.03
CA GLN D 157 28.05 -12.65 33.09
C GLN D 157 26.75 -11.86 33.05
N PHE D 158 25.75 -12.33 32.27
CA PHE D 158 24.44 -11.71 32.15
C PHE D 158 23.70 -11.84 33.48
N PHE D 159 23.67 -13.07 34.05
CA PHE D 159 23.04 -13.40 35.32
C PHE D 159 23.69 -12.62 36.47
N SER D 160 25.03 -12.49 36.45
CA SER D 160 25.83 -11.75 37.44
C SER D 160 25.60 -10.24 37.32
N GLY D 161 25.39 -9.78 36.08
CA GLY D 161 25.14 -8.38 35.78
C GLY D 161 23.78 -7.89 36.26
N ILE D 162 22.72 -8.65 35.92
CA ILE D 162 21.33 -8.32 36.28
C ILE D 162 21.10 -8.33 37.80
N VAL D 163 21.81 -9.20 38.55
CA VAL D 163 21.66 -9.25 40.01
C VAL D 163 22.38 -8.04 40.65
N THR D 164 23.64 -7.76 40.26
CA THR D 164 24.44 -6.63 40.75
C THR D 164 23.77 -5.29 40.43
N LEU D 165 23.17 -5.16 39.22
CA LEU D 165 22.45 -3.97 38.77
C LEU D 165 21.23 -3.71 39.67
N ALA D 166 20.47 -4.78 39.98
CA ALA D 166 19.30 -4.74 40.86
C ALA D 166 19.73 -4.44 42.30
N GLY D 167 20.87 -5.00 42.70
CA GLY D 167 21.45 -4.82 44.02
C GLY D 167 21.95 -3.42 44.26
N ALA D 168 22.59 -2.81 43.25
CA ALA D 168 23.13 -1.45 43.34
C ALA D 168 22.03 -0.40 43.31
N VAL D 169 21.04 -0.55 42.40
CA VAL D 169 19.92 0.39 42.23
C VAL D 169 19.07 0.51 43.52
N ILE D 170 18.93 -0.59 44.31
CA ILE D 170 18.19 -0.54 45.58
C ILE D 170 19.02 0.14 46.67
N MET D 171 20.37 0.06 46.55
CA MET D 171 21.31 0.68 47.49
C MET D 171 21.48 2.18 47.20
N MET D 172 21.27 2.59 45.94
CA MET D 172 21.38 3.99 45.50
C MET D 172 20.25 4.80 46.10
N PHE D 173 19.00 4.31 45.98
CA PHE D 173 17.79 4.93 46.52
C PHE D 173 17.79 4.90 48.05
N ARG D 174 18.59 3.97 48.64
CA ARG D 174 18.79 3.83 50.08
C ARG D 174 19.68 4.98 50.58
N VAL D 175 20.59 5.48 49.70
CA VAL D 175 21.50 6.60 49.98
C VAL D 175 20.76 7.93 49.71
N ASN D 176 20.47 8.25 48.43
CA ASN D 176 19.77 9.48 48.03
C ASN D 176 18.89 9.26 46.79
N VAL D 177 17.57 9.40 46.98
CA VAL D 177 16.53 9.23 45.96
C VAL D 177 16.66 10.28 44.85
N ILE D 178 16.90 11.54 45.24
CA ILE D 178 17.06 12.70 44.33
C ILE D 178 18.21 12.49 43.35
N LEU D 179 19.39 12.09 43.85
CA LEU D 179 20.58 11.83 43.05
C LEU D 179 20.47 10.54 42.23
N SER D 180 19.65 9.57 42.69
CA SER D 180 19.42 8.28 42.01
C SER D 180 18.73 8.48 40.67
N LEU D 181 17.84 9.48 40.59
CA LEU D 181 17.12 9.82 39.36
C LEU D 181 18.04 10.48 38.34
N VAL D 182 19.11 11.16 38.82
CA VAL D 182 20.14 11.81 37.98
C VAL D 182 20.99 10.73 37.30
N THR D 183 21.35 9.67 38.05
CA THR D 183 22.12 8.53 37.53
C THR D 183 21.27 7.66 36.60
N LEU D 184 19.94 7.65 36.82
CA LEU D 184 19.01 6.88 35.98
C LEU D 184 18.64 7.65 34.70
N SER D 185 18.78 9.00 34.73
CA SER D 185 18.48 9.84 33.56
C SER D 185 19.55 9.75 32.47
N ILE D 186 20.75 9.22 32.79
CA ILE D 186 21.85 9.06 31.83
C ILE D 186 21.77 7.67 31.14
N VAL D 187 20.95 6.75 31.70
CA VAL D 187 20.73 5.40 31.19
C VAL D 187 20.15 5.41 29.74
N PRO D 188 19.12 6.22 29.37
CA PRO D 188 18.64 6.20 27.97
C PRO D 188 19.71 6.57 26.93
N LEU D 189 20.71 7.38 27.31
CA LEU D 189 21.82 7.78 26.44
C LEU D 189 22.76 6.58 26.24
N THR D 190 22.99 5.80 27.31
CA THR D 190 23.81 4.58 27.35
C THR D 190 23.17 3.50 26.45
N VAL D 191 21.82 3.35 26.55
CA VAL D 191 21.04 2.39 25.77
C VAL D 191 21.03 2.79 24.28
N LEU D 192 20.90 4.11 24.00
CA LEU D 192 20.88 4.65 22.64
C LEU D 192 22.18 4.38 21.89
N ILE D 193 23.34 4.65 22.53
CA ILE D 193 24.66 4.43 21.92
C ILE D 193 24.95 2.93 21.77
N THR D 194 24.33 2.09 22.63
CA THR D 194 24.44 0.62 22.54
C THR D 194 23.67 0.18 21.29
N GLN D 195 22.42 0.71 21.10
CA GLN D 195 21.55 0.43 19.96
C GLN D 195 22.22 0.74 18.62
N ILE D 196 22.92 1.90 18.54
CA ILE D 196 23.61 2.39 17.34
C ILE D 196 24.78 1.45 16.97
N VAL D 197 25.64 1.14 17.96
CA VAL D 197 26.81 0.28 17.80
C VAL D 197 26.41 -1.19 17.52
N SER D 198 25.44 -1.73 18.29
CA SER D 198 24.93 -3.12 18.16
C SER D 198 24.37 -3.42 16.77
N SER D 199 23.62 -2.46 16.19
CA SER D 199 23.02 -2.59 14.85
C SER D 199 24.11 -2.65 13.77
N GLN D 200 25.20 -1.88 13.95
CA GLN D 200 26.35 -1.87 13.06
C GLN D 200 27.19 -3.13 13.23
N THR D 201 27.28 -3.67 14.47
CA THR D 201 28.01 -4.89 14.80
C THR D 201 27.40 -6.09 14.06
N ARG D 202 26.05 -6.22 14.08
CA ARG D 202 25.31 -7.29 13.41
C ARG D 202 25.40 -7.16 11.88
N LYS D 203 25.44 -5.90 11.38
CA LYS D 203 25.54 -5.56 9.97
C LYS D 203 26.82 -6.15 9.36
N TYR D 204 27.99 -5.76 9.91
CA TYR D 204 29.29 -6.22 9.43
C TYR D 204 29.63 -7.65 9.83
N PHE D 205 29.02 -8.20 10.91
CA PHE D 205 29.30 -9.57 11.32
C PHE D 205 28.56 -10.60 10.46
N TYR D 206 27.32 -10.28 10.02
CA TYR D 206 26.56 -11.18 9.14
C TYR D 206 27.26 -11.22 7.78
N GLU D 207 27.78 -10.05 7.34
CA GLU D 207 28.54 -9.89 6.10
C GLU D 207 29.83 -10.68 6.18
N ASN D 208 30.51 -10.65 7.35
CA ASN D 208 31.75 -11.39 7.61
C ASN D 208 31.55 -12.88 7.44
N GLN D 209 30.45 -13.41 8.02
CA GLN D 209 30.11 -14.83 7.97
C GLN D 209 29.72 -15.32 6.58
N ARG D 210 29.12 -14.45 5.75
CA ARG D 210 28.71 -14.75 4.38
C ARG D 210 29.94 -14.83 3.45
N VAL D 211 30.90 -13.91 3.64
CA VAL D 211 32.16 -13.83 2.87
C VAL D 211 33.08 -15.00 3.29
N LEU D 212 32.94 -15.46 4.55
CA LEU D 212 33.69 -16.59 5.11
C LEU D 212 33.25 -17.89 4.41
N GLY D 213 31.94 -18.06 4.21
CA GLY D 213 31.36 -19.19 3.51
C GLY D 213 31.76 -19.20 2.05
N GLN D 214 31.88 -17.99 1.45
CA GLN D 214 32.30 -17.77 0.07
C GLN D 214 33.74 -18.24 -0.09
N LEU D 215 34.63 -17.84 0.84
CA LEU D 215 36.05 -18.23 0.88
C LEU D 215 36.16 -19.73 1.08
N ASN D 216 35.29 -20.29 1.96
CA ASN D 216 35.20 -21.72 2.27
C ASN D 216 34.74 -22.55 1.06
N GLY D 217 33.95 -21.94 0.19
CA GLY D 217 33.47 -22.57 -1.03
C GLY D 217 34.57 -22.70 -2.07
N ILE D 218 35.45 -21.68 -2.14
CA ILE D 218 36.60 -21.61 -3.06
C ILE D 218 37.65 -22.65 -2.68
N ILE D 219 38.10 -22.64 -1.40
CA ILE D 219 39.10 -23.58 -0.89
C ILE D 219 38.65 -25.03 -1.12
N GLU D 220 37.38 -25.34 -0.79
CA GLU D 220 36.75 -26.66 -0.97
C GLU D 220 36.74 -27.13 -2.43
N GLU D 221 36.21 -26.31 -3.36
CA GLU D 221 36.13 -26.63 -4.79
C GLU D 221 37.50 -26.71 -5.44
N ASP D 222 38.42 -25.80 -5.09
CA ASP D 222 39.77 -25.77 -5.67
C ASP D 222 40.60 -26.99 -5.28
N ILE D 223 40.52 -27.44 -4.02
CA ILE D 223 41.24 -28.64 -3.55
C ILE D 223 40.70 -29.86 -4.31
N SER D 224 39.36 -29.98 -4.41
CA SER D 224 38.71 -31.08 -5.12
C SER D 224 38.66 -30.79 -6.64
N GLY D 225 39.81 -30.96 -7.28
CA GLY D 225 39.98 -30.71 -8.70
C GLY D 225 41.20 -29.86 -8.98
N LEU D 226 42.13 -29.84 -8.00
CA LEU D 226 43.42 -29.13 -8.04
C LEU D 226 44.24 -29.58 -9.23
N THR D 227 44.06 -30.85 -9.66
CA THR D 227 44.72 -31.46 -10.80
C THR D 227 44.43 -30.62 -12.04
N VAL D 228 43.13 -30.32 -12.30
CA VAL D 228 42.64 -29.51 -13.43
C VAL D 228 43.21 -28.08 -13.37
N ILE D 229 43.35 -27.51 -12.14
CA ILE D 229 43.93 -26.19 -11.91
C ILE D 229 45.41 -26.24 -12.29
N LYS D 230 46.11 -27.32 -11.89
CA LYS D 230 47.53 -27.52 -12.16
C LYS D 230 47.80 -27.77 -13.64
N LEU D 231 46.95 -28.59 -14.30
CA LEU D 231 47.02 -28.97 -15.72
C LEU D 231 46.86 -27.80 -16.65
N PHE D 232 46.02 -26.82 -16.27
CA PHE D 232 45.73 -25.62 -17.05
C PHE D 232 46.46 -24.38 -16.54
N THR D 233 47.41 -24.57 -15.59
CA THR D 233 48.26 -23.55 -14.95
C THR D 233 47.40 -22.39 -14.37
N ARG D 234 46.22 -22.73 -13.84
CA ARG D 234 45.27 -21.78 -13.26
C ARG D 234 45.58 -21.41 -11.80
N GLU D 235 46.74 -21.85 -11.28
CA GLU D 235 47.21 -21.59 -9.91
C GLU D 235 47.21 -20.10 -9.57
N GLU D 236 47.74 -19.26 -10.49
CA GLU D 236 47.81 -17.80 -10.33
C GLU D 236 46.44 -17.16 -10.47
N LYS D 237 45.64 -17.58 -11.47
CA LYS D 237 44.29 -17.05 -11.71
C LYS D 237 43.32 -17.40 -10.59
N GLU D 238 43.54 -18.53 -9.90
CA GLU D 238 42.73 -18.94 -8.75
C GLU D 238 43.19 -18.22 -7.49
N MET D 239 44.47 -17.81 -7.44
CA MET D 239 45.05 -17.04 -6.34
C MET D 239 44.45 -15.64 -6.31
N GLU D 240 44.39 -14.98 -7.48
CA GLU D 240 43.80 -13.64 -7.60
C GLU D 240 42.27 -13.69 -7.44
N LYS D 241 41.65 -14.86 -7.72
CA LYS D 241 40.21 -15.11 -7.55
C LYS D 241 39.94 -15.19 -6.04
N PHE D 242 40.85 -15.88 -5.30
CA PHE D 242 40.82 -16.06 -3.85
C PHE D 242 41.08 -14.73 -3.15
N ASP D 243 42.09 -13.96 -3.63
CA ASP D 243 42.49 -12.67 -3.09
C ASP D 243 41.37 -11.63 -3.08
N ARG D 244 40.38 -11.76 -3.99
CA ARG D 244 39.23 -10.87 -4.06
C ARG D 244 38.31 -11.08 -2.85
N VAL D 245 38.06 -12.35 -2.49
CA VAL D 245 37.21 -12.77 -1.37
C VAL D 245 37.96 -12.62 -0.03
N ASN D 246 39.28 -12.88 -0.04
CA ASN D 246 40.16 -12.76 1.13
C ASN D 246 40.30 -11.30 1.58
N GLU D 247 40.44 -10.36 0.61
CA GLU D 247 40.54 -8.93 0.87
C GLU D 247 39.20 -8.39 1.38
N SER D 248 38.09 -8.93 0.82
CA SER D 248 36.73 -8.57 1.22
C SER D 248 36.47 -9.00 2.66
N LEU D 249 36.97 -10.20 3.05
CA LEU D 249 36.87 -10.78 4.40
C LEU D 249 37.69 -9.99 5.41
N ARG D 250 38.88 -9.50 4.99
CA ARG D 250 39.77 -8.69 5.81
C ARG D 250 39.13 -7.31 6.04
N LYS D 251 38.52 -6.73 4.99
CA LYS D 251 37.86 -5.42 5.02
C LYS D 251 36.64 -5.39 5.95
N VAL D 252 35.73 -6.37 5.81
CA VAL D 252 34.50 -6.45 6.62
C VAL D 252 34.80 -6.97 8.05
N GLY D 253 35.85 -7.78 8.18
CA GLY D 253 36.27 -8.34 9.46
C GLY D 253 36.80 -7.30 10.41
N THR D 254 37.60 -6.33 9.88
CA THR D 254 38.15 -5.20 10.63
C THR D 254 37.02 -4.31 11.15
N LYS D 255 36.01 -4.04 10.30
CA LYS D 255 34.82 -3.24 10.63
C LYS D 255 34.02 -3.88 11.76
N ALA D 256 33.80 -5.22 11.68
CA ALA D 256 33.09 -6.00 12.68
C ALA D 256 33.85 -6.07 14.01
N GLN D 257 35.20 -6.17 13.94
CA GLN D 257 36.07 -6.23 15.12
C GLN D 257 36.13 -4.90 15.84
N ILE D 258 36.16 -3.77 15.08
CA ILE D 258 36.19 -2.42 15.63
C ILE D 258 34.89 -2.12 16.37
N PHE D 259 33.73 -2.40 15.74
CA PHE D 259 32.41 -2.20 16.34
C PHE D 259 32.15 -3.08 17.56
N SER D 260 32.80 -4.26 17.64
CA SER D 260 32.67 -5.21 18.75
C SER D 260 33.22 -4.66 20.08
N GLY D 261 34.33 -3.93 20.01
CA GLY D 261 35.00 -3.36 21.19
C GLY D 261 35.09 -1.85 21.25
N VAL D 262 34.24 -1.14 20.48
CA VAL D 262 34.21 0.33 20.47
C VAL D 262 33.36 0.86 21.64
N LEU D 263 32.39 0.05 22.11
CA LEU D 263 31.46 0.38 23.20
C LEU D 263 32.15 0.57 24.58
N PRO D 264 33.04 -0.33 25.10
CA PRO D 264 33.65 -0.07 26.43
C PRO D 264 34.35 1.30 26.62
N PRO D 265 35.27 1.80 25.75
CA PRO D 265 35.84 3.14 26.01
C PRO D 265 34.85 4.29 25.81
N LEU D 266 33.83 4.09 24.96
CA LEU D 266 32.75 5.05 24.69
C LEU D 266 31.88 5.20 25.94
N MET D 267 31.67 4.08 26.67
CA MET D 267 30.89 3.97 27.90
C MET D 267 31.52 4.76 29.05
N ASN D 268 32.87 4.71 29.15
CA ASN D 268 33.67 5.40 30.17
C ASN D 268 33.57 6.91 30.02
N MET D 269 33.37 7.38 28.76
CA MET D 269 33.18 8.79 28.43
C MET D 269 31.78 9.23 28.92
N VAL D 270 30.77 8.35 28.73
CA VAL D 270 29.38 8.57 29.16
C VAL D 270 29.30 8.61 30.70
N ASN D 271 30.03 7.71 31.39
CA ASN D 271 30.11 7.63 32.85
C ASN D 271 30.64 8.95 33.44
N ASN D 272 31.71 9.50 32.81
CA ASN D 272 32.33 10.77 33.20
C ASN D 272 31.41 11.96 33.05
N LEU D 273 30.51 11.92 32.03
CA LEU D 273 29.51 12.97 31.80
C LEU D 273 28.49 12.94 32.95
N GLY D 274 28.13 11.73 33.38
CA GLY D 274 27.21 11.49 34.49
C GLY D 274 27.83 11.84 35.83
N PHE D 275 29.14 11.55 36.00
CA PHE D 275 29.92 11.84 37.21
C PHE D 275 29.99 13.35 37.47
N ALA D 276 30.19 14.13 36.40
CA ALA D 276 30.25 15.59 36.45
C ALA D 276 28.84 16.15 36.71
N LEU D 277 27.81 15.50 36.14
CA LEU D 277 26.39 15.85 36.27
C LEU D 277 25.91 15.64 37.71
N ILE D 278 26.29 14.51 38.34
CA ILE D 278 25.91 14.20 39.73
C ILE D 278 26.73 15.02 40.74
N SER D 279 27.93 15.50 40.32
CA SER D 279 28.78 16.36 41.15
C SER D 279 28.16 17.75 41.21
N GLY D 280 27.56 18.17 40.09
CA GLY D 280 26.87 19.44 39.96
C GLY D 280 25.54 19.43 40.71
N PHE D 281 24.77 18.33 40.54
CA PHE D 281 23.49 18.11 41.21
C PHE D 281 23.67 17.93 42.70
N GLY D 282 24.70 17.16 43.09
CA GLY D 282 25.06 16.88 44.48
C GLY D 282 25.52 18.13 45.20
N GLY D 283 26.30 18.96 44.51
CA GLY D 283 26.81 20.23 44.99
C GLY D 283 25.69 21.24 45.21
N TRP D 284 24.67 21.19 44.32
CA TRP D 284 23.47 22.02 44.38
C TRP D 284 22.60 21.67 45.60
N LEU D 285 22.41 20.36 45.85
CA LEU D 285 21.62 19.83 46.96
C LEU D 285 22.24 20.16 48.33
N ALA D 286 23.59 20.17 48.40
CA ALA D 286 24.35 20.49 49.62
C ALA D 286 24.20 21.97 49.95
N LEU D 287 24.11 22.83 48.92
CA LEU D 287 23.91 24.27 49.06
C LEU D 287 22.46 24.60 49.44
N LYS D 288 21.53 23.65 49.22
CA LYS D 288 20.10 23.78 49.55
C LYS D 288 19.75 23.23 50.95
N ASP D 289 20.79 22.87 51.75
CA ASP D 289 20.72 22.32 53.11
C ASP D 289 19.99 20.95 53.15
N ILE D 290 19.99 20.21 52.02
CA ILE D 290 19.35 18.89 51.90
C ILE D 290 20.33 17.77 52.32
N ILE D 291 21.56 17.79 51.77
CA ILE D 291 22.61 16.80 52.07
C ILE D 291 23.94 17.51 52.42
N THR D 292 25.02 16.72 52.61
CA THR D 292 26.35 17.25 52.92
C THR D 292 27.37 16.88 51.83
N VAL D 293 28.63 17.39 51.96
CA VAL D 293 29.74 17.13 51.04
C VAL D 293 30.12 15.63 51.08
N GLY D 294 30.01 15.02 52.27
CA GLY D 294 30.27 13.61 52.51
C GLY D 294 29.34 12.68 51.75
N THR D 295 28.06 13.11 51.56
CA THR D 295 27.03 12.38 50.84
C THR D 295 27.36 12.29 49.33
N ILE D 296 27.94 13.37 48.75
CA ILE D 296 28.35 13.43 47.34
C ILE D 296 29.50 12.44 47.11
N ALA D 297 30.47 12.41 48.04
CA ALA D 297 31.63 11.51 48.03
C ALA D 297 31.23 10.04 48.21
N THR D 298 30.07 9.81 48.86
CA THR D 298 29.52 8.47 49.10
C THR D 298 28.70 8.01 47.89
N PHE D 299 27.85 8.91 47.32
CA PHE D 299 27.02 8.60 46.16
C PHE D 299 27.83 8.25 44.92
N ILE D 300 29.02 8.87 44.74
CA ILE D 300 29.91 8.59 43.61
C ILE D 300 30.44 7.14 43.69
N GLY D 301 30.56 6.64 44.93
CA GLY D 301 30.99 5.28 45.20
C GLY D 301 29.90 4.28 44.87
N TYR D 302 28.64 4.60 45.25
CA TYR D 302 27.46 3.77 44.99
C TYR D 302 27.04 3.78 43.51
N SER D 303 27.39 4.86 42.78
CA SER D 303 27.10 4.97 41.35
C SER D 303 28.01 4.04 40.55
N ARG D 304 29.26 3.86 41.03
CA ARG D 304 30.28 2.99 40.44
C ARG D 304 29.83 1.52 40.47
N GLN D 305 29.12 1.12 41.54
CA GLN D 305 28.57 -0.22 41.72
C GLN D 305 27.37 -0.48 40.79
N PHE D 306 26.80 0.59 40.20
CA PHE D 306 25.66 0.56 39.28
C PHE D 306 26.12 0.66 37.83
N THR D 307 27.10 1.55 37.55
CA THR D 307 27.64 1.75 36.20
C THR D 307 28.36 0.52 35.70
N ARG D 308 29.15 -0.16 36.58
CA ARG D 308 29.90 -1.37 36.27
C ARG D 308 28.97 -2.44 35.61
N PRO D 309 27.88 -2.95 36.26
CA PRO D 309 27.02 -3.93 35.57
C PRO D 309 26.26 -3.36 34.36
N LEU D 310 25.86 -2.06 34.40
CA LEU D 310 25.16 -1.40 33.30
C LEU D 310 26.01 -1.35 32.03
N ASN D 311 27.31 -1.08 32.18
CA ASN D 311 28.25 -1.03 31.05
C ASN D 311 28.57 -2.45 30.56
N GLU D 312 28.70 -3.41 31.51
CA GLU D 312 28.98 -4.82 31.22
C GLU D 312 27.83 -5.47 30.44
N LEU D 313 26.57 -5.25 30.87
CA LEU D 313 25.37 -5.77 30.21
C LEU D 313 25.17 -5.16 28.83
N SER D 314 25.54 -3.87 28.67
CA SER D 314 25.45 -3.14 27.41
C SER D 314 26.49 -3.67 26.42
N ASN D 315 27.71 -3.96 26.90
CA ASN D 315 28.79 -4.52 26.09
C ASN D 315 28.44 -5.95 25.69
N GLN D 316 27.78 -6.71 26.60
CA GLN D 316 27.33 -8.08 26.34
C GLN D 316 26.29 -8.09 25.22
N PHE D 317 25.43 -7.05 25.15
CA PHE D 317 24.42 -6.92 24.11
C PHE D 317 25.09 -6.70 22.74
N ASN D 318 26.24 -6.02 22.73
CA ASN D 318 27.04 -5.76 21.53
C ASN D 318 27.75 -7.05 21.11
N MET D 319 28.16 -7.87 22.10
CA MET D 319 28.85 -9.13 21.88
C MET D 319 27.94 -10.24 21.36
N ILE D 320 26.67 -10.28 21.83
CA ILE D 320 25.70 -11.31 21.40
C ILE D 320 25.21 -11.09 19.94
N GLN D 321 25.49 -9.90 19.36
CA GLN D 321 25.14 -9.56 17.97
C GLN D 321 25.90 -10.43 16.97
N MET D 322 27.10 -10.92 17.38
CA MET D 322 27.95 -11.81 16.60
C MET D 322 27.28 -13.17 16.47
N ALA D 323 26.72 -13.68 17.58
CA ALA D 323 26.00 -14.95 17.66
C ALA D 323 24.67 -14.84 16.93
N LEU D 324 23.99 -13.69 17.07
CA LEU D 324 22.71 -13.39 16.43
C LEU D 324 22.81 -13.37 14.90
N ALA D 325 23.92 -12.81 14.37
CA ALA D 325 24.20 -12.75 12.93
C ALA D 325 24.46 -14.16 12.39
N SER D 326 25.21 -14.99 13.15
CA SER D 326 25.55 -16.37 12.79
C SER D 326 24.32 -17.27 12.91
N ALA D 327 23.42 -16.98 13.87
CA ALA D 327 22.17 -17.72 14.10
C ALA D 327 21.28 -17.63 12.87
N GLU D 328 21.24 -16.44 12.22
CA GLU D 328 20.46 -16.20 11.00
C GLU D 328 20.87 -17.19 9.91
N ARG D 329 22.20 -17.34 9.69
CA ARG D 329 22.81 -18.26 8.73
C ARG D 329 22.45 -19.72 9.04
N ILE D 330 22.38 -20.09 10.34
CA ILE D 330 22.03 -21.43 10.81
C ILE D 330 20.53 -21.67 10.52
N PHE D 331 19.66 -20.73 10.93
CA PHE D 331 18.21 -20.79 10.74
C PHE D 331 17.81 -20.76 9.26
N GLU D 332 18.62 -20.11 8.40
CA GLU D 332 18.39 -20.02 6.94
C GLU D 332 18.28 -21.42 6.33
N ILE D 333 19.16 -22.34 6.76
CA ILE D 333 19.20 -23.74 6.34
C ILE D 333 18.01 -24.50 6.96
N LEU D 334 17.68 -24.17 8.23
CA LEU D 334 16.59 -24.80 8.99
C LEU D 334 15.17 -24.48 8.48
N ASP D 335 15.01 -23.50 7.56
CA ASP D 335 13.69 -23.15 7.01
C ASP D 335 13.61 -23.33 5.48
N LEU D 336 14.28 -24.36 4.95
CA LEU D 336 14.27 -24.66 3.51
C LEU D 336 13.21 -25.71 3.20
N GLU D 337 12.37 -25.46 2.17
CA GLU D 337 11.30 -26.38 1.76
C GLU D 337 11.89 -27.75 1.38
N GLU D 338 11.79 -28.70 2.33
CA GLU D 338 12.31 -30.06 2.25
C GLU D 338 11.39 -31.03 1.49
N GLU D 339 11.96 -32.15 1.01
CA GLU D 339 11.26 -33.22 0.29
C GLU D 339 10.29 -33.90 1.26
N LYS D 340 8.99 -33.88 0.93
CA LYS D 340 7.94 -34.45 1.77
C LYS D 340 7.14 -35.50 1.03
N ASP D 341 6.74 -36.56 1.75
CA ASP D 341 5.91 -37.64 1.23
C ASP D 341 4.44 -37.23 1.33
N ASP D 342 3.57 -37.86 0.52
CA ASP D 342 2.12 -37.60 0.50
C ASP D 342 1.50 -37.99 1.86
N PRO D 343 0.48 -37.24 2.39
CA PRO D 343 -0.10 -37.65 3.69
C PRO D 343 -0.69 -39.07 3.70
N ASP D 344 -1.22 -39.52 2.55
CA ASP D 344 -1.79 -40.86 2.35
C ASP D 344 -0.91 -41.74 1.45
N ALA D 345 0.43 -41.57 1.55
CA ALA D 345 1.42 -42.33 0.78
C ALA D 345 1.47 -43.80 1.16
N VAL D 346 1.55 -44.68 0.15
CA VAL D 346 1.55 -46.13 0.32
C VAL D 346 2.97 -46.73 0.18
N GLU D 347 3.23 -47.86 0.87
CA GLU D 347 4.48 -48.60 0.84
C GLU D 347 4.34 -49.75 -0.16
N LEU D 348 5.30 -49.87 -1.09
CA LEU D 348 5.28 -50.90 -2.13
C LEU D 348 5.62 -52.30 -1.59
N ARG D 349 4.58 -53.15 -1.47
CA ARG D 349 4.70 -54.52 -0.98
C ARG D 349 4.65 -55.49 -2.16
N GLU D 350 5.53 -56.53 -2.14
CA GLU D 350 5.68 -57.56 -3.18
C GLU D 350 5.93 -56.94 -4.56
N VAL D 351 7.13 -56.35 -4.72
CA VAL D 351 7.57 -55.64 -5.92
C VAL D 351 7.74 -56.59 -7.11
N ARG D 352 7.21 -56.17 -8.28
CA ARG D 352 7.30 -56.90 -9.55
C ARG D 352 8.25 -56.15 -10.49
N GLY D 353 8.04 -54.84 -10.61
CA GLY D 353 8.82 -53.95 -11.45
C GLY D 353 8.06 -53.42 -12.66
N GLU D 354 6.74 -53.18 -12.50
CA GLU D 354 5.88 -52.67 -13.58
C GLU D 354 6.02 -51.15 -13.71
N ILE D 355 7.10 -50.71 -14.37
CA ILE D 355 7.41 -49.30 -14.60
C ILE D 355 6.79 -48.79 -15.90
N GLU D 356 6.07 -47.64 -15.82
CA GLU D 356 5.36 -47.01 -16.91
C GLU D 356 5.43 -45.47 -16.86
N PHE D 357 5.57 -44.83 -18.03
CA PHE D 357 5.60 -43.39 -18.21
C PHE D 357 4.38 -43.01 -19.05
N LYS D 358 3.61 -42.00 -18.58
CA LYS D 358 2.39 -41.54 -19.28
C LYS D 358 2.43 -40.05 -19.59
N ASN D 359 2.79 -39.72 -20.85
CA ASN D 359 2.88 -38.35 -21.41
C ASN D 359 3.63 -37.40 -20.48
N VAL D 360 4.86 -37.80 -20.09
CA VAL D 360 5.73 -37.09 -19.16
C VAL D 360 6.48 -35.92 -19.82
N TRP D 361 6.42 -34.75 -19.16
CA TRP D 361 7.08 -33.51 -19.56
C TRP D 361 7.92 -33.01 -18.39
N PHE D 362 9.18 -32.63 -18.65
CA PHE D 362 10.05 -32.11 -17.59
C PHE D 362 11.05 -31.06 -18.09
N SER D 363 11.18 -29.95 -17.32
CA SER D 363 12.08 -28.84 -17.58
C SER D 363 12.88 -28.57 -16.31
N TYR D 364 14.22 -28.51 -16.41
CA TYR D 364 15.07 -28.24 -15.24
C TYR D 364 15.02 -26.76 -14.88
N ASP D 365 15.16 -25.88 -15.90
CA ASP D 365 15.11 -24.42 -15.77
C ASP D 365 13.68 -23.91 -15.59
N LYS D 366 12.69 -24.74 -15.98
CA LYS D 366 11.24 -24.49 -15.95
C LYS D 366 10.86 -23.41 -16.99
N LYS D 367 11.61 -23.37 -18.10
CA LYS D 367 11.42 -22.44 -19.22
C LYS D 367 11.26 -23.24 -20.52
N LYS D 368 12.19 -24.16 -20.81
CA LYS D 368 12.16 -25.04 -21.99
C LYS D 368 12.20 -26.52 -21.58
N PRO D 369 11.33 -27.39 -22.13
CA PRO D 369 11.31 -28.80 -21.71
C PRO D 369 12.48 -29.65 -22.21
N VAL D 370 13.12 -30.35 -21.26
CA VAL D 370 14.21 -31.30 -21.46
C VAL D 370 13.57 -32.61 -21.97
N LEU D 371 12.39 -32.96 -21.42
CA LEU D 371 11.60 -34.12 -21.83
C LEU D 371 10.24 -33.66 -22.34
N LYS D 372 9.81 -34.21 -23.50
CA LYS D 372 8.56 -33.84 -24.15
C LYS D 372 7.69 -35.07 -24.44
N ASP D 373 6.54 -35.17 -23.74
CA ASP D 373 5.51 -36.22 -23.87
C ASP D 373 6.09 -37.66 -23.89
N ILE D 374 7.00 -37.95 -22.94
CA ILE D 374 7.66 -39.24 -22.80
C ILE D 374 6.64 -40.26 -22.29
N THR D 375 6.24 -41.20 -23.16
CA THR D 375 5.26 -42.23 -22.84
C THR D 375 5.72 -43.61 -23.35
N PHE D 376 5.91 -44.57 -22.40
CA PHE D 376 6.33 -45.95 -22.65
C PHE D 376 5.94 -46.88 -21.50
N HIS D 377 5.85 -48.21 -21.78
CA HIS D 377 5.52 -49.23 -20.78
C HIS D 377 6.55 -50.36 -20.74
N ILE D 378 6.98 -50.71 -19.52
CA ILE D 378 7.94 -51.79 -19.26
C ILE D 378 7.27 -52.82 -18.33
N LYS D 379 7.09 -54.06 -18.83
CA LYS D 379 6.48 -55.14 -18.06
C LYS D 379 7.52 -55.74 -17.07
N PRO D 380 7.09 -56.32 -15.92
CA PRO D 380 8.08 -56.85 -14.96
C PRO D 380 8.95 -57.99 -15.49
N GLY D 381 10.25 -57.90 -15.22
CA GLY D 381 11.24 -58.89 -15.61
C GLY D 381 12.05 -58.60 -16.84
N GLN D 382 11.51 -57.80 -17.78
CA GLN D 382 12.21 -57.48 -19.03
C GLN D 382 13.36 -56.47 -18.87
N LYS D 383 14.44 -56.72 -19.63
CA LYS D 383 15.67 -55.94 -19.67
C LYS D 383 15.55 -54.94 -20.82
N VAL D 384 15.28 -53.68 -20.47
CA VAL D 384 15.06 -52.57 -21.41
C VAL D 384 16.31 -51.69 -21.58
N ALA D 385 16.62 -51.32 -22.83
CA ALA D 385 17.76 -50.47 -23.18
C ALA D 385 17.29 -49.08 -23.57
N LEU D 386 17.93 -48.05 -23.01
CA LEU D 386 17.63 -46.65 -23.31
C LEU D 386 18.85 -46.06 -24.04
N VAL D 387 18.65 -45.66 -25.30
CA VAL D 387 19.73 -45.15 -26.14
C VAL D 387 19.33 -43.83 -26.85
N GLY D 388 20.32 -43.00 -27.15
CA GLY D 388 20.13 -41.72 -27.82
C GLY D 388 21.37 -40.86 -27.87
N PRO D 389 21.31 -39.64 -28.45
CA PRO D 389 22.51 -38.79 -28.50
C PRO D 389 22.82 -38.09 -27.18
N THR D 390 23.97 -37.40 -27.13
CA THR D 390 24.45 -36.66 -25.96
C THR D 390 23.49 -35.52 -25.59
N GLY D 391 23.03 -35.55 -24.34
CA GLY D 391 22.09 -34.56 -23.80
C GLY D 391 20.68 -34.71 -24.31
N SER D 392 20.29 -35.95 -24.68
CA SER D 392 18.96 -36.29 -25.19
C SER D 392 17.92 -36.17 -24.07
N GLY D 393 18.22 -36.78 -22.91
CA GLY D 393 17.36 -36.77 -21.74
C GLY D 393 17.25 -38.14 -21.08
N LYS D 394 18.23 -39.03 -21.33
CA LYS D 394 18.27 -40.40 -20.81
C LYS D 394 18.42 -40.44 -19.29
N THR D 395 19.41 -39.70 -18.75
CA THR D 395 19.67 -39.59 -17.31
C THR D 395 18.48 -38.90 -16.62
N THR D 396 17.82 -37.95 -17.34
CA THR D 396 16.64 -37.22 -16.85
C THR D 396 15.48 -38.19 -16.55
N ILE D 397 15.21 -39.15 -17.48
CA ILE D 397 14.16 -40.19 -17.34
C ILE D 397 14.40 -40.97 -16.04
N VAL D 398 15.66 -41.38 -15.83
CA VAL D 398 16.15 -42.13 -14.69
C VAL D 398 15.99 -41.36 -13.37
N ASN D 399 16.46 -40.10 -13.32
CA ASN D 399 16.36 -39.24 -12.14
C ASN D 399 14.90 -39.03 -11.71
N LEU D 400 13.99 -38.99 -12.69
CA LEU D 400 12.55 -38.85 -12.47
C LEU D 400 11.95 -40.15 -11.92
N LEU D 401 12.51 -41.31 -12.31
CA LEU D 401 12.11 -42.64 -11.85
C LEU D 401 12.62 -42.87 -10.41
N MET D 402 13.71 -42.16 -10.05
CA MET D 402 14.33 -42.20 -8.72
C MET D 402 13.67 -41.14 -7.82
N ARG D 403 12.82 -40.29 -8.42
CA ARG D 403 12.10 -39.17 -7.82
C ARG D 403 13.05 -38.18 -7.11
N PHE D 404 14.13 -37.79 -7.83
CA PHE D 404 15.10 -36.79 -7.38
C PHE D 404 14.52 -35.43 -7.73
N TYR D 405 13.71 -35.40 -8.79
CA TYR D 405 12.98 -34.26 -9.33
C TYR D 405 11.56 -34.73 -9.64
N ASP D 406 10.58 -33.81 -9.66
CA ASP D 406 9.19 -34.18 -9.97
C ASP D 406 8.72 -33.67 -11.33
N VAL D 407 7.86 -34.46 -11.99
CA VAL D 407 7.27 -34.24 -13.32
C VAL D 407 6.48 -32.91 -13.36
N ASP D 408 6.64 -32.15 -14.46
CA ASP D 408 5.92 -30.89 -14.67
C ASP D 408 4.45 -31.20 -15.04
N ARG D 409 4.25 -32.13 -16.00
CA ARG D 409 2.96 -32.64 -16.45
C ARG D 409 3.13 -34.04 -17.04
N GLY D 410 2.48 -35.02 -16.38
CA GLY D 410 2.55 -36.43 -16.75
C GLY D 410 2.50 -37.33 -15.53
N GLN D 411 2.68 -38.66 -15.75
CA GLN D 411 2.63 -39.66 -14.68
C GLN D 411 3.70 -40.74 -14.81
N ILE D 412 4.32 -41.12 -13.68
CA ILE D 412 5.28 -42.23 -13.61
C ILE D 412 4.64 -43.28 -12.70
N LEU D 413 4.33 -44.46 -13.24
CA LEU D 413 3.68 -45.53 -12.49
C LEU D 413 4.56 -46.74 -12.28
N VAL D 414 4.85 -47.05 -11.00
CA VAL D 414 5.65 -48.20 -10.61
C VAL D 414 4.70 -49.19 -9.92
N ASP D 415 4.57 -50.40 -10.52
CA ASP D 415 3.68 -51.50 -10.09
C ASP D 415 2.18 -51.11 -10.15
N GLY D 416 1.86 -50.15 -11.02
CA GLY D 416 0.50 -49.65 -11.21
C GLY D 416 0.11 -48.48 -10.33
N ILE D 417 1.02 -48.04 -9.45
CA ILE D 417 0.81 -46.91 -8.53
C ILE D 417 1.70 -45.74 -8.95
N ASP D 418 1.16 -44.50 -8.88
CA ASP D 418 1.87 -43.26 -9.21
C ASP D 418 3.07 -43.06 -8.26
N ILE D 419 4.17 -42.52 -8.80
CA ILE D 419 5.44 -42.25 -8.10
C ILE D 419 5.23 -41.30 -6.90
N ARG D 420 4.31 -40.32 -7.03
CA ARG D 420 3.97 -39.34 -5.99
C ARG D 420 3.20 -39.98 -4.83
N LYS D 421 2.47 -41.08 -5.11
CA LYS D 421 1.68 -41.81 -4.12
C LYS D 421 2.47 -42.90 -3.39
N ILE D 422 3.63 -43.33 -3.95
CA ILE D 422 4.51 -44.31 -3.31
C ILE D 422 5.49 -43.55 -2.41
N LYS D 423 5.73 -44.06 -1.19
CA LYS D 423 6.67 -43.47 -0.22
C LYS D 423 8.08 -43.50 -0.80
N ARG D 424 8.81 -42.37 -0.70
CA ARG D 424 10.20 -42.22 -1.19
C ARG D 424 11.14 -43.29 -0.60
N SER D 425 10.79 -43.83 0.58
CA SER D 425 11.52 -44.88 1.28
C SER D 425 11.43 -46.21 0.53
N SER D 426 10.19 -46.63 0.20
CA SER D 426 9.89 -47.89 -0.50
C SER D 426 10.30 -47.87 -1.97
N LEU D 427 10.15 -46.71 -2.65
CA LEU D 427 10.49 -46.52 -4.05
C LEU D 427 11.98 -46.74 -4.30
N ARG D 428 12.84 -46.04 -3.51
CA ARG D 428 14.30 -46.12 -3.59
C ARG D 428 14.86 -47.45 -3.03
N SER D 429 14.00 -48.24 -2.35
CA SER D 429 14.32 -49.56 -1.82
C SER D 429 14.14 -50.59 -2.94
N SER D 430 13.10 -50.40 -3.77
CA SER D 430 12.75 -51.27 -4.90
C SER D 430 13.65 -51.00 -6.11
N ILE D 431 14.07 -49.73 -6.28
CA ILE D 431 14.89 -49.28 -7.40
C ILE D 431 16.35 -48.99 -6.99
N GLY D 432 17.28 -49.57 -7.76
CA GLY D 432 18.72 -49.40 -7.61
C GLY D 432 19.31 -48.67 -8.81
N ILE D 433 20.42 -47.95 -8.61
CA ILE D 433 21.05 -47.16 -9.68
C ILE D 433 22.58 -47.17 -9.64
N VAL D 434 23.19 -47.33 -10.83
CA VAL D 434 24.63 -47.24 -11.08
C VAL D 434 24.72 -45.96 -11.91
N LEU D 435 24.98 -44.84 -11.22
CA LEU D 435 25.04 -43.49 -11.80
C LEU D 435 26.12 -43.29 -12.84
N GLN D 436 25.90 -42.34 -13.78
CA GLN D 436 26.81 -41.99 -14.88
C GLN D 436 28.18 -41.62 -14.31
N ASP D 437 28.20 -40.73 -13.31
CA ASP D 437 29.41 -40.32 -12.60
C ASP D 437 29.50 -41.15 -11.33
N THR D 438 30.52 -42.03 -11.25
CA THR D 438 30.73 -42.95 -10.13
C THR D 438 31.20 -42.21 -8.88
N ILE D 439 30.49 -42.43 -7.76
CA ILE D 439 30.79 -41.83 -6.46
C ILE D 439 31.09 -42.94 -5.47
N LEU D 440 32.32 -42.94 -4.93
CA LEU D 440 32.76 -43.92 -3.93
C LEU D 440 33.09 -43.23 -2.59
N PHE D 441 33.43 -44.00 -1.55
CA PHE D 441 33.70 -43.43 -0.24
C PHE D 441 35.10 -43.74 0.27
N SER D 442 35.57 -42.94 1.25
CA SER D 442 36.90 -43.03 1.85
C SER D 442 37.03 -44.13 2.94
N THR D 443 36.43 -45.32 2.69
CA THR D 443 36.50 -46.48 3.60
C THR D 443 37.02 -47.72 2.88
N THR D 444 36.99 -48.88 3.58
CA THR D 444 37.42 -50.17 3.06
C THR D 444 36.57 -50.60 1.88
N VAL D 445 37.14 -51.38 0.95
CA VAL D 445 36.47 -51.90 -0.25
C VAL D 445 35.19 -52.66 0.16
N LYS D 446 35.29 -53.49 1.23
CA LYS D 446 34.18 -54.27 1.79
C LYS D 446 33.02 -53.37 2.19
N GLU D 447 33.30 -52.28 2.93
CA GLU D 447 32.29 -51.31 3.38
C GLU D 447 31.65 -50.54 2.23
N ASN D 448 32.42 -50.28 1.16
CA ASN D 448 31.95 -49.60 -0.05
C ASN D 448 30.96 -50.47 -0.82
N LEU D 449 31.16 -51.80 -0.78
CA LEU D 449 30.30 -52.79 -1.42
C LEU D 449 29.12 -53.15 -0.52
N LYS D 450 29.31 -53.05 0.82
CA LYS D 450 28.29 -53.32 1.83
C LYS D 450 27.25 -52.18 1.91
N TYR D 451 27.58 -51.00 1.33
CA TYR D 451 26.68 -49.83 1.27
C TYR D 451 25.47 -50.24 0.42
N GLY D 452 24.26 -50.00 0.93
CA GLY D 452 23.03 -50.37 0.23
C GLY D 452 22.38 -51.60 0.84
N ASN D 453 23.20 -52.61 1.18
CA ASN D 453 22.79 -53.85 1.84
C ASN D 453 23.83 -54.18 2.93
N PRO D 454 23.73 -53.54 4.13
CA PRO D 454 24.71 -53.81 5.19
C PRO D 454 24.60 -55.20 5.80
N GLY D 455 23.45 -55.85 5.56
CA GLY D 455 23.17 -57.21 6.01
C GLY D 455 23.50 -58.24 4.94
N ALA D 456 24.71 -58.13 4.36
CA ALA D 456 25.22 -59.04 3.32
C ALA D 456 26.50 -59.72 3.82
N THR D 457 26.53 -61.07 3.76
CA THR D 457 27.67 -61.88 4.21
C THR D 457 28.90 -61.65 3.34
N ASP D 458 30.11 -61.84 3.93
CA ASP D 458 31.40 -61.70 3.25
C ASP D 458 31.50 -62.62 2.03
N GLU D 459 30.80 -63.77 2.08
CA GLU D 459 30.70 -64.76 1.00
C GLU D 459 29.92 -64.18 -0.17
N GLU D 460 28.79 -63.49 0.11
CA GLU D 460 27.92 -62.83 -0.87
C GLU D 460 28.67 -61.70 -1.57
N ILE D 461 29.50 -60.94 -0.81
CA ILE D 461 30.32 -59.83 -1.31
C ILE D 461 31.42 -60.38 -2.23
N LYS D 462 32.14 -61.42 -1.78
CA LYS D 462 33.21 -62.08 -2.54
C LYS D 462 32.69 -62.74 -3.81
N GLU D 463 31.47 -63.32 -3.77
CA GLU D 463 30.86 -63.95 -4.94
C GLU D 463 30.41 -62.93 -5.97
N ALA D 464 29.85 -61.79 -5.52
CA ALA D 464 29.38 -60.70 -6.38
C ALA D 464 30.55 -60.00 -7.07
N ALA D 465 31.67 -59.78 -6.33
CA ALA D 465 32.88 -59.16 -6.85
C ALA D 465 33.56 -60.06 -7.88
N LYS D 466 33.55 -61.39 -7.64
CA LYS D 466 34.12 -62.41 -8.53
C LYS D 466 33.38 -62.42 -9.87
N LEU D 467 32.05 -62.21 -9.81
CA LEU D 467 31.13 -62.18 -10.94
C LEU D 467 31.38 -60.97 -11.87
N THR D 468 31.56 -59.77 -11.31
CA THR D 468 31.78 -58.52 -12.05
C THR D 468 33.28 -58.24 -12.34
N HIS D 469 34.15 -59.27 -12.13
CA HIS D 469 35.61 -59.22 -12.31
C HIS D 469 36.30 -58.13 -11.46
N SER D 470 35.67 -57.80 -10.32
CA SER D 470 36.12 -56.82 -9.35
C SER D 470 37.12 -57.44 -8.37
N ASP D 471 36.83 -58.66 -7.88
CA ASP D 471 37.63 -59.45 -6.93
C ASP D 471 39.12 -59.55 -7.29
N HIS D 472 39.41 -59.60 -8.61
CA HIS D 472 40.73 -59.70 -9.26
C HIS D 472 41.74 -58.63 -8.80
N PHE D 473 41.32 -57.35 -8.80
CA PHE D 473 42.14 -56.22 -8.37
C PHE D 473 42.01 -55.92 -6.87
N ILE D 474 40.89 -56.37 -6.24
CA ILE D 474 40.65 -56.18 -4.80
C ILE D 474 41.65 -57.02 -4.00
N LYS D 475 41.91 -58.27 -4.45
CA LYS D 475 42.88 -59.19 -3.84
C LYS D 475 44.32 -58.65 -3.91
N HIS D 476 44.65 -57.95 -5.02
CA HIS D 476 45.96 -57.34 -5.29
C HIS D 476 46.27 -56.15 -4.36
N LEU D 477 45.23 -55.52 -3.77
CA LEU D 477 45.36 -54.38 -2.86
C LEU D 477 46.14 -54.73 -1.57
N PRO D 478 46.82 -53.74 -0.91
CA PRO D 478 47.62 -54.06 0.29
C PRO D 478 46.92 -54.78 1.44
N GLU D 479 45.63 -54.50 1.68
CA GLU D 479 44.86 -55.14 2.78
C GLU D 479 43.69 -56.00 2.26
N GLY D 480 43.52 -56.04 0.94
CA GLY D 480 42.45 -56.78 0.29
C GLY D 480 41.14 -56.02 0.30
N TYR D 481 40.09 -56.63 0.87
CA TYR D 481 38.77 -56.01 1.00
C TYR D 481 38.76 -54.98 2.13
N GLU D 482 39.77 -55.05 3.02
CA GLU D 482 39.93 -54.15 4.15
C GLU D 482 40.88 -52.97 3.84
N THR D 483 41.19 -52.75 2.54
CA THR D 483 42.05 -51.65 2.09
C THR D 483 41.23 -50.37 2.10
N VAL D 484 41.55 -49.44 3.01
CA VAL D 484 40.83 -48.16 3.12
C VAL D 484 41.18 -47.28 1.91
N LEU D 485 40.15 -47.02 1.09
CA LEU D 485 40.28 -46.21 -0.12
C LEU D 485 40.35 -44.72 0.21
N THR D 486 40.79 -43.89 -0.75
CA THR D 486 40.84 -42.44 -0.59
C THR D 486 39.44 -41.88 -0.93
N ASP D 487 39.18 -40.57 -0.67
CA ASP D 487 37.88 -39.97 -0.98
C ASP D 487 37.55 -40.10 -2.47
N ASN D 488 36.34 -40.60 -2.74
CA ASN D 488 35.78 -40.91 -4.07
C ASN D 488 36.42 -42.15 -4.72
N GLY D 489 37.36 -42.77 -4.01
CA GLY D 489 38.07 -43.96 -4.46
C GLY D 489 38.95 -43.71 -5.67
N GLU D 490 39.60 -42.53 -5.71
CA GLU D 490 40.47 -42.11 -6.81
C GLU D 490 41.81 -42.87 -6.85
N ASP D 491 42.07 -43.71 -5.82
CA ASP D 491 43.27 -44.56 -5.74
C ASP D 491 43.11 -45.86 -6.57
N LEU D 492 42.11 -45.87 -7.48
CA LEU D 492 41.79 -46.95 -8.42
C LEU D 492 41.68 -46.37 -9.82
N SER D 493 41.69 -47.23 -10.85
CA SER D 493 41.51 -46.79 -12.22
C SER D 493 40.02 -46.53 -12.43
N GLN D 494 39.67 -45.58 -13.32
CA GLN D 494 38.28 -45.18 -13.58
C GLN D 494 37.33 -46.37 -13.83
N GLY D 495 37.77 -47.34 -14.62
CA GLY D 495 37.02 -48.56 -14.92
C GLY D 495 36.80 -49.43 -13.70
N GLN D 496 37.83 -49.55 -12.84
CA GLN D 496 37.81 -50.32 -11.59
C GLN D 496 36.82 -49.73 -10.58
N ARG D 497 36.63 -48.40 -10.64
CA ARG D 497 35.70 -47.65 -9.79
C ARG D 497 34.27 -47.97 -10.20
N GLN D 498 34.04 -48.11 -11.53
CA GLN D 498 32.74 -48.45 -12.10
C GLN D 498 32.34 -49.87 -11.74
N LEU D 499 33.31 -50.80 -11.78
CA LEU D 499 33.11 -52.22 -11.45
C LEU D 499 32.67 -52.38 -10.00
N LEU D 500 33.20 -51.55 -9.09
CA LEU D 500 32.84 -51.52 -7.68
C LEU D 500 31.41 -51.03 -7.51
N ALA D 501 31.02 -49.98 -8.28
CA ALA D 501 29.68 -49.39 -8.28
C ALA D 501 28.64 -50.39 -8.79
N ILE D 502 29.01 -51.20 -9.81
CA ILE D 502 28.17 -52.27 -10.40
C ILE D 502 27.92 -53.34 -9.32
N THR D 503 28.99 -53.79 -8.63
CA THR D 503 28.93 -54.80 -7.56
C THR D 503 28.03 -54.33 -6.41
N ARG D 504 28.22 -53.07 -5.95
CA ARG D 504 27.45 -52.43 -4.87
C ARG D 504 25.95 -52.42 -5.17
N ALA D 505 25.58 -52.15 -6.44
CA ALA D 505 24.20 -52.12 -6.91
C ALA D 505 23.56 -53.51 -6.95
N PHE D 506 24.31 -54.54 -7.39
CA PHE D 506 23.82 -55.92 -7.45
C PHE D 506 23.67 -56.53 -6.08
N LEU D 507 24.54 -56.12 -5.13
CA LEU D 507 24.51 -56.56 -3.73
C LEU D 507 23.30 -55.97 -3.01
N ALA D 508 22.85 -54.76 -3.43
CA ALA D 508 21.67 -54.08 -2.89
C ALA D 508 20.38 -54.84 -3.22
N ASN D 509 20.46 -55.77 -4.20
CA ASN D 509 19.38 -56.64 -4.69
C ASN D 509 18.06 -55.88 -4.97
N PRO D 510 18.04 -54.92 -5.93
CA PRO D 510 16.79 -54.21 -6.23
C PRO D 510 15.97 -54.89 -7.31
N LYS D 511 14.63 -54.83 -7.22
CA LYS D 511 13.74 -55.43 -8.22
C LYS D 511 13.86 -54.68 -9.57
N ILE D 512 14.12 -53.37 -9.51
CA ILE D 512 14.35 -52.48 -10.65
C ILE D 512 15.79 -51.98 -10.55
N LEU D 513 16.61 -52.25 -11.58
CA LEU D 513 18.01 -51.82 -11.58
C LEU D 513 18.30 -50.90 -12.77
N ILE D 514 18.99 -49.78 -12.53
CA ILE D 514 19.33 -48.87 -13.61
C ILE D 514 20.85 -48.78 -13.79
N LEU D 515 21.33 -49.08 -15.01
CA LEU D 515 22.74 -49.07 -15.37
C LEU D 515 23.04 -47.91 -16.35
N ASP D 516 23.01 -46.67 -15.83
CA ASP D 516 23.29 -45.48 -16.63
C ASP D 516 24.80 -45.34 -16.87
N ALA D 517 25.24 -45.64 -18.12
CA ALA D 517 26.64 -45.58 -18.58
C ALA D 517 27.61 -46.22 -17.57
N ALA D 518 27.23 -47.39 -17.03
CA ALA D 518 27.96 -48.16 -16.01
C ALA D 518 29.32 -48.72 -16.44
N THR D 519 29.56 -48.86 -17.77
CA THR D 519 30.83 -49.39 -18.29
C THR D 519 31.50 -48.45 -19.29
N SER D 520 31.43 -47.11 -19.04
CA SER D 520 32.04 -46.07 -19.87
C SER D 520 33.56 -46.27 -19.96
N ASN D 521 34.19 -46.53 -18.80
CA ASN D 521 35.63 -46.70 -18.66
C ASN D 521 36.07 -48.18 -18.53
N VAL D 522 35.12 -49.13 -18.69
CA VAL D 522 35.40 -50.57 -18.63
C VAL D 522 35.63 -51.05 -20.07
N ASP D 523 36.80 -51.69 -20.33
CA ASP D 523 37.18 -52.19 -21.66
C ASP D 523 36.20 -53.25 -22.20
N THR D 524 36.04 -53.28 -23.53
CA THR D 524 35.14 -54.17 -24.27
C THR D 524 35.38 -55.67 -23.97
N LYS D 525 36.63 -56.05 -23.65
CA LYS D 525 37.03 -57.42 -23.31
C LYS D 525 36.42 -57.83 -21.96
N THR D 526 36.60 -56.99 -20.92
CA THR D 526 36.07 -57.20 -19.57
C THR D 526 34.53 -57.14 -19.59
N GLU D 527 33.98 -56.16 -20.32
CA GLU D 527 32.54 -55.93 -20.50
C GLU D 527 31.83 -57.17 -21.08
N LYS D 528 32.50 -57.88 -22.01
CA LYS D 528 32.00 -59.11 -22.64
C LYS D 528 32.00 -60.27 -21.63
N SER D 529 33.04 -60.34 -20.77
CA SER D 529 33.20 -61.38 -19.75
C SER D 529 32.14 -61.28 -18.65
N ILE D 530 31.76 -60.04 -18.26
CA ILE D 530 30.75 -59.80 -17.22
C ILE D 530 29.34 -60.07 -17.72
N GLN D 531 28.92 -59.47 -18.87
CA GLN D 531 27.57 -59.58 -19.43
C GLN D 531 27.03 -61.02 -19.52
N ALA D 532 27.93 -62.02 -19.68
CA ALA D 532 27.55 -63.44 -19.72
C ALA D 532 27.08 -63.92 -18.33
N ALA D 533 27.82 -63.52 -17.27
CA ALA D 533 27.51 -63.85 -15.88
C ALA D 533 26.45 -62.91 -15.27
N MET D 534 26.31 -61.70 -15.84
CA MET D 534 25.36 -60.65 -15.42
C MET D 534 23.91 -61.06 -15.70
N TRP D 535 23.69 -61.88 -16.76
CA TRP D 535 22.39 -62.42 -17.20
C TRP D 535 21.66 -63.08 -16.02
N LYS D 536 22.38 -63.95 -15.27
CA LYS D 536 21.88 -64.68 -14.09
C LYS D 536 21.40 -63.72 -12.99
N LEU D 537 22.15 -62.65 -12.75
CA LEU D 537 21.81 -61.63 -11.75
C LEU D 537 20.66 -60.74 -12.23
N MET D 538 20.60 -60.49 -13.55
CA MET D 538 19.57 -59.65 -14.16
C MET D 538 18.24 -60.36 -14.41
N GLU D 539 18.24 -61.71 -14.53
CA GLU D 539 16.99 -62.43 -14.82
C GLU D 539 16.08 -62.46 -13.59
N GLY D 540 14.81 -62.18 -13.82
CA GLY D 540 13.81 -62.07 -12.76
C GLY D 540 13.78 -60.69 -12.15
N LYS D 541 14.51 -59.74 -12.78
CA LYS D 541 14.63 -58.35 -12.38
C LYS D 541 14.46 -57.40 -13.58
N THR D 542 13.66 -56.35 -13.40
CA THR D 542 13.41 -55.32 -14.41
C THR D 542 14.65 -54.41 -14.45
N SER D 543 15.14 -54.06 -15.65
CA SER D 543 16.32 -53.19 -15.74
C SER D 543 16.31 -52.20 -16.90
N ILE D 544 16.91 -51.01 -16.67
CA ILE D 544 17.06 -49.94 -17.65
C ILE D 544 18.57 -49.73 -17.87
N ILE D 545 19.06 -50.03 -19.07
CA ILE D 545 20.48 -49.94 -19.41
C ILE D 545 20.74 -48.82 -20.41
N ILE D 546 21.45 -47.76 -19.96
CA ILE D 546 21.82 -46.63 -20.82
C ILE D 546 23.25 -46.88 -21.30
N ALA D 547 23.45 -46.97 -22.62
CA ALA D 547 24.76 -47.22 -23.23
C ALA D 547 24.91 -46.66 -24.64
N HIS D 548 26.13 -46.18 -24.95
CA HIS D 548 26.50 -45.69 -26.28
C HIS D 548 27.18 -46.81 -27.07
N ARG D 549 27.43 -47.96 -26.39
CA ARG D 549 27.98 -49.17 -26.96
C ARG D 549 26.77 -50.03 -27.34
N LEU D 550 26.06 -49.60 -28.40
CA LEU D 550 24.84 -50.20 -28.94
C LEU D 550 24.91 -51.72 -29.17
N ASN D 551 26.12 -52.23 -29.46
CA ASN D 551 26.44 -53.65 -29.70
C ASN D 551 26.23 -54.55 -28.46
N THR D 552 26.29 -53.97 -27.25
CA THR D 552 26.11 -54.71 -25.99
C THR D 552 24.64 -54.77 -25.56
N ILE D 553 23.86 -53.72 -25.88
CA ILE D 553 22.44 -53.58 -25.54
C ILE D 553 21.50 -54.08 -26.66
N LYS D 554 22.06 -54.73 -27.71
CA LYS D 554 21.27 -55.24 -28.83
C LYS D 554 20.42 -56.48 -28.47
N ASN D 555 20.76 -57.15 -27.36
CA ASN D 555 20.06 -58.35 -26.89
C ASN D 555 18.88 -58.02 -25.94
N ALA D 556 18.60 -56.72 -25.73
CA ALA D 556 17.52 -56.24 -24.87
C ALA D 556 16.13 -56.56 -25.41
N ASP D 557 15.16 -56.75 -24.50
CA ASP D 557 13.76 -57.06 -24.81
C ASP D 557 13.05 -55.88 -25.48
N LEU D 558 13.49 -54.64 -25.16
CA LEU D 558 12.96 -53.40 -25.73
C LEU D 558 14.06 -52.34 -25.76
N ILE D 559 14.18 -51.65 -26.90
CA ILE D 559 15.16 -50.58 -27.09
C ILE D 559 14.42 -49.27 -27.33
N ILE D 560 14.46 -48.37 -26.32
CA ILE D 560 13.84 -47.05 -26.37
C ILE D 560 14.87 -46.07 -26.96
N VAL D 561 14.58 -45.55 -28.17
CA VAL D 561 15.45 -44.62 -28.87
C VAL D 561 14.96 -43.18 -28.65
N LEU D 562 15.76 -42.39 -27.94
CA LEU D 562 15.46 -40.99 -27.59
C LEU D 562 16.24 -40.04 -28.47
N ARG D 563 15.67 -38.85 -28.75
CA ARG D 563 16.26 -37.79 -29.57
C ARG D 563 15.60 -36.47 -29.23
N ASP D 564 16.41 -35.47 -28.81
CA ASP D 564 15.98 -34.12 -28.45
C ASP D 564 14.76 -34.10 -27.49
N GLY D 565 14.85 -34.94 -26.46
CA GLY D 565 13.83 -35.11 -25.44
C GLY D 565 12.54 -35.76 -25.89
N GLU D 566 12.61 -36.62 -26.93
CA GLU D 566 11.44 -37.31 -27.48
C GLU D 566 11.78 -38.74 -27.90
N ILE D 567 10.84 -39.68 -27.69
CA ILE D 567 11.04 -41.08 -28.10
C ILE D 567 10.76 -41.17 -29.60
N VAL D 568 11.82 -41.20 -30.42
CA VAL D 568 11.72 -41.27 -31.88
C VAL D 568 11.39 -42.70 -32.34
N GLU D 569 12.09 -43.71 -31.77
CA GLU D 569 11.88 -45.13 -32.11
C GLU D 569 11.78 -46.01 -30.84
N MET D 570 11.10 -47.17 -30.97
CA MET D 570 10.90 -48.17 -29.91
C MET D 570 10.68 -49.56 -30.50
N GLY D 571 11.29 -50.57 -29.88
CA GLY D 571 11.19 -51.96 -30.31
C GLY D 571 12.50 -52.73 -30.20
N LYS D 572 12.55 -53.92 -30.81
CA LYS D 572 13.76 -54.77 -30.78
C LYS D 572 14.78 -54.38 -31.85
N HIS D 573 16.07 -54.73 -31.61
CA HIS D 573 17.24 -54.46 -32.44
C HIS D 573 17.05 -54.76 -33.93
N ASP D 574 16.78 -56.03 -34.29
CA ASP D 574 16.59 -56.50 -35.67
C ASP D 574 15.47 -55.76 -36.42
N GLU D 575 14.40 -55.41 -35.69
CA GLU D 575 13.25 -54.67 -36.20
C GLU D 575 13.65 -53.23 -36.55
N LEU D 576 14.45 -52.59 -35.67
CA LEU D 576 14.93 -51.21 -35.83
C LEU D 576 16.04 -51.07 -36.89
N ILE D 577 16.82 -52.16 -37.11
CA ILE D 577 17.91 -52.21 -38.09
C ILE D 577 17.34 -52.25 -39.53
N GLN D 578 16.36 -53.15 -39.78
CA GLN D 578 15.71 -53.29 -41.08
C GLN D 578 14.83 -52.08 -41.43
N LYS D 579 14.48 -51.27 -40.40
CA LYS D 579 13.70 -50.04 -40.51
C LYS D 579 14.54 -48.91 -41.15
N ARG D 580 15.89 -49.03 -41.06
CA ARG D 580 16.89 -48.08 -41.58
C ARG D 580 16.66 -46.65 -41.06
N GLY D 581 16.23 -46.55 -39.81
CA GLY D 581 15.93 -45.30 -39.13
C GLY D 581 17.09 -44.63 -38.45
N PHE D 582 16.81 -43.99 -37.30
CA PHE D 582 17.81 -43.27 -36.52
C PHE D 582 18.63 -44.21 -35.61
N TYR D 583 18.06 -45.39 -35.23
CA TYR D 583 18.77 -46.40 -34.44
C TYR D 583 19.84 -47.01 -35.36
N TYR D 584 19.47 -47.28 -36.63
CA TYR D 584 20.33 -47.82 -37.68
C TYR D 584 21.48 -46.83 -37.94
N GLU D 585 21.16 -45.52 -38.00
CA GLU D 585 22.12 -44.43 -38.20
C GLU D 585 23.13 -44.37 -37.05
N LEU D 586 22.68 -44.68 -35.81
CA LEU D 586 23.50 -44.72 -34.60
C LEU D 586 24.36 -45.99 -34.56
N PHE D 587 23.78 -47.14 -34.97
CA PHE D 587 24.48 -48.43 -34.98
C PHE D 587 25.57 -48.48 -36.05
N THR D 588 25.29 -47.93 -37.25
CA THR D 588 26.24 -47.90 -38.38
C THR D 588 27.41 -46.94 -38.09
N SER D 589 27.15 -45.86 -37.32
CA SER D 589 28.15 -44.86 -36.94
C SER D 589 29.28 -45.42 -36.07
N GLN D 590 29.09 -46.64 -35.53
CA GLN D 590 30.08 -47.35 -34.70
C GLN D 590 31.28 -47.84 -35.51
N TYR D 591 31.05 -48.15 -36.82
CA TYR D 591 32.04 -48.62 -37.80
C TYR D 591 32.83 -49.84 -37.34
N GLN E 4 -40.97 82.52 29.46
CA GLN E 4 -39.78 83.32 29.74
C GLN E 4 -38.99 82.81 30.95
N VAL E 5 -38.06 81.87 30.71
CA VAL E 5 -37.21 81.25 31.73
C VAL E 5 -35.72 81.49 31.42
N GLN E 6 -34.95 81.94 32.42
CA GLN E 6 -33.51 82.22 32.30
C GLN E 6 -32.71 81.48 33.38
N LEU E 7 -31.50 81.00 33.01
CA LEU E 7 -30.61 80.27 33.91
C LEU E 7 -29.31 81.03 34.17
N VAL E 8 -28.99 81.24 35.46
CA VAL E 8 -27.80 81.95 35.94
C VAL E 8 -26.77 80.93 36.47
N GLU E 9 -25.51 81.05 35.98
CA GLU E 9 -24.41 80.16 36.39
C GLU E 9 -23.40 80.89 37.27
N SER E 10 -23.07 80.32 38.44
CA SER E 10 -22.13 80.90 39.41
C SER E 10 -21.43 79.84 40.26
N GLY E 11 -20.17 80.12 40.61
CA GLY E 11 -19.35 79.27 41.46
C GLY E 11 -18.24 78.53 40.76
N GLY E 12 -17.45 79.25 39.95
CA GLY E 12 -16.33 78.69 39.21
C GLY E 12 -15.02 79.44 39.42
N GLY E 13 -14.05 78.76 40.01
CA GLY E 13 -12.73 79.32 40.30
C GLY E 13 -11.58 78.34 40.26
N SER E 14 -10.34 78.84 40.48
CA SER E 14 -9.11 78.05 40.48
C SER E 14 -8.93 77.20 41.74
N VAL E 15 -8.91 75.87 41.57
CA VAL E 15 -8.75 74.87 42.64
C VAL E 15 -7.58 73.95 42.29
N GLN E 16 -6.68 73.69 43.26
CA GLN E 16 -5.52 72.79 43.05
C GLN E 16 -5.98 71.32 43.03
N ALA E 17 -5.15 70.42 42.44
CA ALA E 17 -5.41 68.98 42.30
C ALA E 17 -5.74 68.27 43.62
N GLY E 18 -6.85 67.54 43.62
CA GLY E 18 -7.35 66.80 44.77
C GLY E 18 -8.38 67.55 45.60
N GLY E 19 -8.64 68.80 45.21
CA GLY E 19 -9.59 69.68 45.89
C GLY E 19 -11.04 69.45 45.54
N SER E 20 -11.93 70.32 46.07
CA SER E 20 -13.38 70.24 45.86
C SER E 20 -14.00 71.61 45.61
N LEU E 21 -15.03 71.66 44.74
CA LEU E 21 -15.75 72.89 44.38
C LEU E 21 -17.21 72.58 43.98
N ARG E 22 -18.17 73.34 44.53
CA ARG E 22 -19.60 73.21 44.23
C ARG E 22 -20.01 74.24 43.18
N LEU E 23 -20.86 73.82 42.22
CA LEU E 23 -21.34 74.67 41.15
C LEU E 23 -22.86 74.85 41.20
N SER E 24 -23.31 76.11 41.25
CA SER E 24 -24.73 76.49 41.34
C SER E 24 -25.31 76.90 39.99
N CYS E 25 -26.60 76.56 39.78
CA CYS E 25 -27.34 76.89 38.56
C CYS E 25 -28.77 77.32 38.89
N ALA E 26 -28.95 78.64 39.14
CA ALA E 26 -30.24 79.23 39.50
C ALA E 26 -31.14 79.46 38.29
N ALA E 27 -32.39 78.95 38.37
CA ALA E 27 -33.38 79.08 37.31
C ALA E 27 -34.52 80.00 37.75
N SER E 28 -34.83 81.03 36.93
CA SER E 28 -35.88 82.00 37.21
C SER E 28 -36.84 82.13 36.03
N GLY E 29 -38.15 82.07 36.32
CA GLY E 29 -39.20 82.17 35.32
C GLY E 29 -40.50 81.49 35.72
N ASN E 30 -41.34 81.18 34.73
CA ASN E 30 -42.64 80.53 34.92
C ASN E 30 -42.54 78.99 34.76
N ILE E 31 -41.62 78.37 35.53
CA ILE E 31 -41.33 76.94 35.54
C ILE E 31 -42.52 76.15 36.12
N HIS E 32 -42.98 75.13 35.37
CA HIS E 32 -44.10 74.27 35.76
C HIS E 32 -43.56 73.01 36.45
N HIS E 33 -42.74 72.21 35.74
CA HIS E 33 -42.13 70.98 36.22
C HIS E 33 -40.87 70.65 35.42
N ILE E 34 -39.73 70.55 36.11
CA ILE E 34 -38.44 70.21 35.49
C ILE E 34 -38.36 68.68 35.39
N SER E 35 -38.23 68.16 34.16
CA SER E 35 -38.13 66.72 33.89
C SER E 35 -36.69 66.24 33.70
N TYR E 36 -35.79 67.16 33.31
CA TYR E 36 -34.37 66.87 33.08
C TYR E 36 -33.46 68.00 33.56
N LEU E 37 -32.29 67.64 34.13
CA LEU E 37 -31.27 68.56 34.61
C LEU E 37 -29.91 67.99 34.20
N GLY E 38 -29.19 68.73 33.35
CA GLY E 38 -27.90 68.28 32.83
C GLY E 38 -26.77 69.29 32.88
N TRP E 39 -25.54 68.78 33.05
CA TRP E 39 -24.28 69.53 33.12
C TRP E 39 -23.31 68.99 32.07
N PHE E 40 -22.71 69.89 31.27
CA PHE E 40 -21.76 69.52 30.22
C PHE E 40 -20.55 70.45 30.19
N ARG E 41 -19.35 69.88 29.94
CA ARG E 41 -18.11 70.65 29.85
C ARG E 41 -17.65 70.81 28.39
N GLN E 42 -17.18 72.02 28.05
CA GLN E 42 -16.72 72.37 26.70
C GLN E 42 -15.31 72.94 26.76
N ALA E 43 -14.37 72.24 26.12
CA ALA E 43 -12.96 72.63 26.06
C ALA E 43 -12.79 73.82 25.05
N PRO E 44 -11.63 74.56 25.04
CA PRO E 44 -11.50 75.71 24.13
C PRO E 44 -11.84 75.48 22.65
N GLY E 45 -11.64 74.28 22.14
CA GLY E 45 -11.93 73.94 20.75
C GLY E 45 -12.81 72.73 20.51
N LYS E 46 -13.85 72.54 21.37
CA LYS E 46 -14.79 71.42 21.24
C LYS E 46 -16.26 71.89 21.19
N GLU E 47 -17.13 71.09 20.53
CA GLU E 47 -18.56 71.39 20.36
C GLU E 47 -19.35 71.21 21.67
N ARG E 48 -19.93 70.00 21.91
CA ARG E 48 -20.75 69.69 23.10
C ARG E 48 -20.44 68.28 23.65
N GLU E 49 -20.36 68.15 25.00
CA GLU E 49 -20.09 66.88 25.69
C GLU E 49 -21.22 66.48 26.67
N GLY E 50 -20.94 65.52 27.57
CA GLY E 50 -21.89 65.03 28.58
C GLY E 50 -21.21 64.58 29.85
N VAL E 51 -21.46 65.29 30.96
CA VAL E 51 -20.85 65.00 32.27
C VAL E 51 -21.82 64.32 33.25
N ALA E 52 -22.94 65.00 33.59
CA ALA E 52 -23.92 64.52 34.55
C ALA E 52 -25.35 64.82 34.13
N ALA E 53 -26.29 63.91 34.46
CA ALA E 53 -27.72 64.05 34.14
C ALA E 53 -28.62 63.54 35.26
N LEU E 54 -29.78 64.21 35.43
CA LEU E 54 -30.80 63.88 36.44
C LEU E 54 -32.18 63.80 35.80
N TRP E 55 -32.89 62.69 36.05
CA TRP E 55 -34.25 62.45 35.58
C TRP E 55 -35.15 62.42 36.81
N THR E 56 -35.89 63.51 37.04
CA THR E 56 -36.76 63.74 38.21
C THR E 56 -37.90 62.72 38.39
N LYS E 57 -38.26 61.96 37.36
CA LYS E 57 -39.33 60.96 37.43
C LYS E 57 -38.96 59.78 38.34
N ASP E 58 -37.70 59.30 38.24
CA ASP E 58 -37.19 58.16 39.02
C ASP E 58 -36.06 58.54 39.97
N GLY E 59 -35.26 59.53 39.59
CA GLY E 59 -34.13 60.02 40.39
C GLY E 59 -32.79 59.43 40.02
N ASN E 60 -32.75 58.59 38.96
CA ASN E 60 -31.52 57.94 38.48
C ASN E 60 -30.55 58.94 37.88
N THR E 61 -29.29 58.88 38.33
CA THR E 61 -28.22 59.76 37.89
C THR E 61 -27.23 59.02 37.00
N TYR E 62 -26.99 59.57 35.80
CA TYR E 62 -26.08 58.99 34.81
C TYR E 62 -24.88 59.92 34.59
N TYR E 63 -23.68 59.43 34.95
CA TYR E 63 -22.43 60.19 34.87
C TYR E 63 -21.49 59.70 33.76
N ALA E 64 -20.45 60.52 33.44
CA ALA E 64 -19.43 60.22 32.44
C ALA E 64 -18.51 59.09 32.91
N ASP E 65 -17.81 58.42 31.97
CA ASP E 65 -16.91 57.30 32.25
C ASP E 65 -15.69 57.69 33.10
N SER E 66 -15.15 58.90 32.90
CA SER E 66 -13.98 59.40 33.63
C SER E 66 -14.35 59.94 35.02
N VAL E 67 -15.59 60.41 35.19
CA VAL E 67 -16.12 60.98 36.43
C VAL E 67 -16.43 59.88 37.47
N LYS E 68 -17.42 59.00 37.16
CA LYS E 68 -17.89 57.87 37.99
C LYS E 68 -18.24 58.33 39.45
N GLY E 69 -17.35 58.03 40.40
CA GLY E 69 -17.52 58.37 41.81
C GLY E 69 -16.79 59.63 42.23
N ARG E 70 -17.07 60.74 41.53
CA ARG E 70 -16.46 62.04 41.80
C ARG E 70 -17.52 63.15 41.83
N PHE E 71 -18.25 63.35 40.72
CA PHE E 71 -19.28 64.37 40.60
C PHE E 71 -20.64 63.82 40.99
N THR E 72 -21.45 64.66 41.65
CA THR E 72 -22.80 64.33 42.10
C THR E 72 -23.78 65.45 41.74
N VAL E 73 -24.76 65.14 40.87
CA VAL E 73 -25.79 66.08 40.41
C VAL E 73 -27.05 66.01 41.31
N SER E 74 -27.58 67.20 41.69
CA SER E 74 -28.77 67.35 42.55
C SER E 74 -29.60 68.57 42.15
N LEU E 75 -30.86 68.65 42.64
CA LEU E 75 -31.78 69.75 42.35
C LEU E 75 -32.65 70.10 43.56
N ASP E 76 -32.74 71.40 43.89
CA ASP E 76 -33.57 71.91 44.99
C ASP E 76 -34.91 72.36 44.40
N ASN E 77 -36.02 71.75 44.87
CA ASN E 77 -37.38 72.03 44.39
C ASN E 77 -37.90 73.40 44.79
N ALA E 78 -37.81 73.76 46.09
CA ALA E 78 -38.29 75.05 46.61
C ALA E 78 -37.43 76.23 46.15
N LYS E 79 -36.10 76.05 46.08
CA LYS E 79 -35.15 77.09 45.68
C LYS E 79 -35.02 77.25 44.15
N ASN E 80 -35.47 76.23 43.37
CA ASN E 80 -35.43 76.18 41.89
C ASN E 80 -34.00 76.38 41.36
N THR E 81 -33.03 75.64 41.96
CA THR E 81 -31.60 75.73 41.66
C THR E 81 -30.97 74.32 41.52
N GLY E 82 -30.26 74.11 40.41
CA GLY E 82 -29.54 72.87 40.14
C GLY E 82 -28.12 72.93 40.65
N TYR E 83 -27.63 71.82 41.21
CA TYR E 83 -26.29 71.72 41.80
C TYR E 83 -25.45 70.55 41.26
N LEU E 84 -24.12 70.71 41.29
CA LEU E 84 -23.14 69.70 40.89
C LEU E 84 -21.89 69.78 41.77
N GLN E 85 -21.72 68.81 42.66
CA GLN E 85 -20.58 68.73 43.59
C GLN E 85 -19.43 67.99 42.95
N MET E 86 -18.28 68.68 42.82
CA MET E 86 -17.05 68.13 42.24
C MET E 86 -16.08 67.79 43.38
N ASN E 87 -15.62 66.54 43.45
CA ASN E 87 -14.70 66.07 44.50
C ASN E 87 -13.45 65.43 43.91
N SER E 88 -12.29 65.62 44.59
CA SER E 88 -10.96 65.11 44.21
C SER E 88 -10.62 65.44 42.73
N LEU E 89 -10.78 66.73 42.37
CA LEU E 89 -10.58 67.27 41.03
C LEU E 89 -9.17 67.07 40.46
N LYS E 90 -9.10 66.48 39.26
CA LYS E 90 -7.84 66.25 38.53
C LYS E 90 -7.65 67.31 37.44
N PRO E 91 -6.40 67.75 37.11
CA PRO E 91 -6.22 68.82 36.11
C PRO E 91 -6.72 68.56 34.68
N GLU E 92 -7.12 67.31 34.39
CA GLU E 92 -7.62 66.87 33.07
C GLU E 92 -9.00 67.47 32.73
N ASP E 93 -9.81 67.83 33.74
CA ASP E 93 -11.16 68.37 33.53
C ASP E 93 -11.23 69.90 33.64
N THR E 94 -10.21 70.60 33.10
CA THR E 94 -10.14 72.06 33.06
C THR E 94 -10.90 72.53 31.81
N ALA E 95 -12.20 72.88 31.98
CA ALA E 95 -13.07 73.31 30.88
C ALA E 95 -14.20 74.26 31.32
N LEU E 96 -14.95 74.81 30.34
CA LEU E 96 -16.09 75.70 30.54
C LEU E 96 -17.33 74.82 30.80
N TYR E 97 -17.99 74.99 31.97
CA TYR E 97 -19.16 74.20 32.35
C TYR E 97 -20.48 74.93 32.08
N TYR E 98 -21.46 74.20 31.49
CA TYR E 98 -22.79 74.72 31.13
C TYR E 98 -23.95 73.96 31.80
N CYS E 99 -25.15 74.57 31.81
CA CYS E 99 -26.38 74.01 32.39
C CYS E 99 -27.51 73.90 31.37
N ALA E 100 -28.31 72.83 31.48
CA ALA E 100 -29.46 72.59 30.60
C ALA E 100 -30.62 72.00 31.38
N ALA E 101 -31.83 72.53 31.16
CA ALA E 101 -33.05 72.08 31.84
C ALA E 101 -34.25 71.97 30.90
N ALA E 102 -35.04 70.90 31.05
CA ALA E 102 -36.24 70.63 30.25
C ALA E 102 -37.49 70.78 31.08
N ASP E 103 -38.42 71.67 30.65
CA ASP E 103 -39.66 71.95 31.36
C ASP E 103 -40.89 71.47 30.58
N THR E 104 -41.89 70.93 31.30
CA THR E 104 -43.15 70.46 30.74
C THR E 104 -44.32 71.26 31.31
N GLY E 105 -44.99 72.00 30.43
CA GLY E 105 -46.12 72.86 30.78
C GLY E 105 -47.47 72.17 30.78
N SER E 106 -48.50 72.89 31.29
CA SER E 106 -49.88 72.41 31.40
C SER E 106 -50.53 72.26 30.02
N ASP E 107 -50.98 71.03 29.70
CA ASP E 107 -51.62 70.61 28.45
C ASP E 107 -50.77 70.93 27.21
N THR E 108 -49.85 70.02 26.87
CA THR E 108 -48.94 70.15 25.73
C THR E 108 -49.54 69.38 24.53
N PRO E 109 -49.46 69.91 23.27
CA PRO E 109 -50.05 69.19 22.12
C PRO E 109 -49.60 67.75 21.92
N LEU E 110 -50.47 66.95 21.25
CA LEU E 110 -50.32 65.52 20.95
C LEU E 110 -48.93 65.12 20.42
N TRP E 111 -48.37 65.91 19.49
CA TRP E 111 -47.05 65.66 18.90
C TRP E 111 -46.03 66.76 19.18
N ASP E 112 -46.48 68.04 19.22
CA ASP E 112 -45.62 69.19 19.48
C ASP E 112 -45.09 69.22 20.91
N TRP E 113 -43.76 69.29 21.06
CA TRP E 113 -43.07 69.30 22.36
C TRP E 113 -43.15 70.67 23.04
N VAL E 114 -42.75 70.73 24.34
CA VAL E 114 -42.80 71.95 25.16
C VAL E 114 -41.59 72.87 24.91
N TYR E 115 -40.79 73.18 25.96
CA TYR E 115 -39.64 74.09 25.90
C TYR E 115 -38.32 73.44 26.35
N TRP E 116 -37.19 74.14 26.09
CA TRP E 116 -35.83 73.78 26.46
C TRP E 116 -35.07 75.05 26.83
N TYR E 117 -34.27 74.99 27.92
CA TYR E 117 -33.51 76.16 28.40
C TYR E 117 -32.05 75.85 28.70
N TRP E 118 -31.16 76.81 28.37
CA TRP E 118 -29.71 76.74 28.56
C TRP E 118 -29.21 77.74 29.62
N GLY E 119 -27.97 77.54 30.08
CA GLY E 119 -27.33 78.38 31.08
C GLY E 119 -26.41 79.45 30.49
N GLN E 120 -25.69 80.17 31.38
CA GLN E 120 -24.77 81.25 31.01
C GLN E 120 -23.40 80.68 30.62
N GLY E 121 -22.72 80.06 31.57
CA GLY E 121 -21.39 79.46 31.38
C GLY E 121 -20.34 80.07 32.29
N THR E 122 -19.66 79.21 33.08
CA THR E 122 -18.61 79.62 34.02
C THR E 122 -17.40 78.68 33.92
N GLN E 123 -16.19 79.27 33.79
CA GLN E 123 -14.91 78.56 33.68
C GLN E 123 -14.48 77.98 35.02
N VAL E 124 -14.11 76.68 35.02
CA VAL E 124 -13.62 75.96 36.19
C VAL E 124 -12.20 75.47 35.87
N THR E 125 -11.19 76.13 36.48
CA THR E 125 -9.78 75.83 36.27
C THR E 125 -9.20 74.96 37.38
N VAL E 126 -8.55 73.85 37.00
CA VAL E 126 -7.93 72.92 37.95
C VAL E 126 -6.51 72.56 37.47
N SER E 127 -5.52 72.73 38.36
CA SER E 127 -4.11 72.48 38.07
C SER E 127 -3.46 71.60 39.14
N GLN F 4 16.63 41.60 50.10
CA GLN F 4 17.64 42.65 50.24
C GLN F 4 18.63 42.35 51.38
N VAL F 5 19.73 41.67 51.04
CA VAL F 5 20.79 41.28 51.98
C VAL F 5 22.14 41.87 51.53
N GLN F 6 22.87 42.53 52.46
CA GLN F 6 24.18 43.14 52.20
C GLN F 6 25.23 42.63 53.20
N LEU F 7 26.47 42.42 52.71
CA LEU F 7 27.59 41.92 53.52
C LEU F 7 28.72 42.95 53.63
N VAL F 8 29.06 43.31 54.88
CA VAL F 8 30.10 44.30 55.22
C VAL F 8 31.38 43.57 55.65
N GLU F 9 32.53 43.97 55.07
CA GLU F 9 33.84 43.38 55.38
C GLU F 9 34.71 44.31 56.22
N SER F 10 35.31 43.77 57.31
CA SER F 10 36.16 44.52 58.24
C SER F 10 37.20 43.63 58.92
N GLY F 11 38.36 44.22 59.25
CA GLY F 11 39.45 43.55 59.94
C GLY F 11 40.62 43.14 59.06
N GLY F 12 41.14 44.09 58.29
CA GLY F 12 42.26 43.87 57.39
C GLY F 12 43.30 44.96 57.43
N GLY F 13 44.46 44.65 58.03
CA GLY F 13 45.57 45.59 58.16
C GLY F 13 46.94 44.95 58.03
N SER F 14 47.99 45.78 58.24
CA SER F 14 49.40 45.34 58.15
C SER F 14 49.87 44.61 59.41
N VAL F 15 50.21 43.32 59.26
CA VAL F 15 50.70 42.44 60.34
C VAL F 15 52.04 41.83 59.90
N GLN F 16 53.05 41.84 60.80
CA GLN F 16 54.37 41.26 60.52
C GLN F 16 54.30 39.72 60.57
N ALA F 17 55.28 39.03 59.94
CA ALA F 17 55.39 37.56 59.85
C ALA F 17 55.35 36.86 61.21
N GLY F 18 54.47 35.87 61.32
CA GLY F 18 54.27 35.08 62.54
C GLY F 18 53.15 35.59 63.43
N GLY F 19 52.54 36.71 63.03
CA GLY F 19 51.46 37.36 63.76
C GLY F 19 50.09 36.75 63.54
N SER F 20 49.05 37.39 64.12
CA SER F 20 47.66 36.94 64.04
C SER F 20 46.69 38.11 63.82
N LEU F 21 45.63 37.88 63.02
CA LEU F 21 44.60 38.88 62.71
C LEU F 21 43.27 38.18 62.38
N ARG F 22 42.14 38.67 62.96
CA ARG F 22 40.81 38.10 62.73
C ARG F 22 39.99 38.89 61.70
N LEU F 23 39.31 38.17 60.80
CA LEU F 23 38.46 38.76 59.75
C LEU F 23 36.98 38.71 60.15
N SER F 24 36.29 39.86 60.03
CA SER F 24 34.86 39.99 60.36
C SER F 24 34.03 40.23 59.11
N CYS F 25 32.91 39.50 58.98
CA CYS F 25 31.99 39.60 57.85
C CYS F 25 30.54 39.69 58.33
N ALA F 26 30.08 40.93 58.57
CA ALA F 26 28.73 41.22 59.06
C ALA F 26 27.69 41.18 57.95
N ALA F 27 26.61 40.40 58.16
CA ALA F 27 25.51 40.25 57.19
C ALA F 27 24.24 40.88 57.73
N SER F 28 23.62 41.77 56.94
CA SER F 28 22.39 42.47 57.31
C SER F 28 21.32 42.33 56.22
N GLY F 29 20.11 41.96 56.64
CA GLY F 29 18.97 41.77 55.75
C GLY F 29 17.94 40.80 56.27
N ASN F 30 17.09 40.27 55.36
CA ASN F 30 16.03 39.32 55.68
C ASN F 30 16.49 37.85 55.51
N ILE F 31 17.61 37.50 56.16
CA ILE F 31 18.24 36.18 56.16
C ILE F 31 17.35 35.14 56.85
N HIS F 32 17.09 34.01 56.17
CA HIS F 32 16.26 32.92 56.68
C HIS F 32 17.13 31.86 57.36
N HIS F 33 18.06 31.26 56.58
CA HIS F 33 18.98 30.23 57.05
C HIS F 33 20.21 30.16 56.13
N ILE F 34 21.41 30.36 56.71
CA ILE F 34 22.67 30.30 55.97
C ILE F 34 23.13 28.84 55.93
N SER F 35 23.26 28.28 54.72
CA SER F 35 23.67 26.90 54.49
C SER F 35 25.15 26.78 54.16
N TYR F 36 25.77 27.88 53.67
CA TYR F 36 27.18 27.94 53.30
C TYR F 36 27.83 29.28 53.67
N LEU F 37 29.10 29.23 54.13
CA LEU F 37 29.90 30.40 54.49
C LEU F 37 31.32 30.15 53.95
N GLY F 38 31.76 30.98 53.01
CA GLY F 38 33.06 30.84 52.39
C GLY F 38 33.93 32.07 52.35
N TRP F 39 35.25 31.87 52.30
CA TRP F 39 36.28 32.92 52.23
C TRP F 39 37.20 32.71 51.02
N PHE F 40 37.43 33.78 50.24
CA PHE F 40 38.27 33.74 49.03
C PHE F 40 39.27 34.90 48.97
N ARG F 41 40.45 34.66 48.34
CA ARG F 41 41.49 35.69 48.18
C ARG F 41 41.80 36.00 46.70
N GLN F 42 42.10 37.27 46.40
CA GLN F 42 42.40 37.75 45.05
C GLN F 42 43.72 38.55 45.01
N ALA F 43 44.70 38.05 44.22
CA ALA F 43 46.02 38.67 44.04
C ALA F 43 46.03 39.54 42.75
N PRO F 44 46.92 40.57 42.62
CA PRO F 44 46.92 41.39 41.40
C PRO F 44 47.16 40.60 40.11
N GLY F 45 46.10 40.50 39.31
CA GLY F 45 46.11 39.76 38.05
C GLY F 45 45.54 38.36 38.18
N LYS F 46 45.77 37.72 39.35
CA LYS F 46 45.30 36.37 39.66
C LYS F 46 43.82 36.36 40.07
N GLU F 47 43.10 35.29 39.69
CA GLU F 47 41.68 35.09 39.99
C GLU F 47 41.46 34.66 41.45
N ARG F 48 40.18 34.53 41.88
CA ARG F 48 39.81 34.11 43.24
C ARG F 48 40.20 32.65 43.51
N GLU F 49 40.61 32.36 44.75
CA GLU F 49 41.04 31.03 45.19
C GLU F 49 40.28 30.59 46.44
N GLY F 50 39.91 29.31 46.48
CA GLY F 50 39.21 28.69 47.61
C GLY F 50 40.12 28.56 48.81
N VAL F 51 39.79 29.28 49.90
CA VAL F 51 40.59 29.28 51.13
C VAL F 51 39.93 28.49 52.27
N ALA F 52 38.72 28.89 52.69
CA ALA F 52 37.98 28.24 53.78
C ALA F 52 36.48 28.18 53.50
N ALA F 53 35.84 27.09 53.94
CA ALA F 53 34.40 26.86 53.76
C ALA F 53 33.74 26.20 54.98
N LEU F 54 32.48 26.57 55.25
CA LEU F 54 31.68 26.04 56.35
C LEU F 54 30.30 25.61 55.86
N TRP F 55 29.91 24.37 56.20
CA TRP F 55 28.61 23.80 55.86
C TRP F 55 27.86 23.59 57.18
N THR F 56 26.89 24.49 57.46
CA THR F 56 26.11 24.55 58.70
C THR F 56 25.27 23.29 59.02
N LYS F 57 25.02 22.41 58.04
CA LYS F 57 24.24 21.19 58.25
C LYS F 57 24.98 20.17 59.13
N ASP F 58 26.30 20.01 58.92
CA ASP F 58 27.14 19.06 59.66
C ASP F 58 28.23 19.75 60.49
N GLY F 59 28.73 20.89 60.02
CA GLY F 59 29.76 21.66 60.68
C GLY F 59 31.16 21.40 60.19
N ASN F 60 31.31 20.56 59.16
CA ASN F 60 32.61 20.21 58.58
C ASN F 60 33.25 21.39 57.86
N THR F 61 34.52 21.64 58.19
CA THR F 61 35.31 22.75 57.62
C THR F 61 36.35 22.22 56.65
N TYR F 62 36.34 22.76 55.42
CA TYR F 62 37.28 22.39 54.37
C TYR F 62 38.18 23.55 54.01
N TYR F 63 39.50 23.39 54.27
CA TYR F 63 40.51 24.43 54.04
C TYR F 63 41.44 24.11 52.87
N ALA F 64 42.20 25.14 52.43
CA ALA F 64 43.18 25.04 51.35
C ALA F 64 44.42 24.29 51.86
N ASP F 65 45.20 23.71 50.93
CA ASP F 65 46.41 22.94 51.23
C ASP F 65 47.53 23.77 51.87
N SER F 66 47.63 25.07 51.50
CA SER F 66 48.66 25.99 52.00
C SER F 66 48.35 26.55 53.40
N VAL F 67 47.05 26.79 53.71
CA VAL F 67 46.64 27.35 54.99
C VAL F 67 46.75 26.31 56.13
N LYS F 68 46.33 25.04 55.89
CA LYS F 68 46.35 23.91 56.84
C LYS F 68 45.74 24.29 58.21
N GLY F 69 46.54 24.13 59.28
CA GLY F 69 46.13 24.44 60.64
C GLY F 69 46.57 25.82 61.10
N ARG F 70 46.30 26.84 60.27
CA ARG F 70 46.63 28.25 60.53
C ARG F 70 45.41 29.16 60.35
N PHE F 71 44.38 28.68 59.64
CA PHE F 71 43.13 29.40 59.37
C PHE F 71 41.94 28.62 59.90
N THR F 72 40.99 29.30 60.58
CA THR F 72 39.80 28.69 61.16
C THR F 72 38.54 29.51 60.89
N VAL F 73 37.59 28.94 60.13
CA VAL F 73 36.32 29.58 59.75
C VAL F 73 35.21 29.25 60.79
N SER F 74 34.43 30.28 61.18
CA SER F 74 33.33 30.18 62.14
C SER F 74 32.18 31.15 61.80
N LEU F 75 31.00 30.92 62.39
CA LEU F 75 29.82 31.76 62.17
C LEU F 75 28.97 31.93 63.44
N ASP F 76 28.60 33.18 63.76
CA ASP F 76 27.76 33.50 64.93
C ASP F 76 26.31 33.59 64.46
N ASN F 77 25.43 32.73 65.02
CA ASN F 77 24.02 32.65 64.66
C ASN F 77 23.19 33.87 65.09
N ALA F 78 23.29 34.27 66.37
CA ALA F 78 22.55 35.40 66.93
C ALA F 78 23.05 36.75 66.39
N LYS F 79 24.37 36.91 66.21
CA LYS F 79 25.01 38.14 65.72
C LYS F 79 24.97 38.29 64.19
N ASN F 80 24.72 37.18 63.45
CA ASN F 80 24.65 37.08 61.98
C ASN F 80 25.93 37.63 61.32
N THR F 81 27.10 37.15 61.79
CA THR F 81 28.40 37.57 61.27
C THR F 81 29.39 36.40 61.19
N GLY F 82 30.02 36.28 60.02
CA GLY F 82 31.00 35.25 59.72
C GLY F 82 32.41 35.67 60.08
N TYR F 83 33.20 34.73 60.63
CA TYR F 83 34.57 34.99 61.08
C TYR F 83 35.60 34.04 60.49
N LEU F 84 36.85 34.53 60.40
CA LEU F 84 38.02 33.76 59.92
C LEU F 84 39.26 34.21 60.70
N GLN F 85 39.76 33.30 61.56
CA GLN F 85 40.92 33.55 62.39
C GLN F 85 42.20 33.11 61.67
N MET F 86 43.12 34.06 61.44
CA MET F 86 44.40 33.81 60.78
C MET F 86 45.49 33.79 61.85
N ASN F 87 46.27 32.69 61.91
CA ASN F 87 47.34 32.52 62.90
C ASN F 87 48.67 32.18 62.22
N SER F 88 49.80 32.69 62.80
CA SER F 88 51.18 32.52 62.32
C SER F 88 51.30 32.85 60.81
N LEU F 89 50.79 34.04 60.44
CA LEU F 89 50.74 34.56 59.07
C LEU F 89 52.10 34.69 58.39
N LYS F 90 52.22 34.09 57.20
CA LYS F 90 53.41 34.08 56.35
C LYS F 90 53.23 35.18 55.27
N PRO F 91 54.31 35.90 54.83
CA PRO F 91 54.12 36.94 53.79
C PRO F 91 53.55 36.45 52.44
N GLU F 92 53.43 35.12 52.25
CA GLU F 92 52.91 34.49 51.04
C GLU F 92 51.40 34.70 50.83
N ASP F 93 50.63 34.91 51.92
CA ASP F 93 49.17 35.12 51.88
C ASP F 93 48.75 36.61 51.90
N THR F 94 49.50 37.47 51.18
CA THR F 94 49.22 38.91 51.07
C THR F 94 48.25 39.10 49.89
N ALA F 95 46.95 39.14 50.18
CA ALA F 95 45.90 39.29 49.15
C ALA F 95 44.64 40.00 49.66
N LEU F 96 43.74 40.37 48.72
CA LEU F 96 42.46 41.02 48.99
C LEU F 96 41.43 39.92 49.28
N TYR F 97 40.92 39.87 50.52
CA TYR F 97 39.98 38.84 50.96
C TYR F 97 38.51 39.23 50.78
N TYR F 98 37.67 38.22 50.50
CA TYR F 98 36.23 38.33 50.28
C TYR F 98 35.46 37.24 51.05
N CYS F 99 34.23 37.56 51.49
CA CYS F 99 33.36 36.60 52.17
C CYS F 99 32.07 36.37 51.39
N ALA F 100 31.70 35.10 51.20
CA ALA F 100 30.50 34.68 50.47
C ALA F 100 29.58 33.86 51.33
N ALA F 101 28.26 34.05 51.16
CA ALA F 101 27.24 33.33 51.92
C ALA F 101 26.02 32.96 51.08
N ALA F 102 25.57 31.70 51.21
CA ALA F 102 24.42 31.16 50.51
C ALA F 102 23.22 31.08 51.47
N ASP F 103 22.06 31.59 51.02
CA ASP F 103 20.84 31.60 51.83
C ASP F 103 19.69 30.87 51.15
N THR F 104 19.01 30.01 51.91
CA THR F 104 17.83 29.26 51.48
C THR F 104 16.62 29.76 52.29
N GLY F 105 15.65 30.33 51.58
CA GLY F 105 14.45 30.92 52.16
C GLY F 105 13.46 29.93 52.76
N SER F 106 12.29 30.45 53.18
CA SER F 106 11.21 29.63 53.74
C SER F 106 10.59 28.81 52.61
N ASP F 107 10.59 27.45 52.77
CA ASP F 107 10.11 26.44 51.81
C ASP F 107 10.57 26.74 50.36
N THR F 108 11.90 26.85 50.18
CA THR F 108 12.57 27.15 48.91
C THR F 108 12.23 26.10 47.83
N PRO F 109 11.67 26.52 46.67
CA PRO F 109 11.36 25.54 45.62
C PRO F 109 12.59 25.13 44.81
N LEU F 110 12.61 23.88 44.34
CA LEU F 110 13.70 23.31 43.55
C LEU F 110 13.84 23.94 42.14
N TRP F 111 12.75 24.56 41.63
CA TRP F 111 12.70 25.24 40.33
C TRP F 111 13.58 26.50 40.33
N ASP F 112 13.43 27.36 41.37
CA ASP F 112 14.20 28.59 41.50
C ASP F 112 15.51 28.38 42.24
N TRP F 113 16.57 29.04 41.74
CA TRP F 113 17.93 28.96 42.28
C TRP F 113 18.08 29.63 43.65
N VAL F 114 18.96 29.09 44.50
CA VAL F 114 19.24 29.61 45.84
C VAL F 114 19.95 30.96 45.78
N TYR F 115 19.46 31.93 46.57
CA TYR F 115 19.98 33.30 46.63
C TYR F 115 21.34 33.39 47.34
N TRP F 116 22.38 33.68 46.52
CA TRP F 116 23.78 33.83 46.93
C TRP F 116 24.09 35.32 47.11
N TYR F 117 24.88 35.66 48.14
CA TYR F 117 25.26 37.04 48.45
C TYR F 117 26.78 37.19 48.68
N TRP F 118 27.37 38.25 48.11
CA TRP F 118 28.81 38.56 48.20
C TRP F 118 29.11 39.71 49.17
N GLY F 119 30.38 39.82 49.57
CA GLY F 119 30.87 40.84 50.49
C GLY F 119 31.23 42.16 49.82
N GLN F 120 32.32 42.79 50.29
CA GLN F 120 32.81 44.07 49.77
C GLN F 120 34.27 43.95 49.31
N GLY F 121 35.14 43.49 50.21
CA GLY F 121 36.57 43.32 49.95
C GLY F 121 37.42 44.09 50.94
N THR F 122 38.32 43.38 51.64
CA THR F 122 39.23 43.97 52.63
C THR F 122 40.67 43.48 52.38
N GLN F 123 41.59 44.43 52.17
CA GLN F 123 43.00 44.14 51.90
C GLN F 123 43.77 43.78 53.16
N VAL F 124 44.43 42.62 53.12
CA VAL F 124 45.25 42.08 54.20
C VAL F 124 46.71 42.05 53.73
N THR F 125 47.58 42.81 54.40
CA THR F 125 49.00 42.87 54.06
C THR F 125 49.86 42.21 55.12
N VAL F 126 50.70 41.25 54.70
CA VAL F 126 51.61 40.48 55.57
C VAL F 126 53.05 40.58 55.00
N SER F 127 54.02 40.97 55.84
CA SER F 127 55.43 41.08 55.43
C SER F 127 56.36 40.45 56.46
#